data_2VAC
# 
_entry.id   2VAC 
# 
_audit_conform.dict_name       mmcif_pdbx.dic 
_audit_conform.dict_version    5.382 
_audit_conform.dict_location   http://mmcif.pdb.org/dictionaries/ascii/mmcif_pdbx.dic 
# 
loop_
_database_2.database_id 
_database_2.database_code 
_database_2.pdbx_database_accession 
_database_2.pdbx_DOI 
PDB   2VAC         pdb_00002vac 10.2210/pdb2vac/pdb 
PDBE  EBI-33648    ?            ?                   
WWPDB D_1290033648 ?            ?                   
# 
_pdbx_database_status.status_code                     REL 
_pdbx_database_status.entry_id                        2VAC 
_pdbx_database_status.deposit_site                    PDBE 
_pdbx_database_status.process_site                    PDBE 
_pdbx_database_status.SG_entry                        . 
_pdbx_database_status.recvd_initial_deposition_date   2007-08-30 
_pdbx_database_status.pdb_format_compatible           Y 
_pdbx_database_status.status_code_sf                  REL 
_pdbx_database_status.status_code_mr                  ? 
_pdbx_database_status.status_code_cs                  ? 
_pdbx_database_status.methods_development_category    ? 
_pdbx_database_status.status_code_nmr_data            ? 
# 
loop_
_audit_author.name 
_audit_author.pdbx_ordinal 
'Elkins, J.M.'     1  
'Pike, A.C.W.'     2  
'King, O.'         3  
'Salah, E.'        4  
'Savitsky, P.'     5  
'von Delft, F.'    6  
'Weigelt, J.'      7  
'Edwards, A.'      8  
'Arrowsmith, C.H.' 9  
'Sundstrom, M.'    10 
'Knapp, S.'        11 
# 
_citation.id                        primary 
_citation.title                     
'Crystal Structure of N-Terminal Actin Depolymerizing Factor Homology (Adf-H) Domain of Human Twinfilin-2' 
_citation.journal_abbrev            'To be Published' 
_citation.journal_volume            ? 
_citation.page_first                ? 
_citation.page_last                 ? 
_citation.year                      ? 
_citation.journal_id_ASTM           ? 
_citation.country                   ? 
_citation.journal_id_ISSN           ? 
_citation.journal_id_CSD            0353 
_citation.book_publisher            ? 
_citation.pdbx_database_id_PubMed   ? 
_citation.pdbx_database_id_DOI      ? 
# 
loop_
_citation_author.citation_id 
_citation_author.name 
_citation_author.ordinal 
_citation_author.identifier_ORCID 
primary 'Elkins, J.M.'     1  ? 
primary 'Pike, A.C.W.'     2  ? 
primary 'King, O.'         3  ? 
primary 'Salah, E.'        4  ? 
primary 'Savitsky, P.'     5  ? 
primary 'von Delft, F.'    6  ? 
primary 'Weigelt, J.'      7  ? 
primary 'Edwards, A.'      8  ? 
primary 'Arrowsmith, C.H.' 9  ? 
primary 'Sundstrom, M.'    10 ? 
primary 'Knapp, S.'        11 ? 
# 
_cell.entry_id           2VAC 
_cell.length_a           35.817 
_cell.length_b           48.560 
_cell.length_c           70.127 
_cell.angle_alpha        90.00 
_cell.angle_beta         90.00 
_cell.angle_gamma        90.00 
_cell.Z_PDB              4 
_cell.pdbx_unique_axis   ? 
# 
_symmetry.entry_id                         2VAC 
_symmetry.space_group_name_H-M             'P 21 21 21' 
_symmetry.pdbx_full_space_group_name_H-M   ? 
_symmetry.cell_setting                     ? 
_symmetry.Int_Tables_number                19 
# 
loop_
_entity.id 
_entity.type 
_entity.src_method 
_entity.pdbx_description 
_entity.formula_weight 
_entity.pdbx_number_of_molecules 
_entity.pdbx_ec 
_entity.pdbx_mutation 
_entity.pdbx_fragment 
_entity.details 
1 polymer     man TWINFILIN-2    15181.217 1   ? ? 'ACTIN DEPOLYMERIZING FACTOR HOMOLOGY (ADF-H) DOMAIN 1, RESIDUES 6-137' ? 
2 non-polymer syn 'ZINC ION'     65.409    3   ? ? ?                                                                       ? 
3 non-polymer syn 1,2-ETHANEDIOL 62.068    1   ? ? ?                                                                       ? 
4 water       nat water          18.015    161 ? ? ?                                                                       ? 
# 
_entity_name_com.entity_id   1 
_entity_name_com.name        'TWINFILIN-1-LIKE PROTEIN, A6-RELATED PROTEIN, HA6RP, PROTEIN TYROSINE KINASE 9-LIKE' 
# 
_entity_poly.entity_id                      1 
_entity_poly.type                           'polypeptide(L)' 
_entity_poly.nstd_linkage                   no 
_entity_poly.nstd_monomer                   no 
_entity_poly.pdbx_seq_one_letter_code       
;SMGIHATEELKEFFAKARAGSVRLIKVVIEDEQLVLGASQEPVGRWDQDYDRAVLPLLDAQQPCYLLYRLDSQNAQGFEW
LFLAWSPDNSPVRLKMLYAATRATVKKEFGGGHIKDELFGTVKDDLSFAGYQKH
;
_entity_poly.pdbx_seq_one_letter_code_can   
;SMGIHATEELKEFFAKARAGSVRLIKVVIEDEQLVLGASQEPVGRWDQDYDRAVLPLLDAQQPCYLLYRLDSQNAQGFEW
LFLAWSPDNSPVRLKMLYAATRATVKKEFGGGHIKDELFGTVKDDLSFAGYQKH
;
_entity_poly.pdbx_strand_id                 A 
_entity_poly.pdbx_target_identifier         ? 
# 
loop_
_entity_poly_seq.entity_id 
_entity_poly_seq.num 
_entity_poly_seq.mon_id 
_entity_poly_seq.hetero 
1 1   SER n 
1 2   MET n 
1 3   GLY n 
1 4   ILE n 
1 5   HIS n 
1 6   ALA n 
1 7   THR n 
1 8   GLU n 
1 9   GLU n 
1 10  LEU n 
1 11  LYS n 
1 12  GLU n 
1 13  PHE n 
1 14  PHE n 
1 15  ALA n 
1 16  LYS n 
1 17  ALA n 
1 18  ARG n 
1 19  ALA n 
1 20  GLY n 
1 21  SER n 
1 22  VAL n 
1 23  ARG n 
1 24  LEU n 
1 25  ILE n 
1 26  LYS n 
1 27  VAL n 
1 28  VAL n 
1 29  ILE n 
1 30  GLU n 
1 31  ASP n 
1 32  GLU n 
1 33  GLN n 
1 34  LEU n 
1 35  VAL n 
1 36  LEU n 
1 37  GLY n 
1 38  ALA n 
1 39  SER n 
1 40  GLN n 
1 41  GLU n 
1 42  PRO n 
1 43  VAL n 
1 44  GLY n 
1 45  ARG n 
1 46  TRP n 
1 47  ASP n 
1 48  GLN n 
1 49  ASP n 
1 50  TYR n 
1 51  ASP n 
1 52  ARG n 
1 53  ALA n 
1 54  VAL n 
1 55  LEU n 
1 56  PRO n 
1 57  LEU n 
1 58  LEU n 
1 59  ASP n 
1 60  ALA n 
1 61  GLN n 
1 62  GLN n 
1 63  PRO n 
1 64  CYS n 
1 65  TYR n 
1 66  LEU n 
1 67  LEU n 
1 68  TYR n 
1 69  ARG n 
1 70  LEU n 
1 71  ASP n 
1 72  SER n 
1 73  GLN n 
1 74  ASN n 
1 75  ALA n 
1 76  GLN n 
1 77  GLY n 
1 78  PHE n 
1 79  GLU n 
1 80  TRP n 
1 81  LEU n 
1 82  PHE n 
1 83  LEU n 
1 84  ALA n 
1 85  TRP n 
1 86  SER n 
1 87  PRO n 
1 88  ASP n 
1 89  ASN n 
1 90  SER n 
1 91  PRO n 
1 92  VAL n 
1 93  ARG n 
1 94  LEU n 
1 95  LYS n 
1 96  MET n 
1 97  LEU n 
1 98  TYR n 
1 99  ALA n 
1 100 ALA n 
1 101 THR n 
1 102 ARG n 
1 103 ALA n 
1 104 THR n 
1 105 VAL n 
1 106 LYS n 
1 107 LYS n 
1 108 GLU n 
1 109 PHE n 
1 110 GLY n 
1 111 GLY n 
1 112 GLY n 
1 113 HIS n 
1 114 ILE n 
1 115 LYS n 
1 116 ASP n 
1 117 GLU n 
1 118 LEU n 
1 119 PHE n 
1 120 GLY n 
1 121 THR n 
1 122 VAL n 
1 123 LYS n 
1 124 ASP n 
1 125 ASP n 
1 126 LEU n 
1 127 SER n 
1 128 PHE n 
1 129 ALA n 
1 130 GLY n 
1 131 TYR n 
1 132 GLN n 
1 133 LYS n 
1 134 HIS n 
# 
_entity_src_gen.entity_id                          1 
_entity_src_gen.pdbx_src_id                        1 
_entity_src_gen.pdbx_alt_source_flag               sample 
_entity_src_gen.pdbx_seq_type                      ? 
_entity_src_gen.pdbx_beg_seq_num                   ? 
_entity_src_gen.pdbx_end_seq_num                   ? 
_entity_src_gen.gene_src_common_name               HUMAN 
_entity_src_gen.gene_src_genus                     ? 
_entity_src_gen.pdbx_gene_src_gene                 ? 
_entity_src_gen.gene_src_species                   ? 
_entity_src_gen.gene_src_strain                    ? 
_entity_src_gen.gene_src_tissue                    ? 
_entity_src_gen.gene_src_tissue_fraction           ? 
_entity_src_gen.gene_src_details                   ? 
_entity_src_gen.pdbx_gene_src_fragment             ? 
_entity_src_gen.pdbx_gene_src_scientific_name      'HOMO SAPIENS' 
_entity_src_gen.pdbx_gene_src_ncbi_taxonomy_id     9606 
_entity_src_gen.pdbx_gene_src_variant              ? 
_entity_src_gen.pdbx_gene_src_cell_line            ? 
_entity_src_gen.pdbx_gene_src_atcc                 ? 
_entity_src_gen.pdbx_gene_src_organ                ? 
_entity_src_gen.pdbx_gene_src_organelle            ? 
_entity_src_gen.pdbx_gene_src_cell                 ? 
_entity_src_gen.pdbx_gene_src_cellular_location    ? 
_entity_src_gen.host_org_common_name               ? 
_entity_src_gen.pdbx_host_org_scientific_name      'ESCHERICHIA COLI' 
_entity_src_gen.pdbx_host_org_ncbi_taxonomy_id     469008 
_entity_src_gen.host_org_genus                     ? 
_entity_src_gen.pdbx_host_org_gene                 ? 
_entity_src_gen.pdbx_host_org_organ                ? 
_entity_src_gen.host_org_species                   ? 
_entity_src_gen.pdbx_host_org_tissue               ? 
_entity_src_gen.pdbx_host_org_tissue_fraction      ? 
_entity_src_gen.pdbx_host_org_strain               'BL21(DE3)' 
_entity_src_gen.pdbx_host_org_variant              R3-PRARE2 
_entity_src_gen.pdbx_host_org_cell_line            ? 
_entity_src_gen.pdbx_host_org_atcc                 ? 
_entity_src_gen.pdbx_host_org_culture_collection   ? 
_entity_src_gen.pdbx_host_org_cell                 ? 
_entity_src_gen.pdbx_host_org_organelle            ? 
_entity_src_gen.pdbx_host_org_cellular_location    ? 
_entity_src_gen.pdbx_host_org_vector_type          ? 
_entity_src_gen.pdbx_host_org_vector               ? 
_entity_src_gen.host_org_details                   ? 
_entity_src_gen.expression_system_id               ? 
_entity_src_gen.plasmid_name                       PNIC28-BSA4 
_entity_src_gen.plasmid_details                    ? 
_entity_src_gen.pdbx_description                   ? 
# 
loop_
_struct_ref.id 
_struct_ref.db_name 
_struct_ref.db_code 
_struct_ref.entity_id 
_struct_ref.pdbx_seq_one_letter_code 
_struct_ref.pdbx_align_begin 
_struct_ref.pdbx_db_accession 
_struct_ref.pdbx_db_isoform 
1 PDB 2VAC       1 ? ? 2VAC   ? 
2 UNP TWF2_HUMAN 1 ? ? Q6IBS0 ? 
# 
loop_
_struct_ref_seq.align_id 
_struct_ref_seq.ref_id 
_struct_ref_seq.pdbx_PDB_id_code 
_struct_ref_seq.pdbx_strand_id 
_struct_ref_seq.seq_align_beg 
_struct_ref_seq.pdbx_seq_align_beg_ins_code 
_struct_ref_seq.seq_align_end 
_struct_ref_seq.pdbx_seq_align_end_ins_code 
_struct_ref_seq.pdbx_db_accession 
_struct_ref_seq.db_align_beg 
_struct_ref_seq.pdbx_db_align_beg_ins_code 
_struct_ref_seq.db_align_end 
_struct_ref_seq.pdbx_db_align_end_ins_code 
_struct_ref_seq.pdbx_auth_seq_align_beg 
_struct_ref_seq.pdbx_auth_seq_align_end 
1 1 2VAC A 1 ? 2   ? 2VAC   -1 ? 0   ? -1 0   
2 2 2VAC A 3 ? 134 ? Q6IBS0 6  ? 137 ? 6  137 
# 
loop_
_chem_comp.id 
_chem_comp.type 
_chem_comp.mon_nstd_flag 
_chem_comp.name 
_chem_comp.pdbx_synonyms 
_chem_comp.formula 
_chem_comp.formula_weight 
ALA 'L-peptide linking' y ALANINE         ?                 'C3 H7 N O2'     89.093  
ARG 'L-peptide linking' y ARGININE        ?                 'C6 H15 N4 O2 1' 175.209 
ASN 'L-peptide linking' y ASPARAGINE      ?                 'C4 H8 N2 O3'    132.118 
ASP 'L-peptide linking' y 'ASPARTIC ACID' ?                 'C4 H7 N O4'     133.103 
CYS 'L-peptide linking' y CYSTEINE        ?                 'C3 H7 N O2 S'   121.158 
EDO non-polymer         . 1,2-ETHANEDIOL  'ETHYLENE GLYCOL' 'C2 H6 O2'       62.068  
GLN 'L-peptide linking' y GLUTAMINE       ?                 'C5 H10 N2 O3'   146.144 
GLU 'L-peptide linking' y 'GLUTAMIC ACID' ?                 'C5 H9 N O4'     147.129 
GLY 'peptide linking'   y GLYCINE         ?                 'C2 H5 N O2'     75.067  
HIS 'L-peptide linking' y HISTIDINE       ?                 'C6 H10 N3 O2 1' 156.162 
HOH non-polymer         . WATER           ?                 'H2 O'           18.015  
ILE 'L-peptide linking' y ISOLEUCINE      ?                 'C6 H13 N O2'    131.173 
LEU 'L-peptide linking' y LEUCINE         ?                 'C6 H13 N O2'    131.173 
LYS 'L-peptide linking' y LYSINE          ?                 'C6 H15 N2 O2 1' 147.195 
MET 'L-peptide linking' y METHIONINE      ?                 'C5 H11 N O2 S'  149.211 
PHE 'L-peptide linking' y PHENYLALANINE   ?                 'C9 H11 N O2'    165.189 
PRO 'L-peptide linking' y PROLINE         ?                 'C5 H9 N O2'     115.130 
SER 'L-peptide linking' y SERINE          ?                 'C3 H7 N O3'     105.093 
THR 'L-peptide linking' y THREONINE       ?                 'C4 H9 N O3'     119.119 
TRP 'L-peptide linking' y TRYPTOPHAN      ?                 'C11 H12 N2 O2'  204.225 
TYR 'L-peptide linking' y TYROSINE        ?                 'C9 H11 N O3'    181.189 
VAL 'L-peptide linking' y VALINE          ?                 'C5 H11 N O2'    117.146 
ZN  non-polymer         . 'ZINC ION'      ?                 'Zn 2'           65.409  
# 
_exptl.entry_id          2VAC 
_exptl.method            'X-RAY DIFFRACTION' 
_exptl.crystals_number   1 
# 
_exptl_crystal.id                    1 
_exptl_crystal.density_meas          ? 
_exptl_crystal.density_Matthews      2.01 
_exptl_crystal.density_percent_sol   38.8 
_exptl_crystal.description           NONE 
# 
_exptl_crystal_grow.crystal_id      1 
_exptl_crystal_grow.method          ? 
_exptl_crystal_grow.temp            ? 
_exptl_crystal_grow.temp_details    ? 
_exptl_crystal_grow.pH              8 
_exptl_crystal_grow.pdbx_pH_range   ? 
_exptl_crystal_grow.pdbx_details    '0.01M ZINC CHLORIDE,10% ETHYLENE GLYCOL,20% PEG6000, 0.1M TRIS PH8.0' 
# 
_diffrn.id                     1 
_diffrn.ambient_temp           100 
_diffrn.ambient_temp_details   ? 
_diffrn.crystal_id             1 
# 
_diffrn_detector.diffrn_id              1 
_diffrn_detector.detector               'IMAGE PLATE' 
_diffrn_detector.type                   'RIGAKU IMAGE PLATE' 
_diffrn_detector.pdbx_collection_date   2007-08-02 
_diffrn_detector.details                'MULTI-LAYER VARIMAX HR' 
# 
_diffrn_radiation.diffrn_id                        1 
_diffrn_radiation.wavelength_id                    1 
_diffrn_radiation.pdbx_monochromatic_or_laue_m_l   M 
_diffrn_radiation.monochromator                    ? 
_diffrn_radiation.pdbx_diffrn_protocol             'SINGLE WAVELENGTH' 
_diffrn_radiation.pdbx_scattering_type             x-ray 
# 
_diffrn_radiation_wavelength.id           1 
_diffrn_radiation_wavelength.wavelength   1.5418 
_diffrn_radiation_wavelength.wt           1.0 
# 
_diffrn_source.diffrn_id                   1 
_diffrn_source.source                      'ROTATING ANODE' 
_diffrn_source.type                        'RIGAKU FR-E' 
_diffrn_source.pdbx_synchrotron_site       ? 
_diffrn_source.pdbx_synchrotron_beamline   ? 
_diffrn_source.pdbx_wavelength             1.5418 
_diffrn_source.pdbx_wavelength_list        ? 
# 
_reflns.pdbx_diffrn_id               1 
_reflns.pdbx_ordinal                 1 
_reflns.entry_id                     2VAC 
_reflns.observed_criterion_sigma_I   0.0 
_reflns.observed_criterion_sigma_F   ? 
_reflns.d_resolution_low             20.10 
_reflns.d_resolution_high            1.70 
_reflns.number_obs                   13653 
_reflns.number_all                   ? 
_reflns.percent_possible_obs         97.5 
_reflns.pdbx_Rmerge_I_obs            0.07 
_reflns.pdbx_Rsym_value              ? 
_reflns.pdbx_netI_over_sigmaI        24.40 
_reflns.B_iso_Wilson_estimate        18.66 
_reflns.pdbx_redundancy              6.8 
# 
_reflns_shell.pdbx_diffrn_id         1 
_reflns_shell.pdbx_ordinal           1 
_reflns_shell.d_res_high             1.70 
_reflns_shell.d_res_low              1.79 
_reflns_shell.percent_possible_all   94.9 
_reflns_shell.Rmerge_I_obs           0.54 
_reflns_shell.pdbx_Rsym_value        ? 
_reflns_shell.meanI_over_sigI_obs    2.50 
_reflns_shell.pdbx_redundancy        6.6 
# 
_refine.pdbx_refine_id                           'X-RAY DIFFRACTION' 
_refine.entry_id                                 2VAC 
_refine.pdbx_diffrn_id                           1 
_refine.pdbx_TLS_residual_ADP_flag               'LIKELY RESIDUAL' 
_refine.ls_number_reflns_obs                     12971 
_refine.ls_number_reflns_all                     ? 
_refine.pdbx_ls_sigma_I                          ? 
_refine.pdbx_ls_sigma_F                          ? 
_refine.pdbx_data_cutoff_high_absF               ? 
_refine.pdbx_data_cutoff_low_absF                ? 
_refine.pdbx_data_cutoff_high_rms_absF           ? 
_refine.ls_d_res_low                             20.00 
_refine.ls_d_res_high                            1.70 
_refine.ls_percent_reflns_obs                    97.2 
_refine.ls_R_factor_obs                          0.172 
_refine.ls_R_factor_all                          ? 
_refine.ls_R_factor_R_work                       0.170 
_refine.ls_R_factor_R_free                       0.214 
_refine.ls_R_factor_R_free_error                 ? 
_refine.ls_R_factor_R_free_error_details         ? 
_refine.ls_percent_reflns_R_free                 5.000 
_refine.ls_number_reflns_R_free                  678 
_refine.ls_number_parameters                     ? 
_refine.ls_number_restraints                     ? 
_refine.occupancy_min                            ? 
_refine.occupancy_max                            ? 
_refine.correlation_coeff_Fo_to_Fc               0.958 
_refine.correlation_coeff_Fo_to_Fc_free          0.939 
_refine.B_iso_mean                               15.83 
_refine.aniso_B[1][1]                            -0.31000 
_refine.aniso_B[2][2]                            -0.72000 
_refine.aniso_B[3][3]                            1.03000 
_refine.aniso_B[1][2]                            0.00000 
_refine.aniso_B[1][3]                            0.00000 
_refine.aniso_B[2][3]                            0.00000 
_refine.solvent_model_details                    MASK 
_refine.solvent_model_param_ksol                 ? 
_refine.solvent_model_param_bsol                 ? 
_refine.pdbx_solvent_vdw_probe_radii             1.20 
_refine.pdbx_solvent_ion_probe_radii             0.80 
_refine.pdbx_solvent_shrinkage_radii             0.80 
_refine.pdbx_ls_cross_valid_method               THROUGHOUT 
_refine.details                                  'HYDROGENS HAVE BEEN ADDED IN THE RIDING POSITIONS.' 
_refine.pdbx_starting_model                      'PDB ENTRY 1M4J' 
_refine.pdbx_method_to_determine_struct          'MOLECULAR REPLACEMENT' 
_refine.pdbx_isotropic_thermal_model             ? 
_refine.pdbx_stereochemistry_target_values       'MAXIMUM LIKELIHOOD' 
_refine.pdbx_stereochem_target_val_spec_case     ? 
_refine.pdbx_R_Free_selection_details            RANDOM 
_refine.pdbx_overall_ESU_R                       0.117 
_refine.pdbx_overall_ESU_R_Free                  0.116 
_refine.overall_SU_ML                            0.076 
_refine.pdbx_overall_phase_error                 ? 
_refine.overall_SU_B                             4.125 
_refine.overall_SU_R_Cruickshank_DPI             ? 
_refine.pdbx_overall_SU_R_free_Cruickshank_DPI   ? 
_refine.pdbx_overall_SU_R_Blow_DPI               ? 
_refine.pdbx_overall_SU_R_free_Blow_DPI          ? 
# 
_refine_hist.pdbx_refine_id                   'X-RAY DIFFRACTION' 
_refine_hist.cycle_id                         LAST 
_refine_hist.pdbx_number_atoms_protein        1065 
_refine_hist.pdbx_number_atoms_nucleic_acid   0 
_refine_hist.pdbx_number_atoms_ligand         7 
_refine_hist.number_atoms_solvent             161 
_refine_hist.number_atoms_total               1233 
_refine_hist.d_res_high                       1.70 
_refine_hist.d_res_low                        20.00 
# 
loop_
_refine_ls_restr.type 
_refine_ls_restr.dev_ideal 
_refine_ls_restr.dev_ideal_target 
_refine_ls_restr.weight 
_refine_ls_restr.number 
_refine_ls_restr.pdbx_refine_id 
_refine_ls_restr.pdbx_restraint_function 
r_bond_refined_d             0.013  0.022  ? 1107 'X-RAY DIFFRACTION' ? 
r_bond_other_d               0.003  0.020  ? 762  'X-RAY DIFFRACTION' ? 
r_angle_refined_deg          1.290  1.959  ? 1494 'X-RAY DIFFRACTION' ? 
r_angle_other_deg            1.811  3.000  ? 1852 'X-RAY DIFFRACTION' ? 
r_dihedral_angle_1_deg       6.275  5.000  ? 133  'X-RAY DIFFRACTION' ? 
r_dihedral_angle_2_deg       34.356 24.182 ? 55   'X-RAY DIFFRACTION' ? 
r_dihedral_angle_3_deg       11.424 15.000 ? 192  'X-RAY DIFFRACTION' ? 
r_dihedral_angle_4_deg       15.983 15.000 ? 7    'X-RAY DIFFRACTION' ? 
r_chiral_restr               0.085  0.200  ? 158  'X-RAY DIFFRACTION' ? 
r_gen_planes_refined         0.005  0.020  ? 1232 'X-RAY DIFFRACTION' ? 
r_gen_planes_other           0.001  0.020  ? 232  'X-RAY DIFFRACTION' ? 
r_nbd_refined                0.208  0.200  ? 205  'X-RAY DIFFRACTION' ? 
r_nbd_other                  0.199  0.200  ? 792  'X-RAY DIFFRACTION' ? 
r_nbtor_refined              0.173  0.200  ? 527  'X-RAY DIFFRACTION' ? 
r_nbtor_other                0.096  0.200  ? 538  'X-RAY DIFFRACTION' ? 
r_xyhbond_nbd_refined        0.123  0.200  ? 99   'X-RAY DIFFRACTION' ? 
r_xyhbond_nbd_other          ?      ?      ? ?    'X-RAY DIFFRACTION' ? 
r_metal_ion_refined          ?      ?      ? ?    'X-RAY DIFFRACTION' ? 
r_metal_ion_other            ?      ?      ? ?    'X-RAY DIFFRACTION' ? 
r_symmetry_vdw_refined       0.180  0.200  ? 17   'X-RAY DIFFRACTION' ? 
r_symmetry_vdw_other         0.302  0.200  ? 32   'X-RAY DIFFRACTION' ? 
r_symmetry_hbond_refined     0.157  0.200  ? 26   'X-RAY DIFFRACTION' ? 
r_symmetry_hbond_other       ?      ?      ? ?    'X-RAY DIFFRACTION' ? 
r_symmetry_metal_ion_refined ?      ?      ? ?    'X-RAY DIFFRACTION' ? 
r_symmetry_metal_ion_other   ?      ?      ? ?    'X-RAY DIFFRACTION' ? 
r_mcbond_it                  2.775  3.000  ? 734  'X-RAY DIFFRACTION' ? 
r_mcbond_other               ?      ?      ? ?    'X-RAY DIFFRACTION' ? 
r_mcangle_it                 2.978  5.000  ? 1065 'X-RAY DIFFRACTION' ? 
r_mcangle_other              ?      ?      ? ?    'X-RAY DIFFRACTION' ? 
r_scbond_it                  5.001  8.000  ? 500  'X-RAY DIFFRACTION' ? 
r_scbond_other               ?      ?      ? ?    'X-RAY DIFFRACTION' ? 
r_scangle_it                 6.230  11.000 ? 429  'X-RAY DIFFRACTION' ? 
r_scangle_other              ?      ?      ? ?    'X-RAY DIFFRACTION' ? 
r_long_range_B_refined       ?      ?      ? ?    'X-RAY DIFFRACTION' ? 
r_long_range_B_other         ?      ?      ? ?    'X-RAY DIFFRACTION' ? 
r_rigid_bond_restr           ?      ?      ? ?    'X-RAY DIFFRACTION' ? 
r_sphericity_free            ?      ?      ? ?    'X-RAY DIFFRACTION' ? 
r_sphericity_bonded          ?      ?      ? ?    'X-RAY DIFFRACTION' ? 
# 
_refine_ls_shell.pdbx_refine_id                   'X-RAY DIFFRACTION' 
_refine_ls_shell.pdbx_total_number_of_bins_used   20 
_refine_ls_shell.d_res_high                       1.70 
_refine_ls_shell.d_res_low                        1.74 
_refine_ls_shell.number_reflns_R_work             904 
_refine_ls_shell.R_factor_R_work                  0.3090 
_refine_ls_shell.percent_reflns_obs               ? 
_refine_ls_shell.R_factor_R_free                  0.4060 
_refine_ls_shell.R_factor_R_free_error            ? 
_refine_ls_shell.percent_reflns_R_free            ? 
_refine_ls_shell.number_reflns_R_free             43 
_refine_ls_shell.number_reflns_all                ? 
_refine_ls_shell.R_factor_all                     ? 
# 
_struct.entry_id                  2VAC 
_struct.title                     
'Structure of N-terminal Actin Depolymerizing Factor homology (ADF-H) domain of human twinfilin-2' 
_struct.pdbx_model_details        ? 
_struct.pdbx_CASP_flag            ? 
_struct.pdbx_model_type_details   ? 
# 
_struct_keywords.entry_id        2VAC 
_struct_keywords.pdbx_keywords   TRANSFERASE 
_struct_keywords.text            
;TRANSFERASE, ACTIN BINDING, PHOSPHORYLATION, COFILIN-LIKE, CYTOSKELETON, ACTIN-BINDING, PROTEIN TYROSINE KINASE-9, ACTIN DEPOLYMERIZING FACTOR TRANSFERASE
;
# 
loop_
_struct_asym.id 
_struct_asym.pdbx_blank_PDB_chainid_flag 
_struct_asym.pdbx_modified 
_struct_asym.entity_id 
_struct_asym.details 
A N N 1 ? 
B N N 2 ? 
C N N 2 ? 
D N N 2 ? 
E N N 3 ? 
F N N 4 ? 
# 
_struct_biol.id   1 
# 
loop_
_struct_conf.conf_type_id 
_struct_conf.id 
_struct_conf.pdbx_PDB_helix_id 
_struct_conf.beg_label_comp_id 
_struct_conf.beg_label_asym_id 
_struct_conf.beg_label_seq_id 
_struct_conf.pdbx_beg_PDB_ins_code 
_struct_conf.end_label_comp_id 
_struct_conf.end_label_asym_id 
_struct_conf.end_label_seq_id 
_struct_conf.pdbx_end_PDB_ins_code 
_struct_conf.beg_auth_comp_id 
_struct_conf.beg_auth_asym_id 
_struct_conf.beg_auth_seq_id 
_struct_conf.end_auth_comp_id 
_struct_conf.end_auth_asym_id 
_struct_conf.end_auth_seq_id 
_struct_conf.pdbx_PDB_helix_class 
_struct_conf.details 
_struct_conf.pdbx_PDB_helix_length 
HELX_P HELX_P1 1 THR A 7   ? GLY A 20  ? THR A 10  GLY A 23  1 ? 14 
HELX_P HELX_P2 2 ARG A 45  ? LEU A 55  ? ARG A 48  LEU A 58  1 ? 11 
HELX_P HELX_P3 3 PRO A 56  ? LEU A 58  ? PRO A 59  LEU A 61  5 ? 3  
HELX_P HELX_P4 4 PRO A 91  ? GLY A 110 ? PRO A 94  GLY A 113 1 ? 20 
HELX_P HELX_P5 5 VAL A 122 ? SER A 127 ? VAL A 125 SER A 130 1 ? 6  
HELX_P HELX_P6 6 SER A 127 ? HIS A 134 ? SER A 130 HIS A 137 1 ? 8  
# 
_struct_conf_type.id          HELX_P 
_struct_conf_type.criteria    ? 
_struct_conf_type.reference   ? 
# 
loop_
_struct_conn.id 
_struct_conn.conn_type_id 
_struct_conn.pdbx_leaving_atom_flag 
_struct_conn.pdbx_PDB_id 
_struct_conn.ptnr1_label_asym_id 
_struct_conn.ptnr1_label_comp_id 
_struct_conn.ptnr1_label_seq_id 
_struct_conn.ptnr1_label_atom_id 
_struct_conn.pdbx_ptnr1_label_alt_id 
_struct_conn.pdbx_ptnr1_PDB_ins_code 
_struct_conn.pdbx_ptnr1_standard_comp_id 
_struct_conn.ptnr1_symmetry 
_struct_conn.ptnr2_label_asym_id 
_struct_conn.ptnr2_label_comp_id 
_struct_conn.ptnr2_label_seq_id 
_struct_conn.ptnr2_label_atom_id 
_struct_conn.pdbx_ptnr2_label_alt_id 
_struct_conn.pdbx_ptnr2_PDB_ins_code 
_struct_conn.ptnr1_auth_asym_id 
_struct_conn.ptnr1_auth_comp_id 
_struct_conn.ptnr1_auth_seq_id 
_struct_conn.ptnr2_auth_asym_id 
_struct_conn.ptnr2_auth_comp_id 
_struct_conn.ptnr2_auth_seq_id 
_struct_conn.ptnr2_symmetry 
_struct_conn.pdbx_ptnr3_label_atom_id 
_struct_conn.pdbx_ptnr3_label_seq_id 
_struct_conn.pdbx_ptnr3_label_comp_id 
_struct_conn.pdbx_ptnr3_label_asym_id 
_struct_conn.pdbx_ptnr3_label_alt_id 
_struct_conn.pdbx_ptnr3_PDB_ins_code 
_struct_conn.details 
_struct_conn.pdbx_dist_value 
_struct_conn.pdbx_value_order 
_struct_conn.pdbx_role 
metalc1  metalc ? ? A SER 1   N   ? ? ? 1_555 B ZN  . ZN ? ? A SER -1   A ZN  1138 1_555 ? ? ? ? ? ? ? 2.058 ? ? 
metalc2  metalc ? ? A SER 1   O   ? ? ? 1_555 B ZN  . ZN ? ? A SER -1   A ZN  1138 1_555 ? ? ? ? ? ? ? 2.112 ? ? 
metalc3  metalc ? ? A HIS 5   NE2 ? ? ? 1_555 B ZN  . ZN ? ? A HIS 8    A ZN  1138 1_555 ? ? ? ? ? ? ? 2.100 ? ? 
metalc4  metalc ? ? A GLU 12  OE1 ? ? ? 4_556 D ZN  . ZN ? ? A GLU 15   A ZN  1140 1_555 ? ? ? ? ? ? ? 2.239 ? ? 
metalc5  metalc ? ? A GLU 79  OE2 ? ? ? 1_555 D ZN  . ZN ? ? A GLU 82   A ZN  1140 1_555 ? ? ? ? ? ? ? 2.007 ? ? 
metalc6  metalc ? ? A HIS 113 NE2 ? ? ? 4_556 C ZN  . ZN ? ? A HIS 116  A ZN  1139 1_555 ? ? ? ? ? ? ? 1.998 ? ? 
metalc7  metalc ? ? A ASP 116 OD1 ? ? ? 1_555 C ZN  . ZN ? ? A ASP 119  A ZN  1139 1_555 ? ? ? ? ? ? ? 2.019 ? ? 
metalc8  metalc ? ? A HIS 134 NE2 ? ? ? 1_555 C ZN  . ZN ? ? A HIS 137  A ZN  1139 1_555 ? ? ? ? ? ? ? 1.995 ? ? 
metalc9  metalc ? ? B ZN  .   ZN  ? ? ? 1_555 F HOH . O  ? ? A ZN  1138 A HOH 2157 1_555 ? ? ? ? ? ? ? 1.758 ? ? 
metalc10 metalc ? ? C ZN  .   ZN  ? ? ? 1_555 F HOH . O  ? ? A ZN  1139 A HOH 2158 1_555 ? ? ? ? ? ? ? 2.001 ? ? 
metalc11 metalc ? ? D ZN  .   ZN  ? ? ? 1_555 F HOH . O  ? ? A ZN  1140 A HOH 2160 1_555 ? ? ? ? ? ? ? 2.324 ? ? 
metalc12 metalc ? ? D ZN  .   ZN  ? ? ? 1_555 F HOH . O  ? ? A ZN  1140 A HOH 2161 1_555 ? ? ? ? ? ? ? 2.371 ? ? 
# 
_struct_conn_type.id          metalc 
_struct_conn_type.criteria    ? 
_struct_conn_type.reference   ? 
# 
_struct_sheet.id               AA 
_struct_sheet.type             ? 
_struct_sheet.number_strands   6 
_struct_sheet.details          ? 
# 
loop_
_struct_sheet_order.sheet_id 
_struct_sheet_order.range_id_1 
_struct_sheet_order.range_id_2 
_struct_sheet_order.offset 
_struct_sheet_order.sense 
AA 1 2 ? parallel      
AA 2 3 ? anti-parallel 
AA 3 4 ? anti-parallel 
AA 4 5 ? anti-parallel 
AA 5 6 ? parallel      
# 
loop_
_struct_sheet_range.sheet_id 
_struct_sheet_range.id 
_struct_sheet_range.beg_label_comp_id 
_struct_sheet_range.beg_label_asym_id 
_struct_sheet_range.beg_label_seq_id 
_struct_sheet_range.pdbx_beg_PDB_ins_code 
_struct_sheet_range.end_label_comp_id 
_struct_sheet_range.end_label_asym_id 
_struct_sheet_range.end_label_seq_id 
_struct_sheet_range.pdbx_end_PDB_ins_code 
_struct_sheet_range.beg_auth_comp_id 
_struct_sheet_range.beg_auth_asym_id 
_struct_sheet_range.beg_auth_seq_id 
_struct_sheet_range.end_auth_comp_id 
_struct_sheet_range.end_auth_asym_id 
_struct_sheet_range.end_auth_seq_id 
AA 1 HIS A 5   ? ALA A 6   ? HIS A 8   ALA A 9   
AA 2 GLN A 33  ? GLN A 40  ? GLN A 36  GLN A 43  
AA 3 LEU A 24  ? GLU A 30  ? LEU A 27  GLU A 33  
AA 4 CYS A 64  ? ASN A 74  ? CYS A 67  ASN A 77  
AA 5 GLY A 77  ? TRP A 85  ? GLY A 80  TRP A 88  
AA 6 ILE A 114 ? GLY A 120 ? ILE A 117 GLY A 123 
# 
loop_
_pdbx_struct_sheet_hbond.sheet_id 
_pdbx_struct_sheet_hbond.range_id_1 
_pdbx_struct_sheet_hbond.range_id_2 
_pdbx_struct_sheet_hbond.range_1_label_atom_id 
_pdbx_struct_sheet_hbond.range_1_label_comp_id 
_pdbx_struct_sheet_hbond.range_1_label_asym_id 
_pdbx_struct_sheet_hbond.range_1_label_seq_id 
_pdbx_struct_sheet_hbond.range_1_PDB_ins_code 
_pdbx_struct_sheet_hbond.range_1_auth_atom_id 
_pdbx_struct_sheet_hbond.range_1_auth_comp_id 
_pdbx_struct_sheet_hbond.range_1_auth_asym_id 
_pdbx_struct_sheet_hbond.range_1_auth_seq_id 
_pdbx_struct_sheet_hbond.range_2_label_atom_id 
_pdbx_struct_sheet_hbond.range_2_label_comp_id 
_pdbx_struct_sheet_hbond.range_2_label_asym_id 
_pdbx_struct_sheet_hbond.range_2_label_seq_id 
_pdbx_struct_sheet_hbond.range_2_PDB_ins_code 
_pdbx_struct_sheet_hbond.range_2_auth_atom_id 
_pdbx_struct_sheet_hbond.range_2_auth_comp_id 
_pdbx_struct_sheet_hbond.range_2_auth_asym_id 
_pdbx_struct_sheet_hbond.range_2_auth_seq_id 
AA 1 2 O HIS A 5  ? O HIS A 8  N LEU A 34  ? N LEU A 37  
AA 2 3 N GLN A 40 ? N GLN A 43 O LEU A 24  ? O LEU A 27  
AA 3 4 N VAL A 27 ? N VAL A 30 O TYR A 65  ? O TYR A 68  
AA 4 5 N ASN A 74 ? N ASN A 77 O GLY A 77  ? O GLY A 80  
AA 5 6 O TRP A 80 ? O TRP A 83 N LYS A 115 ? N LYS A 118 
# 
loop_
_struct_site.id 
_struct_site.pdbx_evidence_code 
_struct_site.pdbx_auth_asym_id 
_struct_site.pdbx_auth_comp_id 
_struct_site.pdbx_auth_seq_id 
_struct_site.pdbx_auth_ins_code 
_struct_site.pdbx_num_residues 
_struct_site.details 
AC1 Software ? ? ? ? 4 'BINDING SITE FOR RESIDUE ZN A1138'  
AC2 Software ? ? ? ? 4 'BINDING SITE FOR RESIDUE ZN A1139'  
AC3 Software ? ? ? ? 4 'BINDING SITE FOR RESIDUE ZN A1140'  
AC4 Software ? ? ? ? 6 'BINDING SITE FOR RESIDUE EDO A1141' 
# 
loop_
_struct_site_gen.id 
_struct_site_gen.site_id 
_struct_site_gen.pdbx_num_res 
_struct_site_gen.label_comp_id 
_struct_site_gen.label_asym_id 
_struct_site_gen.label_seq_id 
_struct_site_gen.pdbx_auth_ins_code 
_struct_site_gen.auth_comp_id 
_struct_site_gen.auth_asym_id 
_struct_site_gen.auth_seq_id 
_struct_site_gen.label_atom_id 
_struct_site_gen.label_alt_id 
_struct_site_gen.symmetry 
_struct_site_gen.details 
1  AC1 4 SER A 1   ? SER A -1   . ? 1_555 ? 
2  AC1 4 HIS A 5   ? HIS A 8    . ? 1_555 ? 
3  AC1 4 GLU A 41  ? GLU A 44   . ? 1_555 ? 
4  AC1 4 HOH F .   ? HOH A 2157 . ? 1_555 ? 
5  AC2 4 HIS A 113 ? HIS A 116  . ? 1_555 ? 
6  AC2 4 ASP A 116 ? ASP A 119  . ? 1_555 ? 
7  AC2 4 HIS A 134 ? HIS A 137  . ? 1_555 ? 
8  AC2 4 HOH F .   ? HOH A 2158 . ? 1_555 ? 
9  AC3 4 GLU A 12  ? GLU A 15   . ? 1_555 ? 
10 AC3 4 GLU A 79  ? GLU A 82   . ? 1_555 ? 
11 AC3 4 HOH F .   ? HOH A 2160 . ? 1_555 ? 
12 AC3 4 HOH F .   ? HOH A 2161 . ? 1_555 ? 
13 AC4 6 LYS A 11  ? LYS A 14   . ? 1_555 ? 
14 AC4 6 PHE A 14  ? PHE A 17   . ? 1_555 ? 
15 AC4 6 ARG A 18  ? ARG A 21   . ? 1_555 ? 
16 AC4 6 GLU A 108 ? GLU A 111  . ? 1_555 ? 
17 AC4 6 PHE A 109 ? PHE A 112  . ? 1_555 ? 
18 AC4 6 HOH F .   ? HOH A 2132 . ? 1_555 ? 
# 
_atom_sites.entry_id                    2VAC 
_atom_sites.fract_transf_matrix[1][1]   0.02002144 
_atom_sites.fract_transf_matrix[1][2]   -0.00887409 
_atom_sites.fract_transf_matrix[1][3]   -0.01731817 
_atom_sites.fract_transf_matrix[2][1]   0.01390150 
_atom_sites.fract_transf_matrix[2][2]   0.01108180 
_atom_sites.fract_transf_matrix[2][3]   0.01039297 
_atom_sites.fract_transf_matrix[3][1]   0.00247246 
_atom_sites.fract_transf_matrix[3][2]   -0.01113184 
_atom_sites.fract_transf_matrix[3][3]   0.00856252 
_atom_sites.fract_transf_vector[1]      0.538211 
_atom_sites.fract_transf_vector[2]      0.019165 
_atom_sites.fract_transf_vector[3]      0.505217 
# 
loop_
_atom_type.symbol 
C  
N  
O  
S  
ZN 
# 
loop_
_atom_site.group_PDB 
_atom_site.id 
_atom_site.type_symbol 
_atom_site.label_atom_id 
_atom_site.label_alt_id 
_atom_site.label_comp_id 
_atom_site.label_asym_id 
_atom_site.label_entity_id 
_atom_site.label_seq_id 
_atom_site.pdbx_PDB_ins_code 
_atom_site.Cartn_x 
_atom_site.Cartn_y 
_atom_site.Cartn_z 
_atom_site.occupancy 
_atom_site.B_iso_or_equiv 
_atom_site.pdbx_formal_charge 
_atom_site.auth_seq_id 
_atom_site.auth_comp_id 
_atom_site.auth_asym_id 
_atom_site.auth_atom_id 
_atom_site.pdbx_PDB_model_num 
ATOM   1    N  N   . SER A 1 1   ? -5.628  19.811  -9.402  1.00 24.05 ? -1   SER A N   1 
ATOM   2    C  CA  . SER A 1 1   ? -4.798  19.732  -10.646 1.00 22.43 ? -1   SER A CA  1 
ATOM   3    C  C   . SER A 1 1   ? -5.199  18.540  -11.526 1.00 20.91 ? -1   SER A C   1 
ATOM   4    O  O   . SER A 1 1   ? -6.138  17.788  -11.202 1.00 22.40 ? -1   SER A O   1 
ATOM   5    C  CB  . SER A 1 1   ? -3.310  19.662  -10.274 1.00 20.39 ? -1   SER A CB  1 
ATOM   6    O  OG  . SER A 1 1   ? -2.978  18.445  -9.642  1.00 24.92 ? -1   SER A OG  1 
ATOM   7    N  N   . MET A 1 2   ? -4.494  18.363  -12.640 1.00 22.33 ? 0    MET A N   1 
ATOM   8    C  CA  . MET A 1 2   ? -4.803  17.273  -13.588 1.00 21.23 ? 0    MET A CA  1 
ATOM   9    C  C   . MET A 1 2   ? -4.551  15.853  -13.046 1.00 21.62 ? 0    MET A C   1 
ATOM   10   O  O   . MET A 1 2   ? -5.240  14.903  -13.439 1.00 23.80 ? 0    MET A O   1 
ATOM   11   C  CB  . MET A 1 2   ? -4.028  17.454  -14.893 1.00 14.57 ? 0    MET A CB  1 
ATOM   12   C  CG  . MET A 1 2   ? -4.496  18.632  -15.724 1.00 21.90 ? 0    MET A CG  1 
ATOM   13   S  SD  . MET A 1 2   ? -6.199  18.492  -16.337 1.00 21.06 ? 0    MET A SD  1 
ATOM   14   C  CE  . MET A 1 2   ? -6.258  19.874  -17.469 1.00 23.87 ? 0    MET A CE  1 
ATOM   15   N  N   . GLY A 1 3   ? -3.556  15.705  -12.173 1.00 15.65 ? 6    GLY A N   1 
ATOM   16   C  CA  . GLY A 1 3   ? -3.211  14.409  -11.606 1.00 14.96 ? 6    GLY A CA  1 
ATOM   17   C  C   . GLY A 1 3   ? -4.330  13.821  -10.741 1.00 16.49 ? 6    GLY A C   1 
ATOM   18   O  O   . GLY A 1 3   ? -5.189  14.562  -10.252 1.00 16.41 ? 6    GLY A O   1 
ATOM   19   N  N   . ILE A 1 4   ? -4.273  12.506  -10.545 1.00 20.82 ? 7    ILE A N   1 
ATOM   20   C  CA  . ILE A 1 4   ? -5.193  11.757  -9.672  1.00 19.06 ? 7    ILE A CA  1 
ATOM   21   C  C   . ILE A 1 4   ? -4.940  12.152  -8.201  1.00 20.81 ? 7    ILE A C   1 
ATOM   22   O  O   . ILE A 1 4   ? -3.784  12.163  -7.751  1.00 21.81 ? 7    ILE A O   1 
ATOM   23   C  CB  . ILE A 1 4   ? -5.008  10.219  -9.828  1.00 20.82 ? 7    ILE A CB  1 
ATOM   24   C  CG1 . ILE A 1 4   ? -5.188  9.748   -11.288 1.00 22.54 ? 7    ILE A CG1 1 
ATOM   25   C  CG2 . ILE A 1 4   ? -5.921  9.477   -8.872  1.00 20.27 ? 7    ILE A CG2 1 
ATOM   26   C  CD1 . ILE A 1 4   ? -6.424  10.164  -11.929 1.00 27.92 ? 7    ILE A CD1 1 
ATOM   27   N  N   . HIS A 1 5   ? -6.018  12.465  -7.475  1.00 20.17 ? 8    HIS A N   1 
ATOM   28   C  CA  . HIS A 1 5   ? -5.955  12.878  -6.061  1.00 19.58 ? 8    HIS A CA  1 
ATOM   29   C  C   . HIS A 1 5   ? -6.548  11.816  -5.145  1.00 19.56 ? 8    HIS A C   1 
ATOM   30   O  O   . HIS A 1 5   ? -7.433  11.065  -5.559  1.00 17.45 ? 8    HIS A O   1 
ATOM   31   C  CB  . HIS A 1 5   ? -6.772  14.155  -5.811  1.00 22.44 ? 8    HIS A CB  1 
ATOM   32   C  CG  . HIS A 1 5   ? -6.439  15.299  -6.716  1.00 16.57 ? 8    HIS A CG  1 
ATOM   33   N  ND1 . HIS A 1 5   ? -5.163  15.808  -6.828  1.00 22.05 ? 8    HIS A ND1 1 
ATOM   34   C  CD2 . HIS A 1 5   ? -7.225  16.061  -7.512  1.00 23.20 ? 8    HIS A CD2 1 
ATOM   35   C  CE1 . HIS A 1 5   ? -5.176  16.827  -7.670  1.00 22.72 ? 8    HIS A CE1 1 
ATOM   36   N  NE2 . HIS A 1 5   ? -6.415  17.005  -8.095  1.00 23.78 ? 8    HIS A NE2 1 
ATOM   37   N  N   . ALA A 1 6   ? -6.093  11.798  -3.886  1.00 18.35 ? 9    ALA A N   1 
ATOM   38   C  CA  . ALA A 1 6   ? -6.754  11.016  -2.836  1.00 18.52 ? 9    ALA A CA  1 
ATOM   39   C  C   . ALA A 1 6   ? -8.050  11.752  -2.476  1.00 16.13 ? 9    ALA A C   1 
ATOM   40   O  O   . ALA A 1 6   ? -8.066  12.990  -2.307  1.00 16.81 ? 9    ALA A O   1 
ATOM   41   C  CB  . ALA A 1 6   ? -5.879  10.877  -1.615  1.00 16.89 ? 9    ALA A CB  1 
ATOM   42   N  N   . THR A 1 7   ? -9.131  10.991  -2.363  1.00 16.59 ? 10   THR A N   1 
ATOM   43   C  CA  . THR A 1 7   ? -10.380 11.543  -1.866  1.00 15.66 ? 10   THR A CA  1 
ATOM   44   C  C   . THR A 1 7   ? -10.161 11.976  -0.411  1.00 17.60 ? 10   THR A C   1 
ATOM   45   O  O   . THR A 1 7   ? -9.244  11.498  0.266   1.00 17.53 ? 10   THR A O   1 
ATOM   46   C  CB  . THR A 1 7   ? -11.533 10.497  -1.924  1.00 19.17 ? 10   THR A CB  1 
ATOM   47   O  OG1 . THR A 1 7   ? -11.269 9.428   -1.006  1.00 17.26 ? 10   THR A OG1 1 
ATOM   48   C  CG2 . THR A 1 7   ? -11.723 9.919   -3.360  1.00 13.94 ? 10   THR A CG2 1 
ATOM   49   N  N   . GLU A 1 8   ? -11.024 12.865  0.071   1.00 17.30 ? 11   GLU A N   1 
ATOM   50   C  CA  . GLU A 1 8   ? -10.989 13.284  1.470   1.00 14.67 ? 11   GLU A CA  1 
ATOM   51   C  C   . GLU A 1 8   ? -11.305 12.082  2.416   1.00 16.01 ? 11   GLU A C   1 
ATOM   52   O  O   . GLU A 1 8   ? -10.703 11.952  3.490   1.00 15.91 ? 11   GLU A O   1 
ATOM   53   C  CB  . GLU A 1 8   ? -11.872 14.522  1.682   1.00 21.48 ? 11   GLU A CB  1 
ATOM   54   C  CG  . GLU A 1 8   ? -11.453 15.732  0.769   1.00 19.36 ? 11   GLU A CG  1 
ATOM   55   C  CD  . GLU A 1 8   ? -9.996  16.213  0.957   1.00 29.83 ? 11   GLU A CD  1 
ATOM   56   O  OE1 . GLU A 1 8   ? -9.609  16.525  2.105   1.00 30.80 ? 11   GLU A OE1 1 
ATOM   57   O  OE2 . GLU A 1 8   ? -9.241  16.284  -0.043  1.00 24.79 ? 11   GLU A OE2 1 
ATOM   58   N  N   . GLU A 1 9   ? -12.141 11.154  1.969   1.00 15.55 ? 12   GLU A N   1 
ATOM   59   C  CA  . GLU A 1 9   ? -12.410 9.926   2.749   1.00 15.47 ? 12   GLU A CA  1 
ATOM   60   C  C   . GLU A 1 9   ? -11.166 9.041   2.922   1.00 15.45 ? 12   GLU A C   1 
ATOM   61   O  O   . GLU A 1 9   ? -10.875 8.564   4.012   1.00 17.59 ? 12   GLU A O   1 
ATOM   62   C  CB  . GLU A 1 9   ? -13.570 9.147   2.157   1.00 12.36 ? 12   GLU A CB  1 
ATOM   63   C  CG  . GLU A 1 9   ? -14.908 9.831   2.292   1.00 13.38 ? 12   GLU A CG  1 
ATOM   64   C  CD  . GLU A 1 9   ? -15.204 10.871  1.205   1.00 18.39 ? 12   GLU A CD  1 
ATOM   65   O  OE1 . GLU A 1 9   ? -14.398 11.072  0.263   1.00 16.10 ? 12   GLU A OE1 1 
ATOM   66   O  OE2 . GLU A 1 9   ? -16.271 11.482  1.313   1.00 18.75 ? 12   GLU A OE2 1 
ATOM   67   N  N   . LEU A 1 10  ? -10.408 8.850   1.861   1.00 14.54 ? 13   LEU A N   1 
ATOM   68   C  CA  . LEU A 1 10  ? -9.136  8.115   1.932   1.00 18.86 ? 13   LEU A CA  1 
ATOM   69   C  C   . LEU A 1 10  ? -8.113  8.820   2.839   1.00 16.17 ? 13   LEU A C   1 
ATOM   70   O  O   . LEU A 1 10  ? -7.482  8.184   3.671   1.00 17.32 ? 13   LEU A O   1 
ATOM   71   C  CB  . LEU A 1 10  ? -8.562  7.905   0.536   1.00 17.66 ? 13   LEU A CB  1 
ATOM   72   C  CG  . LEU A 1 10  ? -7.251  7.104   0.549   1.00 12.09 ? 13   LEU A CG  1 
ATOM   73   C  CD1 . LEU A 1 10  ? -7.418  5.776   1.304   1.00 18.35 ? 13   LEU A CD1 1 
ATOM   74   C  CD2 . LEU A 1 10  ? -6.647  6.931   -0.891  1.00 16.65 ? 13   LEU A CD2 1 
ATOM   75   N  N   . LYS A 1 11  ? -7.954  10.135  2.692   1.00 18.22 ? 14   LYS A N   1 
ATOM   76   C  CA  . LYS A 1 11  ? -7.095  10.918  3.616   1.00 19.21 ? 14   LYS A CA  1 
ATOM   77   C  C   . LYS A 1 11  ? -7.520  10.752  5.092   1.00 16.53 ? 14   LYS A C   1 
ATOM   78   O  O   . LYS A 1 11  ? -6.679  10.526  5.989   1.00 20.17 ? 14   LYS A O   1 
ATOM   79   C  CB  . LYS A 1 11  ? -7.126  12.391  3.228   1.00 20.41 ? 14   LYS A CB  1 
ATOM   80   C  CG  . LYS A 1 11  ? -6.468  12.720  1.882   1.00 18.09 ? 14   LYS A CG  1 
ATOM   81   C  CD  . LYS A 1 11  ? -6.664  14.212  1.628   1.00 23.42 ? 14   LYS A CD  1 
ATOM   82   C  CE  . LYS A 1 11  ? -6.281  14.664  0.244   1.00 31.86 ? 14   LYS A CE  1 
ATOM   83   N  NZ  . LYS A 1 11  ? -6.389  16.161  0.178   1.00 23.52 ? 14   LYS A NZ  1 
ATOM   84   N  N   . GLU A 1 12  ? -8.823  10.806  5.338   1.00 17.77 ? 15   GLU A N   1 
ATOM   85   C  CA  . GLU A 1 12  ? -9.346  10.602  6.682   1.00 18.48 ? 15   GLU A CA  1 
ATOM   86   C  C   . GLU A 1 12  ? -9.014  9.207   7.170   1.00 18.20 ? 15   GLU A C   1 
ATOM   87   O  O   . GLU A 1 12  ? -8.626  9.015   8.338   1.00 19.29 ? 15   GLU A O   1 
ATOM   88   C  CB  . GLU A 1 12  ? -10.864 10.824  6.716   1.00 18.21 ? 15   GLU A CB  1 
ATOM   89   C  CG  . GLU A 1 12  ? -11.424 11.023  8.125   1.00 27.75 ? 15   GLU A CG  1 
ATOM   90   C  CD  . GLU A 1 12  ? -10.910 12.287  8.825   1.00 50.75 ? 15   GLU A CD  1 
ATOM   91   O  OE1 . GLU A 1 12  ? -10.241 13.123  8.174   1.00 44.71 ? 15   GLU A OE1 1 
ATOM   92   O  OE2 . GLU A 1 12  ? -11.182 12.445  10.037  1.00 43.75 ? 15   GLU A OE2 1 
ATOM   93   N  N   . PHE A 1 13  ? -9.165  8.227   6.283   1.00 15.79 ? 16   PHE A N   1 
ATOM   94   C  CA  . PHE A 1 13  ? -8.834  6.848   6.661   1.00 15.99 ? 16   PHE A CA  1 
ATOM   95   C  C   . PHE A 1 13  ? -7.344  6.667   7.013   1.00 14.78 ? 16   PHE A C   1 
ATOM   96   O  O   . PHE A 1 13  ? -7.017  5.958   7.981   1.00 16.86 ? 16   PHE A O   1 
ATOM   97   C  CB  . PHE A 1 13  ? -9.208  5.835   5.591   1.00 16.55 ? 16   PHE A CB  1 
ATOM   98   C  CG  . PHE A 1 13  ? -9.087  4.429   6.082   1.00 17.52 ? 16   PHE A CG  1 
ATOM   99   C  CD1 . PHE A 1 13  ? -10.046 3.894   6.949   1.00 22.99 ? 16   PHE A CD1 1 
ATOM   100  C  CD2 . PHE A 1 13  ? -7.973  3.665   5.767   1.00 18.82 ? 16   PHE A CD2 1 
ATOM   101  C  CE1 . PHE A 1 13  ? -9.901  2.593   7.444   1.00 23.51 ? 16   PHE A CE1 1 
ATOM   102  C  CE2 . PHE A 1 13  ? -7.825  2.378   6.257   1.00 20.37 ? 16   PHE A CE2 1 
ATOM   103  C  CZ  . PHE A 1 13  ? -8.789  1.843   7.096   1.00 19.67 ? 16   PHE A CZ  1 
ATOM   104  N  N   . PHE A 1 14  ? -6.468  7.289   6.228   1.00 16.92 ? 17   PHE A N   1 
ATOM   105  C  CA  . PHE A 1 14  ? -5.034  7.331   6.515   1.00 17.63 ? 17   PHE A CA  1 
ATOM   106  C  C   . PHE A 1 14  ? -4.809  7.743   7.976   1.00 16.49 ? 17   PHE A C   1 
ATOM   107  O  O   . PHE A 1 14  ? -4.110  7.035   8.729   1.00 17.53 ? 17   PHE A O   1 
ATOM   108  C  CB  . PHE A 1 14  ? -4.291  8.302   5.567   1.00 17.72 ? 17   PHE A CB  1 
ATOM   109  C  CG  . PHE A 1 14  ? -4.074  7.786   4.125   1.00 16.35 ? 17   PHE A CG  1 
ATOM   110  C  CD1 . PHE A 1 14  ? -4.258  6.448   3.764   1.00 17.27 ? 17   PHE A CD1 1 
ATOM   111  C  CD2 . PHE A 1 14  ? -3.645  8.666   3.146   1.00 22.30 ? 17   PHE A CD2 1 
ATOM   112  C  CE1 . PHE A 1 14  ? -4.005  5.995   2.445   1.00 17.31 ? 17   PHE A CE1 1 
ATOM   113  C  CE2 . PHE A 1 14  ? -3.402  8.235   1.836   1.00 19.33 ? 17   PHE A CE2 1 
ATOM   114  C  CZ  . PHE A 1 14  ? -3.600  6.894   1.477   1.00 19.78 ? 17   PHE A CZ  1 
ATOM   115  N  N   . ALA A 1 15  ? -5.413  8.872   8.374   1.00 16.35 ? 18   ALA A N   1 
ATOM   116  C  CA  . ALA A 1 15  ? -5.297  9.375   9.755   1.00 16.42 ? 18   ALA A CA  1 
ATOM   117  C  C   . ALA A 1 15  ? -5.821  8.360   10.778  1.00 16.86 ? 18   ALA A C   1 
ATOM   118  O  O   . ALA A 1 15  ? -5.228  8.191   11.846  1.00 18.26 ? 18   ALA A O   1 
ATOM   119  C  CB  . ALA A 1 15  ? -6.024  10.722  9.896   1.00 20.52 ? 18   ALA A CB  1 
ATOM   120  N  N   . LYS A 1 16  ? -6.942  7.690   10.465  1.00 15.94 ? 19   LYS A N   1 
ATOM   121  C  CA  . LYS A 1 16  ? -7.498  6.660   11.334  1.00 17.31 ? 19   LYS A CA  1 
ATOM   122  C  C   . LYS A 1 16  ? -6.482  5.505   11.485  1.00 18.47 ? 19   LYS A C   1 
ATOM   123  O  O   . LYS A 1 16  ? -6.190  5.052   12.592  1.00 17.05 ? 19   LYS A O   1 
ATOM   124  C  CB  . LYS A 1 16  ? -8.837  6.134   10.760  1.00 19.99 ? 19   LYS A CB  1 
ATOM   125  C  CG  . LYS A 1 16  ? -9.410  4.973   11.567  1.00 20.26 ? 19   LYS A CG  1 
ATOM   126  C  CD  . LYS A 1 16  ? -10.674 4.407   10.958  1.00 24.02 ? 19   LYS A CD  1 
ATOM   127  C  CE  . LYS A 1 16  ? -11.224 3.261   11.796  1.00 26.81 ? 19   LYS A CE  1 
ATOM   128  N  NZ  . LYS A 1 16  ? -12.538 2.807   11.258  1.00 32.46 ? 19   LYS A NZ  1 
ATOM   129  N  N   . ALA A 1 17  ? -5.927  5.074   10.351  1.00 18.11 ? 20   ALA A N   1 
ATOM   130  C  CA  . ALA A 1 17  ? -4.991  3.957   10.302  1.00 19.90 ? 20   ALA A CA  1 
ATOM   131  C  C   . ALA A 1 17  ? -3.765  4.254   11.177  1.00 16.41 ? 20   ALA A C   1 
ATOM   132  O  O   . ALA A 1 17  ? -3.288  3.384   11.900  1.00 18.03 ? 20   ALA A O   1 
ATOM   133  C  CB  . ALA A 1 17  ? -4.577  3.670   8.873   1.00 21.97 ? 20   ALA A CB  1 
ATOM   134  N  N   . ARG A 1 18  ? -3.281  5.494   11.138  1.00 18.67 ? 21   ARG A N   1 
ATOM   135  C  CA  . ARG A 1 18  ? -2.090  5.856   11.909  1.00 18.41 ? 21   ARG A CA  1 
ATOM   136  C  C   . ARG A 1 18  ? -2.366  5.903   13.449  1.00 17.48 ? 21   ARG A C   1 
ATOM   137  O  O   . ARG A 1 18  ? -1.436  5.861   14.265  1.00 24.09 ? 21   ARG A O   1 
ATOM   138  C  CB  . ARG A 1 18  ? -1.530  7.193   11.399  1.00 18.06 ? 21   ARG A CB  1 
ATOM   139  C  CG  . ARG A 1 18  ? -0.914  7.147   9.991   1.00 17.80 ? 21   ARG A CG  1 
ATOM   140  C  CD  . ARG A 1 18  ? -0.066  8.400   9.763   1.00 20.08 ? 21   ARG A CD  1 
ATOM   141  N  NE  . ARG A 1 18  ? -0.895  9.604   9.858   1.00 19.13 ? 21   ARG A NE  1 
ATOM   142  C  CZ  . ARG A 1 18  ? -1.486  10.202  8.828   1.00 19.81 ? 21   ARG A CZ  1 
ATOM   143  N  NH1 . ARG A 1 18  ? -1.323  9.760   7.605   1.00 16.38 ? 21   ARG A NH1 1 
ATOM   144  N  NH2 . ARG A 1 18  ? -2.239  11.263  9.015   1.00 16.98 ? 21   ARG A NH2 1 
ATOM   145  N  N   . ALA A 1 19  ? -3.635  6.027   13.833  1.00 18.65 ? 22   ALA A N   1 
ATOM   146  C  CA  . ALA A 1 19  ? -4.057  6.016   15.225  1.00 19.45 ? 22   ALA A CA  1 
ATOM   147  C  C   . ALA A 1 19  ? -3.945  4.585   15.761  1.00 26.00 ? 22   ALA A C   1 
ATOM   148  O  O   . ALA A 1 19  ? -3.720  4.377   16.950  1.00 28.12 ? 22   ALA A O   1 
ATOM   149  C  CB  . ALA A 1 19  ? -5.486  6.548   15.373  1.00 20.68 ? 22   ALA A CB  1 
ATOM   150  N  N   . GLY A 1 20  ? -4.078  3.603   14.868  1.00 24.09 ? 23   GLY A N   1 
ATOM   151  C  CA  . GLY A 1 20  ? -4.055  2.204   15.262  1.00 27.35 ? 23   GLY A CA  1 
ATOM   152  C  C   . GLY A 1 20  ? -5.190  1.375   14.663  1.00 21.77 ? 23   GLY A C   1 
ATOM   153  O  O   . GLY A 1 20  ? -6.050  1.848   13.874  1.00 24.97 ? 23   GLY A O   1 
ATOM   154  N  N   . SER A 1 21  ? -5.147  0.106   15.023  1.00 21.54 ? 24   SER A N   1 
ATOM   155  C  CA  . SER A 1 21  ? -6.152  -0.861  14.677  1.00 21.55 ? 24   SER A CA  1 
ATOM   156  C  C   . SER A 1 21  ? -6.187  -1.198  13.185  1.00 22.44 ? 24   SER A C   1 
ATOM   157  O  O   . SER A 1 21  ? -7.119  -1.848  12.744  1.00 18.94 ? 24   SER A O   1 
ATOM   158  C  CB  . SER A 1 21  ? -7.533  -0.427  15.183  1.00 29.40 ? 24   SER A CB  1 
ATOM   159  O  OG  . SER A 1 21  ? -7.456  -0.070  16.556  1.00 35.35 ? 24   SER A OG  1 
ATOM   160  N  N   . VAL A 1 22  ? -5.171  -0.779  12.432  1.00 18.87 ? 25   VAL A N   1 
ATOM   161  C  CA  . VAL A 1 22  ? -5.060  -1.117  10.994  1.00 18.91 ? 25   VAL A CA  1 
ATOM   162  C  C   . VAL A 1 22  ? -3.665  -1.663  10.639  1.00 16.28 ? 25   VAL A C   1 
ATOM   163  O  O   . VAL A 1 22  ? -2.670  -0.971  10.754  1.00 19.71 ? 25   VAL A O   1 
ATOM   164  C  CB  . VAL A 1 22  ? -5.374  0.102   10.053  1.00 20.33 ? 25   VAL A CB  1 
ATOM   165  C  CG1 . VAL A 1 22  ? -5.252  -0.294  8.562   1.00 18.49 ? 25   VAL A CG1 1 
ATOM   166  C  CG2 . VAL A 1 22  ? -6.758  0.707   10.381  1.00 19.91 ? 25   VAL A CG2 1 
ATOM   167  N  N   . ARG A 1 23  ? -3.655  -2.891  10.138  1.00 17.93 ? 26   ARG A N   1 
ATOM   168  C  CA  . ARG A 1 23  ? -2.455  -3.580  9.688   1.00 19.70 ? 26   ARG A CA  1 
ATOM   169  C  C   . ARG A 1 23  ? -2.148  -3.297  8.218   1.00 21.10 ? 26   ARG A C   1 
ATOM   170  O  O   . ARG A 1 23  ? -1.012  -3.178  7.872   1.00 17.76 ? 26   ARG A O   1 
ATOM   171  C  CB  . ARG A 1 23  ? -2.602  -5.095  9.905   1.00 20.49 ? 26   ARG A CB  1 
ATOM   172  C  CG  . ARG A 1 23  ? -1.450  -5.937  9.354   1.00 16.11 ? 26   ARG A CG  1 
ATOM   173  C  CD  . ARG A 1 23  ? -0.161  -5.610  10.078  1.00 22.13 ? 26   ARG A CD  1 
ATOM   174  N  NE  . ARG A 1 23  ? -0.137  -6.198  11.410  1.00 18.89 ? 26   ARG A NE  1 
ATOM   175  C  CZ  . ARG A 1 23  ? 0.725   -5.885  12.386  1.00 19.98 ? 26   ARG A CZ  1 
ATOM   176  N  NH1 . ARG A 1 23  ? 1.633   -4.927  12.235  1.00 17.17 ? 26   ARG A NH1 1 
ATOM   177  N  NH2 . ARG A 1 23  ? 0.638   -6.519  13.552  1.00 18.62 ? 26   ARG A NH2 1 
ATOM   178  N  N   . LEU A 1 24  ? -3.177  -3.229  7.382   1.00 17.77 ? 27   LEU A N   1 
ATOM   179  C  CA  . LEU A 1 24  ? -3.052  -3.109  5.944   1.00 18.39 ? 27   LEU A CA  1 
ATOM   180  C  C   . LEU A 1 24  ? -4.109  -2.149  5.373   1.00 18.77 ? 27   LEU A C   1 
ATOM   181  O  O   . LEU A 1 24  ? -5.295  -2.184  5.751   1.00 19.57 ? 27   LEU A O   1 
ATOM   182  C  CB  . LEU A 1 24  ? -3.161  -4.500  5.278   1.00 17.11 ? 27   LEU A CB  1 
ATOM   183  C  CG  . LEU A 1 24  ? -3.079  -4.542  3.736   1.00 22.78 ? 27   LEU A CG  1 
ATOM   184  C  CD1 . LEU A 1 24  ? -2.455  -5.868  3.237   1.00 24.08 ? 27   LEU A CD1 1 
ATOM   185  C  CD2 . LEU A 1 24  ? -4.477  -4.277  3.080   1.00 19.05 ? 27   LEU A CD2 1 
ATOM   186  N  N   . ILE A 1 25  ? -3.642  -1.312  4.462   1.00 18.60 ? 28   ILE A N   1 
ATOM   187  C  CA  . ILE A 1 25  ? -4.468  -0.435  3.647   1.00 18.31 ? 28   ILE A CA  1 
ATOM   188  C  C   . ILE A 1 25  ? -4.126  -0.776  2.190   1.00 20.90 ? 28   ILE A C   1 
ATOM   189  O  O   . ILE A 1 25  ? -2.949  -0.757  1.801   1.00 22.59 ? 28   ILE A O   1 
ATOM   190  C  CB  . ILE A 1 25  ? -4.132  1.065   3.863   1.00 19.12 ? 28   ILE A CB  1 
ATOM   191  C  CG1 . ILE A 1 25  ? -3.979  1.409   5.348   1.00 16.90 ? 28   ILE A CG1 1 
ATOM   192  C  CG2 . ILE A 1 25  ? -5.174  1.930   3.210   1.00 20.26 ? 28   ILE A CG2 1 
ATOM   193  C  CD1 . ILE A 1 25  ? -3.575  2.875   5.599   1.00 21.79 ? 28   ILE A CD1 1 
ATOM   194  N  N   . LYS A 1 26  ? -5.150  -1.105  1.411   1.00 18.50 ? 29   LYS A N   1 
ATOM   195  C  CA  . LYS A 1 26  ? -5.022  -1.261  -0.045  1.00 19.80 ? 29   LYS A CA  1 
ATOM   196  C  C   . LYS A 1 26  ? -5.656  -0.047  -0.701  1.00 20.45 ? 29   LYS A C   1 
ATOM   197  O  O   . LYS A 1 26  ? -6.854  0.222   -0.508  1.00 18.36 ? 29   LYS A O   1 
ATOM   198  C  CB  . LYS A 1 26  ? -5.695  -2.531  -0.555  1.00 18.34 ? 29   LYS A CB  1 
ATOM   199  C  CG  . LYS A 1 26  ? -5.714  -2.692  -2.084  1.00 17.59 ? 29   LYS A CG  1 
ATOM   200  C  CD  . LYS A 1 26  ? -6.339  -4.019  -2.538  1.00 19.49 ? 29   LYS A CD  1 
ATOM   201  C  CE  . LYS A 1 26  ? -6.307  -4.203  -4.050  1.00 24.75 ? 29   LYS A CE  1 
ATOM   202  N  NZ  . LYS A 1 26  ? -6.663  -5.591  -4.487  1.00 17.11 ? 29   LYS A NZ  1 
ATOM   203  N  N   . VAL A 1 27  ? -4.836  0.649   -1.489  1.00 19.25 ? 30   VAL A N   1 
ATOM   204  C  CA  . VAL A 1 27  ? -5.247  1.842   -2.221  1.00 18.45 ? 30   VAL A CA  1 
ATOM   205  C  C   . VAL A 1 27  ? -5.315  1.487   -3.701  1.00 17.25 ? 30   VAL A C   1 
ATOM   206  O  O   . VAL A 1 27  ? -4.411  0.832   -4.251  1.00 19.18 ? 30   VAL A O   1 
ATOM   207  C  CB  . VAL A 1 27  ? -4.277  3.023   -2.011  1.00 19.50 ? 30   VAL A CB  1 
ATOM   208  C  CG1 . VAL A 1 27  ? -4.738  4.260   -2.813  1.00 19.12 ? 30   VAL A CG1 1 
ATOM   209  C  CG2 . VAL A 1 27  ? -4.125  3.314   -0.476  1.00 16.71 ? 30   VAL A CG2 1 
ATOM   210  N  N   . VAL A 1 28  ? -6.408  1.909   -4.321  1.00 18.17 ? 31   VAL A N   1 
ATOM   211  C  CA  . VAL A 1 28  ? -6.650  1.663   -5.732  1.00 16.41 ? 31   VAL A CA  1 
ATOM   212  C  C   . VAL A 1 28  ? -7.164  2.951   -6.389  1.00 19.18 ? 31   VAL A C   1 
ATOM   213  O  O   . VAL A 1 28  ? -7.555  3.910   -5.700  1.00 18.92 ? 31   VAL A O   1 
ATOM   214  C  CB  . VAL A 1 28  ? -7.648  0.494   -5.929  1.00 18.49 ? 31   VAL A CB  1 
ATOM   215  C  CG1 . VAL A 1 28  ? -7.092  -0.812  -5.298  1.00 21.41 ? 31   VAL A CG1 1 
ATOM   216  C  CG2 . VAL A 1 28  ? -9.019  0.853   -5.365  1.00 16.64 ? 31   VAL A CG2 1 
ATOM   217  N  N   . ILE A 1 29  ? -7.150  2.972   -7.713  1.00 18.50 ? 32   ILE A N   1 
ATOM   218  C  CA  . ILE A 1 29  ? -7.654  4.123   -8.456  1.00 18.76 ? 32   ILE A CA  1 
ATOM   219  C  C   . ILE A 1 29  ? -9.015  3.726   -9.029  1.00 25.04 ? 32   ILE A C   1 
ATOM   220  O  O   . ILE A 1 29  ? -9.143  2.722   -9.759  1.00 19.70 ? 32   ILE A O   1 
ATOM   221  C  CB  . ILE A 1 29  ? -6.682  4.561   -9.586  1.00 19.41 ? 32   ILE A CB  1 
ATOM   222  C  CG1 . ILE A 1 29  ? -5.345  5.031   -8.996  1.00 23.51 ? 32   ILE A CG1 1 
ATOM   223  C  CG2 . ILE A 1 29  ? -7.308  5.658   -10.476 1.00 21.94 ? 32   ILE A CG2 1 
ATOM   224  C  CD1 . ILE A 1 29  ? -4.214  5.109   -10.009 1.00 23.45 ? 32   ILE A CD1 1 
ATOM   225  N  N   . GLU A 1 30  ? -10.023 4.526   -8.698  1.00 21.02 ? 33   GLU A N   1 
ATOM   226  C  CA  . GLU A 1 30  ? -11.383 4.311   -9.168  1.00 23.06 ? 33   GLU A CA  1 
ATOM   227  C  C   . GLU A 1 30  ? -11.939 5.632   -9.671  1.00 22.93 ? 33   GLU A C   1 
ATOM   228  O  O   . GLU A 1 30  ? -11.907 6.625   -8.950  1.00 18.85 ? 33   GLU A O   1 
ATOM   229  C  CB  . GLU A 1 30  ? -12.238 3.786   -8.032  1.00 21.20 ? 33   GLU A CB  1 
ATOM   230  C  CG  . GLU A 1 30  ? -13.716 3.681   -8.352  1.00 26.45 ? 33   GLU A CG  1 
ATOM   231  C  CD  . GLU A 1 30  ? -14.515 3.010   -7.250  1.00 36.22 ? 33   GLU A CD  1 
ATOM   232  O  OE1 . GLU A 1 30  ? -14.323 3.355   -6.064  1.00 42.59 ? 33   GLU A OE1 1 
ATOM   233  O  OE2 . GLU A 1 30  ? -15.353 2.149   -7.584  1.00 48.95 ? 33   GLU A OE2 1 
ATOM   234  N  N   . ASP A 1 31  ? -12.426 5.646   -10.910 1.00 25.36 ? 34   ASP A N   1 
ATOM   235  C  CA  . ASP A 1 31  ? -12.990 6.869   -11.503 1.00 26.79 ? 34   ASP A CA  1 
ATOM   236  C  C   . ASP A 1 31  ? -12.100 8.098   -11.285 1.00 17.99 ? 34   ASP A C   1 
ATOM   237  O  O   . ASP A 1 31  ? -12.549 9.139   -10.779 1.00 20.15 ? 34   ASP A O   1 
ATOM   238  C  CB  . ASP A 1 31  ? -14.383 7.125   -10.933 1.00 24.00 ? 34   ASP A CB  1 
ATOM   239  C  CG  . ASP A 1 31  ? -15.361 6.039   -11.302 1.00 31.67 ? 34   ASP A CG  1 
ATOM   240  O  OD1 . ASP A 1 31  ? -15.272 5.524   -12.443 1.00 33.45 ? 34   ASP A OD1 1 
ATOM   241  O  OD2 . ASP A 1 31  ? -16.214 5.710   -10.450 1.00 29.61 ? 34   ASP A OD2 1 
ATOM   242  N  N   . GLU A 1 32  ? -10.824 7.935   -11.627 1.00 20.61 ? 35   GLU A N   1 
ATOM   243  C  CA  . GLU A 1 32  ? -9.829  9.011   -11.577 1.00 20.31 ? 35   GLU A CA  1 
ATOM   244  C  C   . GLU A 1 32  ? -9.642  9.612   -10.180 1.00 17.92 ? 35   GLU A C   1 
ATOM   245  O  O   . GLU A 1 32  ? -9.314  10.787  -10.044 1.00 18.75 ? 35   GLU A O   1 
ATOM   246  C  CB  . GLU A 1 32  ? -10.153 10.094  -12.605 1.00 19.36 ? 35   GLU A CB  1 
ATOM   247  C  CG  . GLU A 1 32  ? -10.377 9.550   -14.004 1.00 28.40 ? 35   GLU A CG  1 
ATOM   248  C  CD  . GLU A 1 32  ? -10.659 10.656  -15.015 1.00 27.80 ? 35   GLU A CD  1 
ATOM   249  O  OE1 . GLU A 1 32  ? -11.579 11.469  -14.780 1.00 34.23 ? 35   GLU A OE1 1 
ATOM   250  O  OE2 . GLU A 1 32  ? -9.951  10.705  -16.039 1.00 42.14 ? 35   GLU A OE2 1 
ATOM   251  N  N   . GLN A 1 33  ? -9.804  8.769   -9.145  1.00 18.74 ? 36   GLN A N   1 
ATOM   252  C  CA  . GLN A 1 33  ? -9.516  9.143   -7.745  1.00 20.36 ? 36   GLN A CA  1 
ATOM   253  C  C   . GLN A 1 33  ? -8.796  7.991   -7.041  1.00 19.59 ? 36   GLN A C   1 
ATOM   254  O  O   . GLN A 1 33  ? -9.029  6.828   -7.383  1.00 18.43 ? 36   GLN A O   1 
ATOM   255  C  CB  . GLN A 1 33  ? -10.818 9.428   -6.976  1.00 18.82 ? 36   GLN A CB  1 
ATOM   256  C  CG  . GLN A 1 33  ? -11.750 10.402  -7.620  1.00 17.25 ? 36   GLN A CG  1 
ATOM   257  C  CD  . GLN A 1 33  ? -12.848 10.835  -6.682  1.00 19.69 ? 36   GLN A CD  1 
ATOM   258  O  OE1 . GLN A 1 33  ? -13.729 10.047  -6.341  1.00 25.92 ? 36   GLN A OE1 1 
ATOM   259  N  NE2 . GLN A 1 33  ? -12.790 12.083  -6.236  1.00 18.77 ? 36   GLN A NE2 1 
ATOM   260  N  N   . LEU A 1 34  ? -7.933  8.310   -6.072  1.00 15.91 ? 37   LEU A N   1 
ATOM   261  C  CA  . LEU A 1 34  ? -7.360  7.308   -5.174  1.00 16.78 ? 37   LEU A CA  1 
ATOM   262  C  C   . LEU A 1 34  ? -8.358  7.056   -4.026  1.00 17.33 ? 37   LEU A C   1 
ATOM   263  O  O   . LEU A 1 34  ? -8.782  8.001   -3.322  1.00 17.95 ? 37   LEU A O   1 
ATOM   264  C  CB  . LEU A 1 34  ? -5.997  7.716   -4.623  1.00 16.77 ? 37   LEU A CB  1 
ATOM   265  C  CG  . LEU A 1 34  ? -4.821  7.786   -5.606  1.00 20.24 ? 37   LEU A CG  1 
ATOM   266  C  CD1 . LEU A 1 34  ? -3.726  8.760   -5.114  1.00 20.95 ? 37   LEU A CD1 1 
ATOM   267  C  CD2 . LEU A 1 34  ? -4.234  6.362   -5.822  1.00 20.46 ? 37   LEU A CD2 1 
ATOM   268  N  N   . VAL A 1 35  ? -8.731  5.790   -3.859  1.00 17.59 ? 38   VAL A N   1 
ATOM   269  C  CA  . VAL A 1 35  ? -9.733  5.404   -2.859  1.00 16.28 ? 38   VAL A CA  1 
ATOM   270  C  C   . VAL A 1 35  ? -9.289  4.173   -2.095  1.00 19.66 ? 38   VAL A C   1 
ATOM   271  O  O   . VAL A 1 35  ? -8.337  3.514   -2.495  1.00 16.86 ? 38   VAL A O   1 
ATOM   272  C  CB  . VAL A 1 35  ? -11.117 5.141   -3.529  1.00 16.64 ? 38   VAL A CB  1 
ATOM   273  C  CG1 . VAL A 1 35  ? -11.603 6.382   -4.298  1.00 19.38 ? 38   VAL A CG1 1 
ATOM   274  C  CG2 . VAL A 1 35  ? -11.042 3.901   -4.437  1.00 16.89 ? 38   VAL A CG2 1 
ATOM   275  N  N   . LEU A 1 36  ? -9.995  3.870   -1.004  1.00 18.91 ? 39   LEU A N   1 
ATOM   276  C  CA  . LEU A 1 36  ? -9.737  2.673   -0.204  1.00 16.53 ? 39   LEU A CA  1 
ATOM   277  C  C   . LEU A 1 36  ? -10.367 1.443   -0.879  1.00 17.40 ? 39   LEU A C   1 
ATOM   278  O  O   . LEU A 1 36  ? -11.575 1.384   -1.033  1.00 18.00 ? 39   LEU A O   1 
ATOM   279  C  CB  . LEU A 1 36  ? -10.334 2.816   1.196   1.00 18.06 ? 39   LEU A CB  1 
ATOM   280  C  CG  . LEU A 1 36  ? -10.022 1.711   2.192   1.00 18.64 ? 39   LEU A CG  1 
ATOM   281  C  CD1 . LEU A 1 36  ? -8.529  1.645   2.495   1.00 19.42 ? 39   LEU A CD1 1 
ATOM   282  C  CD2 . LEU A 1 36  ? -10.831 1.921   3.477   1.00 19.29 ? 39   LEU A CD2 1 
ATOM   283  N  N   . GLY A 1 37  ? -9.530  0.511   -1.312  1.00 18.38 ? 40   GLY A N   1 
ATOM   284  C  CA  . GLY A 1 37  ? -9.949  -0.790  -1.821  1.00 18.09 ? 40   GLY A CA  1 
ATOM   285  C  C   . GLY A 1 37  ? -10.217 -1.833  -0.717  1.00 18.82 ? 40   GLY A C   1 
ATOM   286  O  O   . GLY A 1 37  ? -11.096 -2.661  -0.829  1.00 18.77 ? 40   GLY A O   1 
ATOM   287  N  N   . ALA A 1 38  ? -9.399  -1.811  0.323   1.00 20.25 ? 41   ALA A N   1 
ATOM   288  C  CA  . ALA A 1 38  ? -9.475  -2.793  1.390   1.00 19.46 ? 41   ALA A CA  1 
ATOM   289  C  C   . ALA A 1 38  ? -8.694  -2.305  2.602   1.00 18.87 ? 41   ALA A C   1 
ATOM   290  O  O   . ALA A 1 38  ? -7.798  -1.471  2.489   1.00 18.91 ? 41   ALA A O   1 
ATOM   291  C  CB  . ALA A 1 38  ? -8.911  -4.148  0.915   1.00 16.80 ? 41   ALA A CB  1 
ATOM   292  N  N   . SER A 1 39  ? -9.039  -2.855  3.760   1.00 20.71 ? 42   SER A N   1 
ATOM   293  C  CA  . SER A 1 39  ? -8.272  -2.622  4.962   1.00 20.08 ? 42   SER A CA  1 
ATOM   294  C  C   . SER A 1 39  ? -8.430  -3.852  5.865   1.00 18.67 ? 42   SER A C   1 
ATOM   295  O  O   . SER A 1 39  ? -9.425  -4.600  5.746   1.00 18.63 ? 42   SER A O   1 
ATOM   296  C  CB  . SER A 1 39  ? -8.734  -1.334  5.621   1.00 16.11 ? 42   SER A CB  1 
ATOM   297  O  OG  . SER A 1 39  ? -10.071 -1.477  6.098   1.00 19.02 ? 42   SER A OG  1 
ATOM   298  N  N   . GLN A 1 40  ? -7.452  -4.066  6.747   1.00 17.74 ? 43   GLN A N   1 
ATOM   299  C  CA  . GLN A 1 40  ? -7.475  -5.188  7.682   1.00 17.81 ? 43   GLN A CA  1 
ATOM   300  C  C   . GLN A 1 40  ? -6.857  -4.771  9.008   1.00 18.86 ? 43   GLN A C   1 
ATOM   301  O  O   . GLN A 1 40  ? -5.883  -4.010  9.011   1.00 18.10 ? 43   GLN A O   1 
ATOM   302  C  CB  . GLN A 1 40  ? -6.618  -6.327  7.131   1.00 21.48 ? 43   GLN A CB  1 
ATOM   303  C  CG  . GLN A 1 40  ? -7.130  -6.947  5.877   1.00 24.85 ? 43   GLN A CG  1 
ATOM   304  C  CD  . GLN A 1 40  ? -6.310  -8.159  5.479   1.00 29.63 ? 43   GLN A CD  1 
ATOM   305  O  OE1 . GLN A 1 40  ? -5.360  -8.545  6.173   1.00 33.90 ? 43   GLN A OE1 1 
ATOM   306  N  NE2 . GLN A 1 40  ? -6.673  -8.764  4.355   1.00 35.45 ? 43   GLN A NE2 1 
ATOM   307  N  N   . GLU A 1 41  ? -7.413  -5.291  10.103  1.00 19.65 ? 44   GLU A N   1 
ATOM   308  C  CA  . GLU A 1 41  ? -6.845  -5.075  11.425  1.00 20.27 ? 44   GLU A CA  1 
ATOM   309  C  C   . GLU A 1 41  ? -5.677  -6.054  11.710  1.00 15.37 ? 44   GLU A C   1 
ATOM   310  O  O   . GLU A 1 41  ? -5.569  -7.125  11.103  1.00 18.68 ? 44   GLU A O   1 
ATOM   311  C  CB  A GLU A 1 41  ? -7.942  -5.224  12.499  0.50 21.03 ? 44   GLU A CB  1 
ATOM   312  C  CB  B GLU A 1 41  ? -7.910  -5.152  12.535  0.50 19.79 ? 44   GLU A CB  1 
ATOM   313  C  CG  A GLU A 1 41  ? -9.251  -4.487  12.153  0.50 22.38 ? 44   GLU A CG  1 
ATOM   314  C  CG  B GLU A 1 41  ? -8.224  -6.544  13.071  0.50 13.67 ? 44   GLU A CG  1 
ATOM   315  C  CD  A GLU A 1 41  ? -10.329 -4.618  13.212  0.50 26.92 ? 44   GLU A CD  1 
ATOM   316  C  CD  B GLU A 1 41  ? -8.994  -6.499  14.393  0.50 19.75 ? 44   GLU A CD  1 
ATOM   317  O  OE1 A GLU A 1 41  ? -10.507 -5.719  13.785  0.50 25.95 ? 44   GLU A OE1 1 
ATOM   318  O  OE1 B GLU A 1 41  ? -9.602  -5.441  14.726  0.50 17.10 ? 44   GLU A OE1 1 
ATOM   319  O  OE2 A GLU A 1 41  ? -11.018 -3.609  13.458  0.50 27.22 ? 44   GLU A OE2 1 
ATOM   320  O  OE2 B GLU A 1 41  ? -8.982  -7.520  15.114  0.50 13.62 ? 44   GLU A OE2 1 
ATOM   321  N  N   . PRO A 1 42  ? -4.798  -5.685  12.644  1.00 16.93 ? 45   PRO A N   1 
ATOM   322  C  CA  . PRO A 1 42  ? -3.763  -6.612  13.072  1.00 19.98 ? 45   PRO A CA  1 
ATOM   323  C  C   . PRO A 1 42  ? -4.376  -7.827  13.761  1.00 18.84 ? 45   PRO A C   1 
ATOM   324  O  O   . PRO A 1 42  ? -5.454  -7.735  14.371  1.00 16.86 ? 45   PRO A O   1 
ATOM   325  C  CB  . PRO A 1 42  ? -2.921  -5.798  14.070  1.00 20.27 ? 45   PRO A CB  1 
ATOM   326  C  CG  . PRO A 1 42  ? -3.337  -4.410  13.912  1.00 23.76 ? 45   PRO A CG  1 
ATOM   327  C  CD  . PRO A 1 42  ? -4.715  -4.394  13.358  1.00 21.00 ? 45   PRO A CD  1 
ATOM   328  N  N   . VAL A 1 43  ? -3.696  -8.953  13.643  1.00 20.93 ? 46   VAL A N   1 
ATOM   329  C  CA  . VAL A 1 43  ? -4.107  -10.170 14.315  1.00 18.89 ? 46   VAL A CA  1 
ATOM   330  C  C   . VAL A 1 43  ? -3.023  -10.614 15.306  1.00 19.01 ? 46   VAL A C   1 
ATOM   331  O  O   . VAL A 1 43  ? -3.288  -10.739 16.481  1.00 21.46 ? 46   VAL A O   1 
ATOM   332  C  CB  . VAL A 1 43  ? -4.402  -11.275 13.318  1.00 19.14 ? 46   VAL A CB  1 
ATOM   333  C  CG1 . VAL A 1 43  ? -4.785  -12.582 14.057  1.00 17.11 ? 46   VAL A CG1 1 
ATOM   334  C  CG2 . VAL A 1 43  ? -5.504  -10.835 12.363  1.00 24.06 ? 46   VAL A CG2 1 
ATOM   335  N  N   . GLY A 1 44  ? -1.818  -10.853 14.796  1.00 16.49 ? 47   GLY A N   1 
ATOM   336  C  CA  . GLY A 1 44  ? -0.647  -11.149 15.617  1.00 20.14 ? 47   GLY A CA  1 
ATOM   337  C  C   . GLY A 1 44  ? 0.425   -10.122 15.306  1.00 20.52 ? 47   GLY A C   1 
ATOM   338  O  O   . GLY A 1 44  ? 0.110   -8.957  15.061  1.00 16.49 ? 47   GLY A O   1 
ATOM   339  N  N   . ARG A 1 45  ? 1.688   -10.544 15.341  1.00 16.75 ? 48   ARG A N   1 
ATOM   340  C  CA  . ARG A 1 45  ? 2.797   -9.642  15.011  1.00 16.14 ? 48   ARG A CA  1 
ATOM   341  C  C   . ARG A 1 45  ? 2.806   -9.315  13.534  1.00 20.41 ? 48   ARG A C   1 
ATOM   342  O  O   . ARG A 1 45  ? 2.222   -10.039 12.724  1.00 15.41 ? 48   ARG A O   1 
ATOM   343  C  CB  . ARG A 1 45  ? 4.142   -10.272 15.368  1.00 17.77 ? 48   ARG A CB  1 
ATOM   344  C  CG  . ARG A 1 45  ? 4.327   -10.734 16.811  1.00 20.39 ? 48   ARG A CG  1 
ATOM   345  C  CD  . ARG A 1 45  ? 5.794   -11.166 17.036  1.00 21.03 ? 48   ARG A CD  1 
ATOM   346  N  NE  . ARG A 1 45  ? 6.256   -12.093 15.990  1.00 23.74 ? 48   ARG A NE  1 
ATOM   347  C  CZ  . ARG A 1 45  ? 6.262   -13.426 16.098  1.00 29.37 ? 48   ARG A CZ  1 
ATOM   348  N  NH1 . ARG A 1 45  ? 5.862   -14.039 17.209  1.00 24.40 ? 48   ARG A NH1 1 
ATOM   349  N  NH2 . ARG A 1 45  ? 6.689   -14.161 15.089  1.00 21.63 ? 48   ARG A NH2 1 
ATOM   350  N  N   . TRP A 1 46  ? 3.498   -8.228  13.187  1.00 17.73 ? 49   TRP A N   1 
ATOM   351  C  CA  . TRP A 1 46  ? 3.629   -7.800  11.803  1.00 19.60 ? 49   TRP A CA  1 
ATOM   352  C  C   . TRP A 1 46  ? 4.127   -8.940  10.899  1.00 16.56 ? 49   TRP A C   1 
ATOM   353  O  O   . TRP A 1 46  ? 3.649   -9.085  9.785   1.00 19.51 ? 49   TRP A O   1 
ATOM   354  C  CB  . TRP A 1 46  ? 4.569   -6.581  11.700  1.00 21.91 ? 49   TRP A CB  1 
ATOM   355  C  CG  . TRP A 1 46  ? 6.001   -6.929  11.841  1.00 15.44 ? 49   TRP A CG  1 
ATOM   356  C  CD1 . TRP A 1 46  ? 6.715   -7.036  13.001  1.00 18.56 ? 49   TRP A CD1 1 
ATOM   357  C  CD2 . TRP A 1 46  ? 6.902   -7.298  10.780  1.00 21.44 ? 49   TRP A CD2 1 
ATOM   358  N  NE1 . TRP A 1 46  ? 8.016   -7.413  12.723  1.00 18.90 ? 49   TRP A NE1 1 
ATOM   359  C  CE2 . TRP A 1 46  ? 8.152   -7.574  11.368  1.00 17.84 ? 49   TRP A CE2 1 
ATOM   360  C  CE3 . TRP A 1 46  ? 6.773   -7.392  9.392   1.00 23.28 ? 49   TRP A CE3 1 
ATOM   361  C  CZ2 . TRP A 1 46  ? 9.273   -7.954  10.611  1.00 22.50 ? 49   TRP A CZ2 1 
ATOM   362  C  CZ3 . TRP A 1 46  ? 7.879   -7.762  8.644   1.00 26.11 ? 49   TRP A CZ3 1 
ATOM   363  C  CH2 . TRP A 1 46  ? 9.115   -8.035  9.254   1.00 28.24 ? 49   TRP A CH2 1 
ATOM   364  N  N   . ASP A 1 47  ? 5.093   -9.737  11.376  1.00 18.24 ? 50   ASP A N   1 
ATOM   365  C  CA  . ASP A 1 47  ? 5.603   -10.847 10.545  1.00 16.30 ? 50   ASP A CA  1 
ATOM   366  C  C   . ASP A 1 47  ? 4.604   -12.003 10.414  1.00 19.10 ? 50   ASP A C   1 
ATOM   367  O  O   . ASP A 1 47  ? 4.486   -12.605 9.340   1.00 19.48 ? 50   ASP A O   1 
ATOM   368  C  CB  . ASP A 1 47  ? 6.992   -11.356 10.980  1.00 17.33 ? 50   ASP A CB  1 
ATOM   369  C  CG  . ASP A 1 47  ? 7.061   -11.796 12.431  1.00 23.29 ? 50   ASP A CG  1 
ATOM   370  O  OD1 . ASP A 1 47  ? 6.315   -11.273 13.277  1.00 20.46 ? 50   ASP A OD1 1 
ATOM   371  O  OD2 . ASP A 1 47  ? 7.930   -12.645 12.725  1.00 26.40 ? 50   ASP A OD2 1 
ATOM   372  N  N   . GLN A 1 48  ? 3.854   -12.272 11.473  1.00 16.27 ? 51   GLN A N   1 
ATOM   373  C  CA  . GLN A 1 48  ? 2.827   -13.322 11.432  1.00 17.68 ? 51   GLN A CA  1 
ATOM   374  C  C   . GLN A 1 48  ? 1.673   -12.937 10.493  1.00 18.80 ? 51   GLN A C   1 
ATOM   375  O  O   . GLN A 1 48  ? 1.147   -13.796 9.781   1.00 16.60 ? 51   GLN A O   1 
ATOM   376  C  CB  . GLN A 1 48  ? 2.274   -13.591 12.842  1.00 16.58 ? 51   GLN A CB  1 
ATOM   377  C  CG  . GLN A 1 48  ? 3.313   -14.108 13.863  1.00 17.35 ? 51   GLN A CG  1 
ATOM   378  C  CD  . GLN A 1 48  ? 2.712   -14.299 15.241  1.00 14.01 ? 51   GLN A CD  1 
ATOM   379  O  OE1 . GLN A 1 48  ? 2.089   -13.389 15.806  1.00 16.68 ? 51   GLN A OE1 1 
ATOM   380  N  NE2 . GLN A 1 48  ? 2.929   -15.467 15.802  1.00 13.97 ? 51   GLN A NE2 1 
ATOM   381  N  N   . ASP A 1 49  ? 1.287   -11.656 10.495  1.00 17.51 ? 52   ASP A N   1 
ATOM   382  C  CA  . ASP A 1 49  ? 0.165   -11.164 9.671   1.00 18.27 ? 52   ASP A CA  1 
ATOM   383  C  C   . ASP A 1 49  ? 0.500   -11.039 8.162   1.00 20.25 ? 52   ASP A C   1 
ATOM   384  O  O   . ASP A 1 49  ? -0.408  -10.934 7.332   1.00 18.70 ? 52   ASP A O   1 
ATOM   385  C  CB  . ASP A 1 49  ? -0.280  -9.772  10.151  1.00 17.45 ? 52   ASP A CB  1 
ATOM   386  C  CG  . ASP A 1 49  ? -0.994  -9.791  11.503  1.00 17.59 ? 52   ASP A CG  1 
ATOM   387  O  OD1 . ASP A 1 49  ? -1.222  -10.894 12.056  1.00 21.21 ? 52   ASP A OD1 1 
ATOM   388  O  OD2 . ASP A 1 49  ? -1.293  -8.694  12.039  1.00 17.70 ? 52   ASP A OD2 1 
ATOM   389  N  N   . TYR A 1 50  ? 1.790   -11.024 7.828   1.00 15.69 ? 53   TYR A N   1 
ATOM   390  C  CA  . TYR A 1 50  ? 2.245   -10.464 6.546   1.00 18.72 ? 53   TYR A CA  1 
ATOM   391  C  C   . TYR A 1 50  ? 1.643   -11.150 5.298   1.00 16.86 ? 53   TYR A C   1 
ATOM   392  O  O   . TYR A 1 50  ? 0.891   -10.512 4.523   1.00 18.35 ? 53   TYR A O   1 
ATOM   393  C  CB  . TYR A 1 50  ? 3.781   -10.432 6.501   1.00 16.70 ? 53   TYR A CB  1 
ATOM   394  C  CG  . TYR A 1 50  ? 4.346   -9.639  5.317   1.00 18.24 ? 53   TYR A CG  1 
ATOM   395  C  CD1 . TYR A 1 50  ? 5.030   -8.441  5.502   1.00 25.09 ? 53   TYR A CD1 1 
ATOM   396  C  CD2 . TYR A 1 50  ? 4.191   -10.093 4.007   1.00 18.22 ? 53   TYR A CD2 1 
ATOM   397  C  CE1 . TYR A 1 50  ? 5.552   -7.720  4.416   1.00 20.47 ? 53   TYR A CE1 1 
ATOM   398  C  CE2 . TYR A 1 50  ? 4.730   -9.387  2.925   1.00 18.60 ? 53   TYR A CE2 1 
ATOM   399  C  CZ  . TYR A 1 50  ? 5.389   -8.198  3.128   1.00 21.29 ? 53   TYR A CZ  1 
ATOM   400  O  OH  . TYR A 1 50  ? 5.902   -7.500  2.029   1.00 23.98 ? 53   TYR A OH  1 
ATOM   401  N  N   . ASP A 1 51  ? 1.987   -12.421 5.082   1.00 17.09 ? 54   ASP A N   1 
ATOM   402  C  CA  . ASP A 1 51  ? 1.577   -13.110 3.843   1.00 19.08 ? 54   ASP A CA  1 
ATOM   403  C  C   . ASP A 1 51  ? 0.073   -13.275 3.742   1.00 18.30 ? 54   ASP A C   1 
ATOM   404  O  O   . ASP A 1 51  ? -0.503  -13.129 2.660   1.00 19.88 ? 54   ASP A O   1 
ATOM   405  C  CB  . ASP A 1 51  ? 2.256   -14.470 3.691   1.00 21.86 ? 54   ASP A CB  1 
ATOM   406  C  CG  . ASP A 1 51  ? 3.673   -14.383 3.078   1.00 17.39 ? 54   ASP A CG  1 
ATOM   407  O  OD1 . ASP A 1 51  ? 4.062   -13.331 2.533   1.00 19.45 ? 54   ASP A OD1 1 
ATOM   408  O  OD2 . ASP A 1 51  ? 4.366   -15.434 3.124   1.00 19.59 ? 54   ASP A OD2 1 
ATOM   409  N  N   . ARG A 1 52  ? -0.580  -13.596 4.858   1.00 16.80 ? 55   ARG A N   1 
ATOM   410  C  CA  . ARG A 1 52  ? -2.018  -13.816 4.840   1.00 19.40 ? 55   ARG A CA  1 
ATOM   411  C  C   . ARG A 1 52  ? -2.781  -12.499 4.565   1.00 20.94 ? 55   ARG A C   1 
ATOM   412  O  O   . ARG A 1 52  ? -3.880  -12.529 4.034   1.00 19.88 ? 55   ARG A O   1 
ATOM   413  C  CB  . ARG A 1 52  ? -2.481  -14.538 6.124   1.00 22.63 ? 55   ARG A CB  1 
ATOM   414  C  CG  A ARG A 1 52  ? -2.443  -13.684 7.384   0.40 23.08 ? 55   ARG A CG  1 
ATOM   415  C  CG  B ARG A 1 52  ? -2.450  -13.704 7.394   0.60 23.32 ? 55   ARG A CG  1 
ATOM   416  C  CD  A ARG A 1 52  ? -1.955  -14.459 8.628   0.40 25.78 ? 55   ARG A CD  1 
ATOM   417  C  CD  B ARG A 1 52  ? -2.737  -14.575 8.650   0.60 21.40 ? 55   ARG A CD  1 
ATOM   418  N  NE  A ARG A 1 52  ? -2.521  -15.802 8.756   0.40 20.07 ? 55   ARG A NE  1 
ATOM   419  N  NE  B ARG A 1 52  ? -2.417  -13.864 9.889   0.60 19.30 ? 55   ARG A NE  1 
ATOM   420  C  CZ  A ARG A 1 52  ? -2.100  -16.720 9.623   0.40 18.68 ? 55   ARG A CZ  1 
ATOM   421  C  CZ  B ARG A 1 52  ? -1.904  -14.419 10.994  0.60 17.25 ? 55   ARG A CZ  1 
ATOM   422  N  NH1 A ARG A 1 52  ? -1.095  -16.456 10.461  0.40 23.10 ? 55   ARG A NH1 1 
ATOM   423  N  NH1 B ARG A 1 52  ? -1.650  -15.728 11.076  0.60 18.51 ? 55   ARG A NH1 1 
ATOM   424  N  NH2 A ARG A 1 52  ? -2.697  -17.908 9.666   0.40 14.84 ? 55   ARG A NH2 1 
ATOM   425  N  NH2 B ARG A 1 52  ? -1.640  -13.650 12.037  0.60 11.23 ? 55   ARG A NH2 1 
ATOM   426  N  N   . ALA A 1 53  ? -2.179  -11.362 4.923   1.00 18.35 ? 56   ALA A N   1 
ATOM   427  C  CA  . ALA A 1 53  ? -2.735  -10.028 4.620   1.00 16.88 ? 56   ALA A CA  1 
ATOM   428  C  C   . ALA A 1 53  ? -2.449  -9.591  3.154   1.00 18.38 ? 56   ALA A C   1 
ATOM   429  O  O   . ALA A 1 53  ? -3.363  -9.241  2.406   1.00 21.83 ? 56   ALA A O   1 
ATOM   430  C  CB  . ALA A 1 53  ? -2.172  -8.979  5.599   1.00 17.89 ? 56   ALA A CB  1 
ATOM   431  N  N   . VAL A 1 54  ? -1.180  -9.645  2.762   1.00 17.94 ? 57   VAL A N   1 
ATOM   432  C  CA  . VAL A 1 54  ? -0.721  -9.089  1.500   1.00 17.28 ? 57   VAL A CA  1 
ATOM   433  C  C   . VAL A 1 54  ? -1.101  -9.947  0.269   1.00 16.41 ? 57   VAL A C   1 
ATOM   434  O  O   . VAL A 1 54  ? -1.678  -9.434  -0.700  1.00 19.50 ? 57   VAL A O   1 
ATOM   435  C  CB  . VAL A 1 54  ? 0.811   -8.872  1.548   1.00 17.21 ? 57   VAL A CB  1 
ATOM   436  C  CG1 . VAL A 1 54  ? 1.381   -8.473  0.155   1.00 19.93 ? 57   VAL A CG1 1 
ATOM   437  C  CG2 . VAL A 1 54  ? 1.163   -7.843  2.618   1.00 19.78 ? 57   VAL A CG2 1 
ATOM   438  N  N   . LEU A 1 55  ? -0.723  -11.225 0.289   1.00 18.95 ? 58   LEU A N   1 
ATOM   439  C  CA  . LEU A 1 55  ? -0.752  -12.014 -0.951  1.00 16.87 ? 58   LEU A CA  1 
ATOM   440  C  C   . LEU A 1 55  ? -2.153  -12.176 -1.583  1.00 18.28 ? 58   LEU A C   1 
ATOM   441  O  O   . LEU A 1 55  ? -2.265  -12.103 -2.811  1.00 19.12 ? 58   LEU A O   1 
ATOM   442  C  CB  . LEU A 1 55  ? -0.039  -13.349 -0.779  1.00 21.54 ? 58   LEU A CB  1 
ATOM   443  C  CG  . LEU A 1 55  ? 1.482   -13.295 -0.513  1.00 18.79 ? 58   LEU A CG  1 
ATOM   444  C  CD1 . LEU A 1 55  ? 2.032   -14.743 -0.385  1.00 24.81 ? 58   LEU A CD1 1 
ATOM   445  C  CD2 . LEU A 1 55  ? 2.259   -12.471 -1.555  1.00 20.50 ? 58   LEU A CD2 1 
ATOM   446  N  N   . PRO A 1 56  ? -3.199  -12.441 -0.772  1.00 21.06 ? 59   PRO A N   1 
ATOM   447  C  CA  . PRO A 1 56  ? -4.538  -12.591 -1.359  1.00 20.01 ? 59   PRO A CA  1 
ATOM   448  C  C   . PRO A 1 56  ? -5.105  -11.326 -2.024  1.00 17.78 ? 59   PRO A C   1 
ATOM   449  O  O   . PRO A 1 56  ? -6.075  -11.430 -2.781  1.00 20.98 ? 59   PRO A O   1 
ATOM   450  C  CB  . PRO A 1 56  ? -5.411  -12.992 -0.155  1.00 17.79 ? 59   PRO A CB  1 
ATOM   451  C  CG  . PRO A 1 56  ? -4.416  -13.541 0.864   1.00 19.49 ? 59   PRO A CG  1 
ATOM   452  C  CD  . PRO A 1 56  ? -3.229  -12.663 0.686   1.00 23.52 ? 59   PRO A CD  1 
ATOM   453  N  N   . LEU A 1 57  ? -4.553  -10.157 -1.691  1.00 18.72 ? 60   LEU A N   1 
ATOM   454  C  CA  . LEU A 1 57  ? -5.054  -8.873  -2.217  1.00 19.38 ? 60   LEU A CA  1 
ATOM   455  C  C   . LEU A 1 57  ? -4.373  -8.457  -3.548  1.00 19.75 ? 60   LEU A C   1 
ATOM   456  O  O   . LEU A 1 57  ? -4.688  -7.424  -4.110  1.00 21.49 ? 60   LEU A O   1 
ATOM   457  C  CB  . LEU A 1 57  ? -4.934  -7.783  -1.147  1.00 18.22 ? 60   LEU A CB  1 
ATOM   458  C  CG  . LEU A 1 57  ? -5.995  -7.853  -0.024  1.00 19.50 ? 60   LEU A CG  1 
ATOM   459  C  CD1 . LEU A 1 57  ? -5.617  -6.872  1.098   1.00 20.10 ? 60   LEU A CD1 1 
ATOM   460  C  CD2 . LEU A 1 57  ? -7.402  -7.604  -0.554  1.00 24.15 ? 60   LEU A CD2 1 
ATOM   461  N  N   . LEU A 1 58  ? -3.435  -9.271  -4.036  1.00 18.49 ? 61   LEU A N   1 
ATOM   462  C  CA  . LEU A 1 58  ? -2.691  -8.968  -5.258  1.00 19.89 ? 61   LEU A CA  1 
ATOM   463  C  C   . LEU A 1 58  ? -3.322  -9.626  -6.491  1.00 20.99 ? 61   LEU A C   1 
ATOM   464  O  O   . LEU A 1 58  ? -3.273  -10.840 -6.621  1.00 21.31 ? 61   LEU A O   1 
ATOM   465  C  CB  . LEU A 1 58  ? -1.245  -9.441  -5.113  1.00 19.11 ? 61   LEU A CB  1 
ATOM   466  C  CG  . LEU A 1 58  ? -0.464  -8.834  -3.950  1.00 22.67 ? 61   LEU A CG  1 
ATOM   467  C  CD1 . LEU A 1 58  ? 0.982   -9.376  -3.989  1.00 21.14 ? 61   LEU A CD1 1 
ATOM   468  C  CD2 . LEU A 1 58  ? -0.456  -7.299  -3.950  1.00 20.54 ? 61   LEU A CD2 1 
ATOM   469  N  N   . ASP A 1 59  ? -3.905  -8.806  -7.376  1.00 21.00 ? 62   ASP A N   1 
ATOM   470  C  CA  . ASP A 1 59  ? -4.548  -9.275  -8.600  1.00 20.00 ? 62   ASP A CA  1 
ATOM   471  C  C   . ASP A 1 59  ? -3.485  -9.505  -9.701  1.00 17.58 ? 62   ASP A C   1 
ATOM   472  O  O   . ASP A 1 59  ? -2.589  -8.672  -9.902  1.00 16.79 ? 62   ASP A O   1 
ATOM   473  C  CB  . ASP A 1 59  ? -5.621  -8.251  -9.031  1.00 19.75 ? 62   ASP A CB  1 
ATOM   474  C  CG  . ASP A 1 59  ? -6.498  -8.723  -10.214 1.00 24.92 ? 62   ASP A CG  1 
ATOM   475  O  OD1 . ASP A 1 59  ? -6.009  -9.231  -11.247 1.00 23.94 ? 62   ASP A OD1 1 
ATOM   476  O  OD2 . ASP A 1 59  ? -7.727  -8.527  -10.121 1.00 26.31 ? 62   ASP A OD2 1 
ATOM   477  N  N   . ALA A 1 60  ? -3.604  -10.626 -10.407 1.00 19.62 ? 63   ALA A N   1 
ATOM   478  C  CA  . ALA A 1 60  ? -2.685  -10.997 -11.500 1.00 17.03 ? 63   ALA A CA  1 
ATOM   479  C  C   . ALA A 1 60  ? -2.666  -9.992  -12.645 1.00 20.20 ? 63   ALA A C   1 
ATOM   480  O  O   . ALA A 1 60  ? -1.697  -9.946  -13.394 1.00 24.17 ? 63   ALA A O   1 
ATOM   481  C  CB  . ALA A 1 60  ? -3.027  -12.423 -12.048 1.00 21.04 ? 63   ALA A CB  1 
ATOM   482  N  N   . GLN A 1 61  ? -3.699  -9.142  -12.754 1.00 16.04 ? 64   GLN A N   1 
ATOM   483  C  CA  . GLN A 1 61  ? -3.746  -8.203  -13.884 1.00 16.54 ? 64   GLN A CA  1 
ATOM   484  C  C   . GLN A 1 61  ? -4.213  -6.776  -13.550 1.00 15.41 ? 64   GLN A C   1 
ATOM   485  O  O   . GLN A 1 61  ? -4.624  -6.009  -14.438 1.00 14.83 ? 64   GLN A O   1 
ATOM   486  C  CB  . GLN A 1 61  ? -4.580  -8.839  -14.992 1.00 16.14 ? 64   GLN A CB  1 
ATOM   487  C  CG  . GLN A 1 61  ? -6.048  -9.037  -14.608 1.00 16.64 ? 64   GLN A CG  1 
ATOM   488  C  CD  . GLN A 1 61  ? -6.905  -9.514  -15.779 1.00 13.90 ? 64   GLN A CD  1 
ATOM   489  O  OE1 . GLN A 1 61  ? -6.625  -9.202  -16.940 1.00 16.89 ? 64   GLN A OE1 1 
ATOM   490  N  NE2 . GLN A 1 61  ? -7.932  -10.308 -15.480 1.00 16.98 ? 64   GLN A NE2 1 
ATOM   491  N  N   . GLN A 1 62  ? -4.107  -6.404  -12.275 1.00 17.65 ? 65   GLN A N   1 
ATOM   492  C  CA  . GLN A 1 62  ? -4.285  -5.021  -11.883 1.00 15.14 ? 65   GLN A CA  1 
ATOM   493  C  C   . GLN A 1 62  ? -3.215  -4.565  -10.893 1.00 16.19 ? 65   GLN A C   1 
ATOM   494  O  O   . GLN A 1 62  ? -2.911  -5.280  -9.901  1.00 16.30 ? 65   GLN A O   1 
ATOM   495  C  CB  . GLN A 1 62  ? -5.624  -4.818  -11.226 1.00 18.03 ? 65   GLN A CB  1 
ATOM   496  C  CG  . GLN A 1 62  ? -6.784  -5.111  -12.088 1.00 22.96 ? 65   GLN A CG  1 
ATOM   497  C  CD  . GLN A 1 62  ? -8.010  -4.380  -11.610 1.00 42.33 ? 65   GLN A CD  1 
ATOM   498  O  OE1 . GLN A 1 62  ? -7.916  -3.272  -11.049 1.00 32.10 ? 65   GLN A OE1 1 
ATOM   499  N  NE2 . GLN A 1 62  ? -9.171  -4.991  -11.819 1.00 32.00 ? 65   GLN A NE2 1 
ATOM   500  N  N   . PRO A 1 63  ? -2.639  -3.371  -11.145 1.00 19.27 ? 66   PRO A N   1 
ATOM   501  C  CA  . PRO A 1 63  ? -1.757  -2.783  -10.124 1.00 19.04 ? 66   PRO A CA  1 
ATOM   502  C  C   . PRO A 1 63  ? -2.555  -2.383  -8.876  1.00 17.92 ? 66   PRO A C   1 
ATOM   503  O  O   . PRO A 1 63  ? -3.787  -2.199  -8.936  1.00 19.06 ? 66   PRO A O   1 
ATOM   504  C  CB  . PRO A 1 63  ? -1.195  -1.524  -10.821 1.00 19.10 ? 66   PRO A CB  1 
ATOM   505  C  CG  . PRO A 1 63  ? -1.464  -1.716  -12.311 1.00 20.02 ? 66   PRO A CG  1 
ATOM   506  C  CD  . PRO A 1 63  ? -2.760  -2.496  -12.322 1.00 20.65 ? 66   PRO A CD  1 
ATOM   507  N  N   . CYS A 1 64  ? -1.844  -2.218  -7.774  1.00 18.65 ? 67   CYS A N   1 
ATOM   508  C  CA  . CYS A 1 64  ? -2.361  -1.548  -6.600  1.00 17.43 ? 67   CYS A CA  1 
ATOM   509  C  C   . CYS A 1 64  ? -1.200  -1.060  -5.744  1.00 15.34 ? 67   CYS A C   1 
ATOM   510  O  O   . CYS A 1 64  ? -0.027  -1.220  -6.102  1.00 18.82 ? 67   CYS A O   1 
ATOM   511  C  CB  . CYS A 1 64  ? -3.295  -2.459  -5.822  1.00 18.01 ? 67   CYS A CB  1 
ATOM   512  S  SG  . CYS A 1 64  ? -2.470  -3.799  -4.886  1.00 20.89 ? 67   CYS A SG  1 
ATOM   513  N  N   . TYR A 1 65  ? -1.546  -0.404  -4.647  1.00 17.54 ? 68   TYR A N   1 
ATOM   514  C  CA  . TYR A 1 65  ? -0.587  -0.036  -3.616  1.00 18.27 ? 68   TYR A CA  1 
ATOM   515  C  C   . TYR A 1 65  ? -1.097  -0.612  -2.288  1.00 19.20 ? 68   TYR A C   1 
ATOM   516  O  O   . TYR A 1 65  ? -2.300  -0.592  -2.008  1.00 19.13 ? 68   TYR A O   1 
ATOM   517  C  CB  . TYR A 1 65  ? -0.491  1.478   -3.434  1.00 20.97 ? 68   TYR A CB  1 
ATOM   518  C  CG  . TYR A 1 65  ? -0.494  2.281   -4.680  1.00 17.74 ? 68   TYR A CG  1 
ATOM   519  C  CD1 . TYR A 1 65  ? 0.657   2.423   -5.443  1.00 18.40 ? 68   TYR A CD1 1 
ATOM   520  C  CD2 . TYR A 1 65  ? -1.666  2.904   -5.120  1.00 19.79 ? 68   TYR A CD2 1 
ATOM   521  C  CE1 . TYR A 1 65  ? 0.657   3.211   -6.617  1.00 19.16 ? 68   TYR A CE1 1 
ATOM   522  C  CE2 . TYR A 1 65  ? -1.680  3.681   -6.279  1.00 18.85 ? 68   TYR A CE2 1 
ATOM   523  C  CZ  . TYR A 1 65  ? -0.518  3.827   -7.025  1.00 19.59 ? 68   TYR A CZ  1 
ATOM   524  O  OH  . TYR A 1 65  ? -0.571  4.609   -8.164  1.00 21.64 ? 68   TYR A OH  1 
ATOM   525  N  N   . LEU A 1 66  ? -0.181  -1.087  -1.474  1.00 19.06 ? 69   LEU A N   1 
ATOM   526  C  CA  . LEU A 1 66  ? -0.491  -1.499  -0.111  1.00 17.64 ? 69   LEU A CA  1 
ATOM   527  C  C   . LEU A 1 66  ? 0.388   -0.690  0.847   1.00 17.96 ? 69   LEU A C   1 
ATOM   528  O  O   . LEU A 1 66  ? 1.594   -0.499  0.590   1.00 18.77 ? 69   LEU A O   1 
ATOM   529  C  CB  . LEU A 1 66  ? -0.225  -2.988  0.078   1.00 18.59 ? 69   LEU A CB  1 
ATOM   530  C  CG  . LEU A 1 66  ? -0.933  -3.971  -0.848  1.00 18.00 ? 69   LEU A CG  1 
ATOM   531  C  CD1 . LEU A 1 66  ? -0.421  -5.413  -0.589  1.00 22.85 ? 69   LEU A CD1 1 
ATOM   532  C  CD2 . LEU A 1 66  ? -2.463  -3.855  -0.695  1.00 18.41 ? 69   LEU A CD2 1 
ATOM   533  N  N   . LEU A 1 67  ? -0.238  -0.185  1.910   1.00 17.49 ? 70   LEU A N   1 
ATOM   534  C  CA  . LEU A 1 67  ? 0.455   0.342   3.090   1.00 19.54 ? 70   LEU A CA  1 
ATOM   535  C  C   . LEU A 1 67  ? 0.339   -0.733  4.175   1.00 19.13 ? 70   LEU A C   1 
ATOM   536  O  O   . LEU A 1 67  ? -0.755  -1.108  4.588   1.00 19.06 ? 70   LEU A O   1 
ATOM   537  C  CB  . LEU A 1 67  ? -0.146  1.684   3.519   1.00 16.66 ? 70   LEU A CB  1 
ATOM   538  C  CG  . LEU A 1 67  ? 0.284   2.851   2.609   1.00 18.20 ? 70   LEU A CG  1 
ATOM   539  C  CD1 . LEU A 1 67  ? -0.738  3.983   2.705   1.00 19.97 ? 70   LEU A CD1 1 
ATOM   540  C  CD2 . LEU A 1 67  ? 1.694   3.335   2.937   1.00 18.99 ? 70   LEU A CD2 1 
ATOM   541  N  N   . TYR A 1 68  ? 1.474   -1.288  4.558   1.00 18.24 ? 71   TYR A N   1 
ATOM   542  C  CA  . TYR A 1 68  ? 1.528   -2.417  5.480   1.00 17.84 ? 71   TYR A CA  1 
ATOM   543  C  C   . TYR A 1 68  ? 2.229   -2.015  6.781   1.00 17.35 ? 71   TYR A C   1 
ATOM   544  O  O   . TYR A 1 68  ? 3.376   -1.550  6.764   1.00 16.93 ? 71   TYR A O   1 
ATOM   545  C  CB  . TYR A 1 68  ? 2.261   -3.598  4.838   1.00 18.17 ? 71   TYR A CB  1 
ATOM   546  C  CG  . TYR A 1 68  ? 2.191   -4.794  5.747   1.00 20.06 ? 71   TYR A CG  1 
ATOM   547  C  CD1 . TYR A 1 68  ? 1.090   -5.628  5.701   1.00 18.02 ? 71   TYR A CD1 1 
ATOM   548  C  CD2 . TYR A 1 68  ? 3.167   -5.035  6.727   1.00 17.26 ? 71   TYR A CD2 1 
ATOM   549  C  CE1 . TYR A 1 68  ? 0.965   -6.687  6.562   1.00 21.85 ? 71   TYR A CE1 1 
ATOM   550  C  CE2 . TYR A 1 68  ? 3.049   -6.124  7.599   1.00 16.16 ? 71   TYR A CE2 1 
ATOM   551  C  CZ  . TYR A 1 68  ? 1.936   -6.941  7.511   1.00 17.31 ? 71   TYR A CZ  1 
ATOM   552  O  OH  . TYR A 1 68  ? 1.754   -8.009  8.348   1.00 20.21 ? 71   TYR A OH  1 
ATOM   553  N  N   . ARG A 1 69  ? 1.544   -2.165  7.920   1.00 19.63 ? 72   ARG A N   1 
ATOM   554  C  CA  . ARG A 1 69  ? 2.065   -1.603  9.159   1.00 18.75 ? 72   ARG A CA  1 
ATOM   555  C  C   . ARG A 1 69  ? 3.035   -2.571  9.827   1.00 18.36 ? 72   ARG A C   1 
ATOM   556  O  O   . ARG A 1 69  ? 2.714   -3.732  10.046  1.00 18.67 ? 72   ARG A O   1 
ATOM   557  C  CB  . ARG A 1 69  ? 0.937   -1.269  10.142  1.00 18.84 ? 72   ARG A CB  1 
ATOM   558  C  CG  . ARG A 1 69  ? 1.333   -0.229  11.172  1.00 18.22 ? 72   ARG A CG  1 
ATOM   559  C  CD  . ARG A 1 69  ? 0.414   -0.308  12.369  1.00 16.98 ? 72   ARG A CD  1 
ATOM   560  N  NE  . ARG A 1 69  ? 0.784   -1.376  13.302  1.00 20.98 ? 72   ARG A NE  1 
ATOM   561  C  CZ  . ARG A 1 69  ? 0.048   -1.786  14.321  1.00 25.54 ? 72   ARG A CZ  1 
ATOM   562  N  NH1 . ARG A 1 69  ? -1.162  -1.272  14.560  1.00 22.88 ? 72   ARG A NH1 1 
ATOM   563  N  NH2 . ARG A 1 69  ? 0.523   -2.743  15.093  1.00 21.63 ? 72   ARG A NH2 1 
ATOM   564  N  N   . LEU A 1 70  ? 4.208   -2.058  10.197  1.00 18.64 ? 73   LEU A N   1 
ATOM   565  C  CA  . LEU A 1 70  ? 5.115   -2.774  11.079  1.00 16.93 ? 73   LEU A CA  1 
ATOM   566  C  C   . LEU A 1 70  ? 4.572   -2.665  12.512  1.00 19.30 ? 73   LEU A C   1 
ATOM   567  O  O   . LEU A 1 70  ? 3.529   -2.035  12.709  1.00 20.70 ? 73   LEU A O   1 
ATOM   568  C  CB  . LEU A 1 70  ? 6.543   -2.215  10.953  1.00 16.15 ? 73   LEU A CB  1 
ATOM   569  C  CG  . LEU A 1 70  ? 7.109   -2.319  9.523   1.00 19.53 ? 73   LEU A CG  1 
ATOM   570  C  CD1 . LEU A 1 70  ? 8.383   -1.507  9.381   1.00 26.86 ? 73   LEU A CD1 1 
ATOM   571  C  CD2 . LEU A 1 70  ? 7.328   -3.808  9.118   1.00 20.75 ? 73   LEU A CD2 1 
ATOM   572  N  N   . ASP A 1 71  ? 5.248   -3.284  13.472  1.00 15.62 ? 74   ASP A N   1 
ATOM   573  C  CA  . ASP A 1 71  ? 4.904   -3.108  14.911  1.00 15.66 ? 74   ASP A CA  1 
ATOM   574  C  C   . ASP A 1 71  ? 5.721   -2.008  15.589  1.00 18.85 ? 74   ASP A C   1 
ATOM   575  O  O   . ASP A 1 71  ? 5.391   -1.592  16.700  1.00 21.84 ? 74   ASP A O   1 
ATOM   576  C  CB  . ASP A 1 71  ? 5.050   -4.423  15.674  1.00 21.38 ? 74   ASP A CB  1 
ATOM   577  C  CG  . ASP A 1 71  ? 4.002   -5.443  15.274  1.00 24.71 ? 74   ASP A CG  1 
ATOM   578  O  OD1 . ASP A 1 71  ? 2.911   -5.018  14.882  1.00 20.19 ? 74   ASP A OD1 1 
ATOM   579  O  OD2 . ASP A 1 71  ? 4.281   -6.650  15.327  1.00 19.73 ? 74   ASP A OD2 1 
ATOM   580  N  N   . SER A 1 72  ? 6.804   -1.584  14.938  1.00 17.02 ? 75   SER A N   1 
ATOM   581  C  CA  . SER A 1 72  ? 7.679   -0.539  15.460  1.00 19.99 ? 75   SER A CA  1 
ATOM   582  C  C   . SER A 1 72  ? 7.064   0.848   15.261  1.00 18.15 ? 75   SER A C   1 
ATOM   583  O  O   . SER A 1 72  ? 6.231   1.044   14.380  1.00 17.83 ? 75   SER A O   1 
ATOM   584  C  CB  . SER A 1 72  ? 9.034   -0.597  14.766  1.00 16.29 ? 75   SER A CB  1 
ATOM   585  O  OG  . SER A 1 72  ? 8.891   -0.589  13.368  1.00 20.57 ? 75   SER A OG  1 
ATOM   586  N  N   . GLN A 1 73  ? 7.493   1.795   16.091  1.00 21.98 ? 76   GLN A N   1 
ATOM   587  C  CA  . GLN A 1 73  ? 7.090   3.184   15.954  1.00 21.31 ? 76   GLN A CA  1 
ATOM   588  C  C   . GLN A 1 73  ? 8.345   4.047   15.959  1.00 19.83 ? 76   GLN A C   1 
ATOM   589  O  O   . GLN A 1 73  ? 9.258   3.829   16.758  1.00 15.61 ? 76   GLN A O   1 
ATOM   590  C  CB  . GLN A 1 73  ? 6.187   3.622   17.122  1.00 21.88 ? 76   GLN A CB  1 
ATOM   591  C  CG  . GLN A 1 73  ? 4.890   2.860   17.237  1.00 23.78 ? 76   GLN A CG  1 
ATOM   592  C  CD  . GLN A 1 73  ? 4.069   3.241   18.460  1.00 32.23 ? 76   GLN A CD  1 
ATOM   593  O  OE1 . GLN A 1 73  ? 3.726   4.406   18.649  1.00 58.11 ? 76   GLN A OE1 1 
ATOM   594  N  NE2 . GLN A 1 73  ? 3.734   2.251   19.285  1.00 33.14 ? 76   GLN A NE2 1 
ATOM   595  N  N   . ASN A 1 74  ? 8.405   5.010   15.052  1.00 20.59 ? 77   ASN A N   1 
ATOM   596  C  CA  . ASN A 1 74  ? 9.398   6.086   15.176  1.00 16.91 ? 77   ASN A CA  1 
ATOM   597  C  C   . ASN A 1 74  ? 8.793   7.222   15.996  1.00 20.08 ? 77   ASN A C   1 
ATOM   598  O  O   . ASN A 1 74  ? 7.719   7.067   16.599  1.00 19.23 ? 77   ASN A O   1 
ATOM   599  C  CB  . ASN A 1 74  ? 9.895   6.537   13.775  1.00 21.83 ? 77   ASN A CB  1 
ATOM   600  C  CG  . ASN A 1 74  ? 8.785   7.122   12.901  1.00 24.50 ? 77   ASN A CG  1 
ATOM   601  O  OD1 . ASN A 1 74  ? 7.763   7.599   13.406  1.00 21.45 ? 77   ASN A OD1 1 
ATOM   602  N  ND2 . ASN A 1 74  ? 8.978   7.075   11.572  1.00 21.98 ? 77   ASN A ND2 1 
ATOM   603  N  N   . ALA A 1 75  ? 9.474   8.364   16.047  1.00 19.22 ? 78   ALA A N   1 
ATOM   604  C  CA  . ALA A 1 75  ? 8.969   9.476   16.845  1.00 15.18 ? 78   ALA A CA  1 
ATOM   605  C  C   . ALA A 1 75  ? 7.786   10.218  16.217  1.00 15.99 ? 78   ALA A C   1 
ATOM   606  O  O   . ALA A 1 75  ? 7.280   11.175  16.817  1.00 20.26 ? 78   ALA A O   1 
ATOM   607  C  CB  . ALA A 1 75  ? 10.072  10.454  17.169  1.00 16.56 ? 78   ALA A CB  1 
ATOM   608  N  N   . GLN A 1 76  ? 7.342   9.809   15.034  1.00 17.66 ? 79   GLN A N   1 
ATOM   609  C  CA  . GLN A 1 76  ? 6.079   10.318  14.491  1.00 16.31 ? 79   GLN A CA  1 
ATOM   610  C  C   . GLN A 1 76  ? 5.065   9.219   14.167  1.00 16.34 ? 79   GLN A C   1 
ATOM   611  O  O   . GLN A 1 76  ? 4.210   9.356   13.261  1.00 19.52 ? 79   GLN A O   1 
ATOM   612  C  CB  . GLN A 1 76  ? 6.328   11.314  13.350  1.00 22.71 ? 79   GLN A CB  1 
ATOM   613  C  CG  . GLN A 1 76  ? 7.343   10.950  12.309  1.00 29.29 ? 79   GLN A CG  1 
ATOM   614  C  CD  . GLN A 1 76  ? 7.581   12.134  11.375  1.00 28.75 ? 79   GLN A CD  1 
ATOM   615  O  OE1 . GLN A 1 76  ? 7.868   13.268  11.797  1.00 33.48 ? 79   GLN A OE1 1 
ATOM   616  N  NE2 . GLN A 1 76  ? 7.413   11.891  10.126  1.00 22.68 ? 79   GLN A NE2 1 
ATOM   617  N  N   . GLY A 1 77  ? 5.183   8.122   14.914  1.00 17.35 ? 80   GLY A N   1 
ATOM   618  C  CA  . GLY A 1 77  ? 4.146   7.087   14.988  1.00 22.77 ? 80   GLY A CA  1 
ATOM   619  C  C   . GLY A 1 77  ? 4.555   5.742   14.410  1.00 19.04 ? 80   GLY A C   1 
ATOM   620  O  O   . GLY A 1 77  ? 5.745   5.446   14.219  1.00 15.69 ? 80   GLY A O   1 
ATOM   621  N  N   . PHE A 1 78  ? 3.556   4.917   14.147  1.00 18.50 ? 81   PHE A N   1 
ATOM   622  C  CA  . PHE A 1 78  ? 3.811   3.622   13.570  1.00 17.01 ? 81   PHE A CA  1 
ATOM   623  C  C   . PHE A 1 78  ? 4.559   3.777   12.268  1.00 18.95 ? 81   PHE A C   1 
ATOM   624  O  O   . PHE A 1 78  ? 4.297   4.684   11.516  1.00 17.94 ? 81   PHE A O   1 
ATOM   625  C  CB  . PHE A 1 78  ? 2.505   2.880   13.304  1.00 20.55 ? 81   PHE A CB  1 
ATOM   626  C  CG  . PHE A 1 78  ? 1.883   2.311   14.537  1.00 16.71 ? 81   PHE A CG  1 
ATOM   627  C  CD1 . PHE A 1 78  ? 2.489   1.244   15.201  1.00 21.58 ? 81   PHE A CD1 1 
ATOM   628  C  CD2 . PHE A 1 78  ? 0.690   2.813   15.019  1.00 20.83 ? 81   PHE A CD2 1 
ATOM   629  C  CE1 . PHE A 1 78  ? 1.913   0.694   16.332  1.00 31.84 ? 81   PHE A CE1 1 
ATOM   630  C  CE2 . PHE A 1 78  ? 0.098   2.267   16.160  1.00 30.36 ? 81   PHE A CE2 1 
ATOM   631  C  CZ  . PHE A 1 78  ? 0.721   1.216   16.817  1.00 23.02 ? 81   PHE A CZ  1 
ATOM   632  N  N   . GLU A 1 79  ? 5.455   2.838   12.012  1.00 16.53 ? 82   GLU A N   1 
ATOM   633  C  CA  . GLU A 1 79  ? 6.149   2.719   10.742  1.00 20.65 ? 82   GLU A CA  1 
ATOM   634  C  C   . GLU A 1 79  ? 5.443   1.778   9.791   1.00 20.20 ? 82   GLU A C   1 
ATOM   635  O  O   . GLU A 1 79  ? 4.957   0.695   10.172  1.00 15.82 ? 82   GLU A O   1 
ATOM   636  C  CB  . GLU A 1 79  ? 7.593   2.256   10.958  1.00 17.10 ? 82   GLU A CB  1 
ATOM   637  C  CG  . GLU A 1 79  ? 8.365   3.188   11.845  1.00 17.86 ? 82   GLU A CG  1 
ATOM   638  C  CD  . GLU A 1 79  ? 9.782   2.766   12.089  1.00 28.67 ? 82   GLU A CD  1 
ATOM   639  O  OE1 . GLU A 1 79  ? 10.024  1.645   12.601  1.00 23.13 ? 82   GLU A OE1 1 
ATOM   640  O  OE2 . GLU A 1 79  ? 10.662  3.588   11.775  1.00 24.02 ? 82   GLU A OE2 1 
ATOM   641  N  N   . TRP A 1 80  ? 5.461   2.177   8.521   1.00 18.03 ? 83   TRP A N   1 
ATOM   642  C  CA  . TRP A 1 80  ? 4.786   1.461   7.462   1.00 20.08 ? 83   TRP A CA  1 
ATOM   643  C  C   . TRP A 1 80  ? 5.731   1.088   6.297   1.00 16.43 ? 83   TRP A C   1 
ATOM   644  O  O   . TRP A 1 80  ? 6.731   1.778   6.005   1.00 18.16 ? 83   TRP A O   1 
ATOM   645  C  CB  . TRP A 1 80  ? 3.640   2.317   6.909   1.00 20.08 ? 83   TRP A CB  1 
ATOM   646  C  CG  . TRP A 1 80  ? 2.567   2.685   7.916   1.00 18.04 ? 83   TRP A CG  1 
ATOM   647  C  CD1 . TRP A 1 80  ? 2.635   3.663   8.866   1.00 18.21 ? 83   TRP A CD1 1 
ATOM   648  C  CD2 . TRP A 1 80  ? 1.262   2.092   8.043   1.00 15.25 ? 83   TRP A CD2 1 
ATOM   649  N  NE1 . TRP A 1 80  ? 1.456   3.710   9.594   1.00 16.69 ? 83   TRP A NE1 1 
ATOM   650  C  CE2 . TRP A 1 80  ? 0.596   2.765   9.103   1.00 18.50 ? 83   TRP A CE2 1 
ATOM   651  C  CE3 . TRP A 1 80  ? 0.581   1.086   7.358   1.00 18.49 ? 83   TRP A CE3 1 
ATOM   652  C  CZ2 . TRP A 1 80  ? -0.707  2.448   9.491   1.00 19.25 ? 83   TRP A CZ2 1 
ATOM   653  C  CZ3 . TRP A 1 80  ? -0.716  0.772   7.748   1.00 19.23 ? 83   TRP A CZ3 1 
ATOM   654  C  CH2 . TRP A 1 80  ? -1.342  1.444   8.816   1.00 19.08 ? 83   TRP A CH2 1 
ATOM   655  N  N   . LEU A 1 81  ? 5.391   -0.001  5.631   1.00 19.41 ? 84   LEU A N   1 
ATOM   656  C  CA  . LEU A 1 81  ? 5.976   -0.334  4.327   1.00 15.46 ? 84   LEU A CA  1 
ATOM   657  C  C   . LEU A 1 81  ? 4.994   0.124   3.244   1.00 19.06 ? 84   LEU A C   1 
ATOM   658  O  O   . LEU A 1 81  ? 3.799   -0.109  3.363   1.00 19.97 ? 84   LEU A O   1 
ATOM   659  C  CB  . LEU A 1 81  ? 6.156   -1.831  4.184   1.00 19.90 ? 84   LEU A CB  1 
ATOM   660  C  CG  . LEU A 1 81  ? 6.969   -2.522  5.251   1.00 17.48 ? 84   LEU A CG  1 
ATOM   661  C  CD1 . LEU A 1 81  ? 6.999   -4.034  4.976   1.00 21.92 ? 84   LEU A CD1 1 
ATOM   662  C  CD2 . LEU A 1 81  ? 8.406   -1.894  5.334   1.00 16.08 ? 84   LEU A CD2 1 
ATOM   663  N  N   . PHE A 1 82  ? 5.536   0.698   2.175   1.00 19.59 ? 85   PHE A N   1 
ATOM   664  C  CA  . PHE A 1 82  ? 4.778   1.133   1.029   1.00 17.47 ? 85   PHE A CA  1 
ATOM   665  C  C   . PHE A 1 82  ? 5.122   0.158   -0.098  1.00 19.15 ? 85   PHE A C   1 
ATOM   666  O  O   . PHE A 1 82  ? 6.221   0.162   -0.618  1.00 18.15 ? 85   PHE A O   1 
ATOM   667  C  CB  . PHE A 1 82  ? 5.151   2.570   0.687   1.00 23.30 ? 85   PHE A CB  1 
ATOM   668  C  CG  . PHE A 1 82  ? 4.426   3.130   -0.509  1.00 20.67 ? 85   PHE A CG  1 
ATOM   669  C  CD1 . PHE A 1 82  ? 3.040   3.025   -0.607  1.00 20.17 ? 85   PHE A CD1 1 
ATOM   670  C  CD2 . PHE A 1 82  ? 5.118   3.786   -1.516  1.00 32.22 ? 85   PHE A CD2 1 
ATOM   671  C  CE1 . PHE A 1 82  ? 2.361   3.564   -1.705  1.00 23.06 ? 85   PHE A CE1 1 
ATOM   672  C  CE2 . PHE A 1 82  ? 4.448   4.312   -2.620  1.00 36.01 ? 85   PHE A CE2 1 
ATOM   673  C  CZ  . PHE A 1 82  ? 3.072   4.192   -2.718  1.00 31.06 ? 85   PHE A CZ  1 
ATOM   674  N  N   . LEU A 1 83  ? 4.185   -0.721  -0.398  1.00 17.46 ? 86   LEU A N   1 
ATOM   675  C  CA  . LEU A 1 83  ? 4.360   -1.772  -1.430  1.00 17.45 ? 86   LEU A CA  1 
ATOM   676  C  C   . LEU A 1 83  ? 3.641   -1.384  -2.741  1.00 20.67 ? 86   LEU A C   1 
ATOM   677  O  O   . LEU A 1 83  ? 2.418   -1.183  -2.761  1.00 20.36 ? 86   LEU A O   1 
ATOM   678  C  CB  . LEU A 1 83  ? 3.836   -3.126  -0.943  1.00 19.93 ? 86   LEU A CB  1 
ATOM   679  C  CG  . LEU A 1 83  ? 4.165   -3.598  0.467   1.00 19.76 ? 86   LEU A CG  1 
ATOM   680  C  CD1 . LEU A 1 83  ? 3.428   -4.954  0.810   1.00 23.19 ? 86   LEU A CD1 1 
ATOM   681  C  CD2 . LEU A 1 83  ? 5.663   -3.710  0.681   1.00 22.32 ? 86   LEU A CD2 1 
ATOM   682  N  N   . ALA A 1 84  ? 4.399   -1.293  -3.823  1.00 20.08 ? 87   ALA A N   1 
ATOM   683  C  CA  . ALA A 1 84  ? 3.833   -1.003  -5.143  1.00 18.11 ? 87   ALA A CA  1 
ATOM   684  C  C   . ALA A 1 84  ? 3.737   -2.273  -5.963  1.00 20.33 ? 87   ALA A C   1 
ATOM   685  O  O   . ALA A 1 84  ? 4.751   -2.933  -6.229  1.00 19.57 ? 87   ALA A O   1 
ATOM   686  C  CB  . ALA A 1 84  ? 4.660   0.068   -5.881  1.00 22.94 ? 87   ALA A CB  1 
ATOM   687  N  N   . TRP A 1 85  ? 2.518   -2.619  -6.371  1.00 19.89 ? 88   TRP A N   1 
ATOM   688  C  CA  . TRP A 1 85  ? 2.277   -3.835  -7.143  1.00 18.83 ? 88   TRP A CA  1 
ATOM   689  C  C   . TRP A 1 85  ? 1.897   -3.466  -8.578  1.00 17.03 ? 88   TRP A C   1 
ATOM   690  O  O   . TRP A 1 85  ? 0.986   -2.661  -8.786  1.00 18.02 ? 88   TRP A O   1 
ATOM   691  C  CB  . TRP A 1 85  ? 1.153   -4.610  -6.482  1.00 18.99 ? 88   TRP A CB  1 
ATOM   692  C  CG  . TRP A 1 85  ? 0.604   -5.760  -7.247  1.00 15.93 ? 88   TRP A CG  1 
ATOM   693  C  CD1 . TRP A 1 85  ? -0.675  -5.881  -7.724  1.00 19.59 ? 88   TRP A CD1 1 
ATOM   694  C  CD2 . TRP A 1 85  ? 1.254   -7.009  -7.520  1.00 18.13 ? 88   TRP A CD2 1 
ATOM   695  N  NE1 . TRP A 1 85  ? -0.851  -7.133  -8.304  1.00 21.63 ? 88   TRP A NE1 1 
ATOM   696  C  CE2 . TRP A 1 85  ? 0.323   -7.832  -8.213  1.00 19.30 ? 88   TRP A CE2 1 
ATOM   697  C  CE3 . TRP A 1 85  ? 2.541   -7.506  -7.275  1.00 16.73 ? 88   TRP A CE3 1 
ATOM   698  C  CZ2 . TRP A 1 85  ? 0.635   -9.116  -8.654  1.00 15.96 ? 88   TRP A CZ2 1 
ATOM   699  C  CZ3 . TRP A 1 85  ? 2.868   -8.774  -7.743  1.00 19.03 ? 88   TRP A CZ3 1 
ATOM   700  C  CH2 . TRP A 1 85  ? 1.906   -9.585  -8.400  1.00 18.92 ? 88   TRP A CH2 1 
ATOM   701  N  N   . SER A 1 86  ? 2.602   -4.054  -9.552  1.00 17.03 ? 89   SER A N   1 
ATOM   702  C  CA  . SER A 1 86  ? 2.346   -3.807  -10.966 1.00 16.16 ? 89   SER A CA  1 
ATOM   703  C  C   . SER A 1 86  ? 2.709   -5.034  -11.813 1.00 15.58 ? 89   SER A C   1 
ATOM   704  O  O   . SER A 1 86  ? 3.800   -5.094  -12.388 1.00 18.68 ? 89   SER A O   1 
ATOM   705  C  CB  . SER A 1 86  ? 3.094   -2.586  -11.475 1.00 17.86 ? 89   SER A CB  1 
ATOM   706  O  OG  . SER A 1 86  ? 2.536   -2.202  -12.721 1.00 18.61 ? 89   SER A OG  1 
ATOM   707  N  N   . PRO A 1 87  ? 1.797   -6.009  -11.893 1.00 18.23 ? 90   PRO A N   1 
ATOM   708  C  CA  . PRO A 1 87  ? 2.149   -7.237  -12.618 1.00 19.19 ? 90   PRO A CA  1 
ATOM   709  C  C   . PRO A 1 87  ? 2.207   -6.992  -14.123 1.00 16.90 ? 90   PRO A C   1 
ATOM   710  O  O   . PRO A 1 87  ? 1.435   -6.168  -14.609 1.00 17.24 ? 90   PRO A O   1 
ATOM   711  C  CB  . PRO A 1 87  ? 1.014   -8.194  -12.249 1.00 19.86 ? 90   PRO A CB  1 
ATOM   712  C  CG  . PRO A 1 87  ? -0.143  -7.324  -11.958 1.00 17.90 ? 90   PRO A CG  1 
ATOM   713  C  CD  . PRO A 1 87  ? 0.413   -6.039  -11.379 1.00 16.57 ? 90   PRO A CD  1 
ATOM   714  N  N   . ASP A 1 88  ? 3.063   -7.712  -14.869 1.00 21.13 ? 91   ASP A N   1 
ATOM   715  C  CA  . ASP A 1 88  ? 3.233   -7.451  -16.336 1.00 18.92 ? 91   ASP A CA  1 
ATOM   716  C  C   . ASP A 1 88  ? 1.930   -7.650  -17.114 1.00 14.27 ? 91   ASP A C   1 
ATOM   717  O  O   . ASP A 1 88  ? 1.708   -7.016  -18.156 1.00 20.42 ? 91   ASP A O   1 
ATOM   718  C  CB  . ASP A 1 88  ? 4.279   -8.386  -16.964 1.00 26.88 ? 91   ASP A CB  1 
ATOM   719  C  CG  . ASP A 1 88  ? 5.714   -8.115  -16.490 1.00 27.04 ? 91   ASP A CG  1 
ATOM   720  O  OD1 . ASP A 1 88  ? 5.983   -7.138  -15.759 1.00 24.74 ? 91   ASP A OD1 1 
ATOM   721  O  OD2 . ASP A 1 88  ? 6.582   -8.916  -16.883 1.00 24.18 ? 91   ASP A OD2 1 
ATOM   722  N  N   . ASN A 1 89  ? 1.085   -8.563  -16.625 1.00 16.40 ? 92   ASN A N   1 
ATOM   723  C  CA  . ASN A 1 89  ? -0.197  -8.859  -17.269 1.00 13.75 ? 92   ASN A CA  1 
ATOM   724  C  C   . ASN A 1 89  ? -1.209  -7.692  -17.222 1.00 13.81 ? 92   ASN A C   1 
ATOM   725  O  O   . ASN A 1 89  ? -2.215  -7.718  -17.951 1.00 14.99 ? 92   ASN A O   1 
ATOM   726  C  CB  . ASN A 1 89  ? -0.827  -10.163 -16.719 1.00 16.70 ? 92   ASN A CB  1 
ATOM   727  C  CG  . ASN A 1 89  ? -0.091  -11.424 -17.188 1.00 14.68 ? 92   ASN A CG  1 
ATOM   728  O  OD1 . ASN A 1 89  ? 0.709   -11.383 -18.144 1.00 14.68 ? 92   ASN A OD1 1 
ATOM   729  N  ND2 . ASN A 1 89  ? -0.337  -12.548 -16.500 1.00 17.61 ? 92   ASN A ND2 1 
ATOM   730  N  N   . SER A 1 90  ? -0.942  -6.681  -16.407 1.00 13.92 ? 93   SER A N   1 
ATOM   731  C  CA  . SER A 1 90  ? -1.809  -5.500  -16.369 1.00 17.44 ? 93   SER A CA  1 
ATOM   732  C  C   . SER A 1 90  ? -1.782  -4.815  -17.743 1.00 17.69 ? 93   SER A C   1 
ATOM   733  O  O   . SER A 1 90  ? -0.726  -4.772  -18.408 1.00 20.79 ? 93   SER A O   1 
ATOM   734  C  CB  . SER A 1 90  ? -1.346  -4.491  -15.311 1.00 18.45 ? 93   SER A CB  1 
ATOM   735  O  OG  . SER A 1 90  ? -1.324  -5.065  -14.050 1.00 21.04 ? 93   SER A OG  1 
ATOM   736  N  N   . PRO A 1 91  ? -2.928  -4.273  -18.171 1.00 14.46 ? 94   PRO A N   1 
ATOM   737  C  CA  . PRO A 1 91  ? -2.953  -3.399  -19.332 1.00 19.91 ? 94   PRO A CA  1 
ATOM   738  C  C   . PRO A 1 91  ? -1.947  -2.255  -19.172 1.00 17.42 ? 94   PRO A C   1 
ATOM   739  O  O   . PRO A 1 91  ? -1.787  -1.714  -18.073 1.00 18.10 ? 94   PRO A O   1 
ATOM   740  C  CB  . PRO A 1 91  ? -4.396  -2.874  -19.354 1.00 21.30 ? 94   PRO A CB  1 
ATOM   741  C  CG  . PRO A 1 91  ? -5.187  -3.835  -18.578 1.00 28.35 ? 94   PRO A CG  1 
ATOM   742  C  CD  . PRO A 1 91  ? -4.255  -4.396  -17.536 1.00 17.98 ? 94   PRO A CD  1 
ATOM   743  N  N   . VAL A 1 92  ? -1.259  -1.914  -20.263 1.00 20.57 ? 95   VAL A N   1 
ATOM   744  C  CA  . VAL A 1 92  ? -0.228  -0.865  -20.229 1.00 20.11 ? 95   VAL A CA  1 
ATOM   745  C  C   . VAL A 1 92  ? -0.765  0.459   -19.661 1.00 19.48 ? 95   VAL A C   1 
ATOM   746  O  O   . VAL A 1 92  ? -0.093  1.107   -18.846 1.00 18.77 ? 95   VAL A O   1 
ATOM   747  C  CB  . VAL A 1 92  ? 0.425   -0.640  -21.616 1.00 20.11 ? 95   VAL A CB  1 
ATOM   748  C  CG1 . VAL A 1 92  ? -0.589  -0.082  -22.626 1.00 24.75 ? 95   VAL A CG1 1 
ATOM   749  C  CG2 . VAL A 1 92  ? 1.644   0.279   -21.476 1.00 24.64 ? 95   VAL A CG2 1 
ATOM   750  N  N   . ARG A 1 93  ? -1.993  0.813   -20.046 1.00 20.51 ? 96   ARG A N   1 
ATOM   751  C  CA  . ARG A 1 93  ? -2.655  2.027   -19.552 1.00 24.06 ? 96   ARG A CA  1 
ATOM   752  C  C   . ARG A 1 93  ? -2.777  2.058   -18.036 1.00 21.89 ? 96   ARG A C   1 
ATOM   753  O  O   . ARG A 1 93  ? -2.536  3.101   -17.398 1.00 19.78 ? 96   ARG A O   1 
ATOM   754  C  CB  . ARG A 1 93  ? -4.047  2.161   -20.159 1.00 21.00 ? 96   ARG A CB  1 
ATOM   755  C  CG  . ARG A 1 93  ? -4.744  3.472   -19.843 1.00 32.51 ? 96   ARG A CG  1 
ATOM   756  N  N   . LEU A 1 94  ? -3.156  0.921   -17.442 1.00 18.99 ? 97   LEU A N   1 
ATOM   757  C  CA  . LEU A 1 94  ? -3.217  0.842   -15.980 1.00 22.77 ? 97   LEU A CA  1 
ATOM   758  C  C   . LEU A 1 94  ? -1.834  0.930   -15.372 1.00 17.98 ? 97   LEU A C   1 
ATOM   759  O  O   . LEU A 1 94  ? -1.651  1.666   -14.409 1.00 20.13 ? 97   LEU A O   1 
ATOM   760  C  CB  . LEU A 1 94  ? -3.891  -0.450  -15.486 1.00 25.13 ? 97   LEU A CB  1 
ATOM   761  C  CG  . LEU A 1 94  ? -5.411  -0.484  -15.442 1.00 23.33 ? 97   LEU A CG  1 
ATOM   762  C  CD1 . LEU A 1 94  ? -5.875  -1.786  -14.789 1.00 24.08 ? 97   LEU A CD1 1 
ATOM   763  C  CD2 . LEU A 1 94  ? -5.984  0.736   -14.712 1.00 25.45 ? 97   LEU A CD2 1 
ATOM   764  N  N   . LYS A 1 95  ? -0.857  0.219   -15.951 1.00 18.16 ? 98   LYS A N   1 
ATOM   765  C  CA  . LYS A 1 95  ? 0.515   0.252   -15.422 1.00 20.46 ? 98   LYS A CA  1 
ATOM   766  C  C   . LYS A 1 95  ? 1.024   1.690   -15.355 1.00 15.84 ? 98   LYS A C   1 
ATOM   767  O  O   . LYS A 1 95  ? 1.618   2.115   -14.364 1.00 17.42 ? 98   LYS A O   1 
ATOM   768  C  CB  . LYS A 1 95  ? 1.479   -0.553  -16.302 1.00 21.17 ? 98   LYS A CB  1 
ATOM   769  C  CG  . LYS A 1 95  ? 1.339   -2.058  -16.265 1.00 30.77 ? 98   LYS A CG  1 
ATOM   770  C  CD  . LYS A 1 95  ? 2.105   -2.608  -17.456 1.00 33.62 ? 98   LYS A CD  1 
ATOM   771  C  CE  . LYS A 1 95  ? 2.410   -4.058  -17.359 1.00 28.64 ? 98   LYS A CE  1 
ATOM   772  N  NZ  . LYS A 1 95  ? 2.966   -4.437  -18.649 1.00 20.16 ? 98   LYS A NZ  1 
ATOM   773  N  N   . MET A 1 96  ? 0.805   2.444   -16.415 1.00 21.59 ? 99   MET A N   1 
ATOM   774  C  CA  . MET A 1 96  ? 1.327   3.802   -16.397 1.00 21.92 ? 99   MET A CA  1 
ATOM   775  C  C   . MET A 1 96  ? 0.551   4.725   -15.444 1.00 19.07 ? 99   MET A C   1 
ATOM   776  O  O   . MET A 1 96  ? 1.168   5.563   -14.787 1.00 21.02 ? 99   MET A O   1 
ATOM   777  C  CB  . MET A 1 96  ? 1.514   4.348   -17.806 1.00 19.83 ? 99   MET A CB  1 
ATOM   778  C  CG  A MET A 1 96  ? 1.551   5.849   -17.939 0.60 24.62 ? 99   MET A CG  1 
ATOM   779  C  CG  B MET A 1 96  ? 2.305   3.539   -18.804 0.40 19.55 ? 99   MET A CG  1 
ATOM   780  S  SD  A MET A 1 96  ? 3.164   6.388   -17.293 0.60 24.74 ? 99   MET A SD  1 
ATOM   781  S  SD  B MET A 1 96  ? 4.082   3.630   -18.378 0.40 28.95 ? 99   MET A SD  1 
ATOM   782  C  CE  A MET A 1 96  ? 4.148   6.156   -18.756 0.60 16.40 ? 99   MET A CE  1 
ATOM   783  C  CE  B MET A 1 96  ? 4.255   2.231   -17.268 0.40 23.47 ? 99   MET A CE  1 
ATOM   784  N  N   . LEU A 1 97  ? -0.768  4.546   -15.359 1.00 19.15 ? 100  LEU A N   1 
ATOM   785  C  CA  . LEU A 1 97  ? -1.606  5.320   -14.438 1.00 20.14 ? 100  LEU A CA  1 
ATOM   786  C  C   . LEU A 1 97  ? -1.134  5.133   -13.005 1.00 19.31 ? 100  LEU A C   1 
ATOM   787  O  O   . LEU A 1 97  ? -0.921  6.091   -12.263 1.00 17.49 ? 100  LEU A O   1 
ATOM   788  C  CB  . LEU A 1 97  ? -3.062  4.903   -14.584 1.00 16.43 ? 100  LEU A CB  1 
ATOM   789  C  CG  . LEU A 1 97  ? -4.104  5.502   -13.648 1.00 28.11 ? 100  LEU A CG  1 
ATOM   790  C  CD1 . LEU A 1 97  ? -4.055  7.015   -13.701 1.00 32.77 ? 100  LEU A CD1 1 
ATOM   791  C  CD2 . LEU A 1 97  ? -5.508  4.967   -14.012 1.00 28.63 ? 100  LEU A CD2 1 
ATOM   792  N  N   . TYR A 1 98  ? -0.948  3.877   -12.630 1.00 15.93 ? 101  TYR A N   1 
ATOM   793  C  CA  . TYR A 1 98  ? -0.460  3.571   -11.294 1.00 17.87 ? 101  TYR A CA  1 
ATOM   794  C  C   . TYR A 1 98  ? 0.982   4.057   -11.074 1.00 17.47 ? 101  TYR A C   1 
ATOM   795  O  O   . TYR A 1 98  ? 1.312   4.541   -9.980  1.00 19.22 ? 101  TYR A O   1 
ATOM   796  C  CB  . TYR A 1 98  ? -0.621  2.086   -10.957 1.00 19.77 ? 101  TYR A CB  1 
ATOM   797  C  CG  . TYR A 1 98  ? -2.032  1.749   -10.499 1.00 20.22 ? 101  TYR A CG  1 
ATOM   798  C  CD1 . TYR A 1 98  ? -3.050  1.497   -11.416 1.00 17.85 ? 101  TYR A CD1 1 
ATOM   799  C  CD2 . TYR A 1 98  ? -2.353  1.703   -9.140  1.00 20.50 ? 101  TYR A CD2 1 
ATOM   800  C  CE1 . TYR A 1 98  ? -4.344  1.174   -10.992 1.00 19.67 ? 101  TYR A CE1 1 
ATOM   801  C  CE2 . TYR A 1 98  ? -3.646  1.369   -8.707  1.00 15.79 ? 101  TYR A CE2 1 
ATOM   802  C  CZ  . TYR A 1 98  ? -4.634  1.139   -9.631  1.00 19.13 ? 101  TYR A CZ  1 
ATOM   803  O  OH  . TYR A 1 98  ? -5.900  0.828   -9.214  1.00 20.79 ? 101  TYR A OH  1 
ATOM   804  N  N   . ALA A 1 99  ? 1.837   3.893   -12.086 1.00 17.32 ? 102  ALA A N   1 
ATOM   805  C  CA  . ALA A 1 99  ? 3.236   4.360   -11.994 1.00 21.13 ? 102  ALA A CA  1 
ATOM   806  C  C   . ALA A 1 99  ? 3.259   5.864   -11.798 1.00 20.82 ? 102  ALA A C   1 
ATOM   807  O  O   . ALA A 1 99  ? 3.960   6.377   -10.920 1.00 22.54 ? 102  ALA A O   1 
ATOM   808  C  CB  . ALA A 1 99  ? 4.030   3.976   -13.234 1.00 20.33 ? 102  ALA A CB  1 
ATOM   809  N  N   . ALA A 1 100 ? 2.458   6.562   -12.596 1.00 18.96 ? 103  ALA A N   1 
ATOM   810  C  CA  . ALA A 1 100 ? 2.378   8.021   -12.555 1.00 21.35 ? 103  ALA A CA  1 
ATOM   811  C  C   . ALA A 1 100 ? 1.854   8.564   -11.221 1.00 18.33 ? 103  ALA A C   1 
ATOM   812  O  O   . ALA A 1 100 ? 2.173   9.696   -10.833 1.00 20.23 ? 103  ALA A O   1 
ATOM   813  C  CB  . ALA A 1 100 ? 1.493   8.516   -13.704 1.00 22.57 ? 103  ALA A CB  1 
ATOM   814  N  N   . THR A 1 101 ? 1.066   7.759   -10.508 1.00 16.53 ? 104  THR A N   1 
ATOM   815  C  CA  . THR A 1 101 ? 0.326   8.217   -9.341  1.00 18.06 ? 104  THR A CA  1 
ATOM   816  C  C   . THR A 1 101 ? 0.985   7.761   -8.021  1.00 18.81 ? 104  THR A C   1 
ATOM   817  O  O   . THR A 1 101 ? 0.618   8.207   -6.922  1.00 17.98 ? 104  THR A O   1 
ATOM   818  C  CB  . THR A 1 101 ? -1.161  7.740   -9.469  1.00 17.98 ? 104  THR A CB  1 
ATOM   819  O  OG1 . THR A 1 101 ? -1.678  8.147   -10.748 1.00 17.71 ? 104  THR A OG1 1 
ATOM   820  C  CG2 . THR A 1 101 ? -2.035  8.295   -8.348  1.00 22.61 ? 104  THR A CG2 1 
ATOM   821  N  N   . ARG A 1 102 ? 1.971   6.876   -8.125  1.00 20.47 ? 105  ARG A N   1 
ATOM   822  C  CA  . ARG A 1 102 ? 2.686   6.360   -6.943  1.00 19.00 ? 105  ARG A CA  1 
ATOM   823  C  C   . ARG A 1 102 ? 3.150   7.428   -5.947  1.00 18.91 ? 105  ARG A C   1 
ATOM   824  O  O   . ARG A 1 102 ? 2.912   7.318   -4.735  1.00 20.60 ? 105  ARG A O   1 
ATOM   825  C  CB  . ARG A 1 102 ? 3.895   5.538   -7.396  1.00 19.43 ? 105  ARG A CB  1 
ATOM   826  C  CG  . ARG A 1 102 ? 4.571   4.808   -6.287  1.00 21.25 ? 105  ARG A CG  1 
ATOM   827  C  CD  . ARG A 1 102 ? 5.931   4.239   -6.691  1.00 25.51 ? 105  ARG A CD  1 
ATOM   828  N  NE  . ARG A 1 102 ? 6.594   3.748   -5.487  1.00 31.16 ? 105  ARG A NE  1 
ATOM   829  C  CZ  . ARG A 1 102 ? 7.292   4.503   -4.638  1.00 32.12 ? 105  ARG A CZ  1 
ATOM   830  N  NH1 . ARG A 1 102 ? 7.456   5.805   -4.844  1.00 31.23 ? 105  ARG A NH1 1 
ATOM   831  N  NH2 . ARG A 1 102 ? 7.829   3.949   -3.568  1.00 30.41 ? 105  ARG A NH2 1 
ATOM   832  N  N   . ALA A 1 103 ? 3.872   8.425   -6.443  1.00 17.40 ? 106  ALA A N   1 
ATOM   833  C  CA  . ALA A 1 103 ? 4.423   9.504   -5.593  1.00 21.26 ? 106  ALA A CA  1 
ATOM   834  C  C   . ALA A 1 103 ? 3.323   10.238  -4.835  1.00 21.98 ? 106  ALA A C   1 
ATOM   835  O  O   . ALA A 1 103 ? 3.482   10.630  -3.665  1.00 20.94 ? 106  ALA A O   1 
ATOM   836  C  CB  . ALA A 1 103 ? 5.216   10.470  -6.434  1.00 22.36 ? 106  ALA A CB  1 
ATOM   837  N  N   . THR A 1 104 ? 2.195   10.426  -5.504  1.00 19.91 ? 107  THR A N   1 
ATOM   838  C  CA  . THR A 1 104 ? 1.046   11.086  -4.870  1.00 20.26 ? 107  THR A CA  1 
ATOM   839  C  C   . THR A 1 104 ? 0.546   10.318  -3.634  1.00 19.41 ? 107  THR A C   1 
ATOM   840  O  O   . THR A 1 104 ? 0.316   10.931  -2.603  1.00 18.29 ? 107  THR A O   1 
ATOM   841  C  CB  . THR A 1 104 ? -0.084  11.301  -5.887  1.00 18.61 ? 107  THR A CB  1 
ATOM   842  O  OG1 . THR A 1 104 ? 0.403   12.141  -6.927  1.00 20.30 ? 107  THR A OG1 1 
ATOM   843  C  CG2 . THR A 1 104 ? -1.275  11.975  -5.251  1.00 18.13 ? 107  THR A CG2 1 
ATOM   844  N  N   . VAL A 1 105 ? 0.389   8.997   -3.751  1.00 16.92 ? 108  VAL A N   1 
ATOM   845  C  CA  . VAL A 1 105 ? -0.043  8.144   -2.625  1.00 18.63 ? 108  VAL A CA  1 
ATOM   846  C  C   . VAL A 1 105 ? 0.905   8.327   -1.433  1.00 20.96 ? 108  VAL A C   1 
ATOM   847  O  O   . VAL A 1 105 ? 0.469   8.614   -0.310  1.00 18.64 ? 108  VAL A O   1 
ATOM   848  C  CB  . VAL A 1 105 ? -0.114  6.647   -3.030  1.00 19.61 ? 108  VAL A CB  1 
ATOM   849  C  CG1 . VAL A 1 105 ? -0.460  5.778   -1.796  1.00 21.55 ? 108  VAL A CG1 1 
ATOM   850  C  CG2 . VAL A 1 105 ? -1.123  6.458   -4.147  1.00 23.91 ? 108  VAL A CG2 1 
ATOM   851  N  N   . LYS A 1 106 ? 2.214   8.219   -1.691  1.00 19.48 ? 109  LYS A N   1 
ATOM   852  C  CA  . LYS A 1 106 ? 3.212   8.426   -0.640  1.00 21.71 ? 109  LYS A CA  1 
ATOM   853  C  C   . LYS A 1 106 ? 3.122   9.828   0.000   1.00 18.18 ? 109  LYS A C   1 
ATOM   854  O  O   . LYS A 1 106 ? 3.096   9.949   1.253   1.00 20.86 ? 109  LYS A O   1 
ATOM   855  C  CB  . LYS A 1 106 ? 4.612   8.220   -1.207  1.00 26.15 ? 109  LYS A CB  1 
ATOM   856  C  CG  . LYS A 1 106 ? 5.684   8.316   -0.172  1.00 30.68 ? 109  LYS A CG  1 
ATOM   857  C  CD  . LYS A 1 106 ? 7.050   8.085   -0.770  1.00 30.51 ? 109  LYS A CD  1 
ATOM   858  C  CE  . LYS A 1 106 ? 8.085   8.175   0.323   1.00 37.05 ? 109  LYS A CE  1 
ATOM   859  N  NZ  . LYS A 1 106 ? 9.472   7.978   -0.180  1.00 26.87 ? 109  LYS A NZ  1 
ATOM   860  N  N   . LYS A 1 107 ? 3.066   10.862  -0.838  1.00 19.59 ? 110  LYS A N   1 
ATOM   861  C  CA  . LYS A 1 107 ? 2.956   12.248  -0.369  1.00 19.48 ? 110  LYS A CA  1 
ATOM   862  C  C   . LYS A 1 107 ? 1.735   12.416  0.560   1.00 18.72 ? 110  LYS A C   1 
ATOM   863  O  O   . LYS A 1 107 ? 1.850   13.008  1.647   1.00 20.26 ? 110  LYS A O   1 
ATOM   864  C  CB  . LYS A 1 107 ? 2.896   13.241  -1.548  1.00 21.47 ? 110  LYS A CB  1 
ATOM   865  C  CG  . LYS A 1 107 ? 2.663   14.713  -1.146  1.00 22.79 ? 110  LYS A CG  1 
ATOM   866  C  CD  . LYS A 1 107 ? 3.693   15.233  -0.135  1.00 34.18 ? 110  LYS A CD  1 
ATOM   867  C  CE  . LYS A 1 107 ? 3.521   16.744  0.107   1.00 37.27 ? 110  LYS A CE  1 
ATOM   868  N  NZ  . LYS A 1 107 ? 4.274   17.236  1.294   1.00 29.36 ? 110  LYS A NZ  1 
ATOM   869  N  N   . GLU A 1 108 ? 0.588   11.918  0.130   1.00 16.84 ? 111  GLU A N   1 
ATOM   870  C  CA  . GLU A 1 108 ? -0.667  12.096  0.886   1.00 21.88 ? 111  GLU A CA  1 
ATOM   871  C  C   . GLU A 1 108 ? -0.616  11.350  2.216   1.00 22.01 ? 111  GLU A C   1 
ATOM   872  O  O   . GLU A 1 108 ? -1.086  11.850  3.239   1.00 21.41 ? 111  GLU A O   1 
ATOM   873  C  CB  . GLU A 1 108 ? -1.889  11.605  0.082   1.00 23.64 ? 111  GLU A CB  1 
ATOM   874  C  CG  . GLU A 1 108 ? -2.254  12.457  -1.164  1.00 26.00 ? 111  GLU A CG  1 
ATOM   875  C  CD  . GLU A 1 108 ? -2.602  13.909  -0.829  1.00 29.66 ? 111  GLU A CD  1 
ATOM   876  O  OE1 . GLU A 1 108 ? -2.872  14.219  0.355   1.00 30.83 ? 111  GLU A OE1 1 
ATOM   877  O  OE2 . GLU A 1 108 ? -2.595  14.748  -1.758  1.00 39.77 ? 111  GLU A OE2 1 
ATOM   878  N  N   . PHE A 1 109 ? -0.055  10.144  2.190   1.00 19.78 ? 112  PHE A N   1 
ATOM   879  C  CA  . PHE A 1 109 ? 0.049   9.356   3.421   1.00 16.78 ? 112  PHE A CA  1 
ATOM   880  C  C   . PHE A 1 109 ? 1.017   10.026  4.420   1.00 16.66 ? 112  PHE A C   1 
ATOM   881  O  O   . PHE A 1 109 ? 0.744   10.071  5.610   1.00 18.42 ? 112  PHE A O   1 
ATOM   882  C  CB  . PHE A 1 109 ? 0.518   7.926   3.157   1.00 19.56 ? 112  PHE A CB  1 
ATOM   883  C  CG  . PHE A 1 109 ? 0.508   7.055   4.404   1.00 18.98 ? 112  PHE A CG  1 
ATOM   884  C  CD1 . PHE A 1 109 ? -0.702  6.659   4.989   1.00 19.01 ? 112  PHE A CD1 1 
ATOM   885  C  CD2 . PHE A 1 109 ? 1.708   6.637   5.025   1.00 19.49 ? 112  PHE A CD2 1 
ATOM   886  C  CE1 . PHE A 1 109 ? -0.737  5.863   6.125   1.00 20.09 ? 112  PHE A CE1 1 
ATOM   887  C  CE2 . PHE A 1 109 ? 1.669   5.828   6.179   1.00 18.11 ? 112  PHE A CE2 1 
ATOM   888  C  CZ  . PHE A 1 109 ? 0.444   5.449   6.735   1.00 19.24 ? 112  PHE A CZ  1 
ATOM   889  N  N   . GLY A 1 110 ? 2.133   10.543  3.895   1.00 20.70 ? 113  GLY A N   1 
ATOM   890  C  CA  . GLY A 1 110 ? 3.205   11.141  4.682   1.00 19.19 ? 113  GLY A CA  1 
ATOM   891  C  C   . GLY A 1 110 ? 4.447   10.264  4.624   1.00 20.41 ? 113  GLY A C   1 
ATOM   892  O  O   . GLY A 1 110 ? 4.502   9.233   5.292   1.00 19.69 ? 113  GLY A O   1 
ATOM   893  N  N   . GLY A 1 111 ? 5.442   10.680  3.831   1.00 19.79 ? 114  GLY A N   1 
ATOM   894  C  CA  . GLY A 1 111 ? 6.701   9.902   3.661   1.00 21.31 ? 114  GLY A CA  1 
ATOM   895  C  C   . GLY A 1 111 ? 7.432   9.598   4.966   1.00 20.95 ? 114  GLY A C   1 
ATOM   896  O  O   . GLY A 1 111 ? 8.134   8.580   5.099   1.00 20.22 ? 114  GLY A O   1 
ATOM   897  N  N   . GLY A 1 112 ? 7.279   10.496  5.931   1.00 18.83 ? 115  GLY A N   1 
ATOM   898  C  CA  . GLY A 1 112 ? 7.885   10.348  7.256   1.00 19.67 ? 115  GLY A CA  1 
ATOM   899  C  C   . GLY A 1 112 ? 7.390   9.159   8.071   1.00 16.85 ? 115  GLY A C   1 
ATOM   900  O  O   . GLY A 1 112 ? 7.999   8.819   9.079   1.00 21.41 ? 115  GLY A O   1 
ATOM   901  N  N   . HIS A 1 113 ? 6.270   8.561   7.673   1.00 16.92 ? 116  HIS A N   1 
ATOM   902  C  CA  . HIS A 1 113 ? 5.721   7.383   8.350   1.00 15.15 ? 116  HIS A CA  1 
ATOM   903  C  C   . HIS A 1 113 ? 6.098   6.070   7.671   1.00 15.13 ? 116  HIS A C   1 
ATOM   904  O  O   . HIS A 1 113 ? 5.702   4.994   8.121   1.00 18.39 ? 116  HIS A O   1 
ATOM   905  C  CB  . HIS A 1 113 ? 4.203   7.489   8.426   1.00 23.97 ? 116  HIS A CB  1 
ATOM   906  C  CG  . HIS A 1 113 ? 3.730   8.802   8.970   1.00 15.75 ? 116  HIS A CG  1 
ATOM   907  N  ND1 . HIS A 1 113 ? 3.985   9.188   10.260  1.00 16.54 ? 116  HIS A ND1 1 
ATOM   908  C  CD2 . HIS A 1 113 ? 2.974   9.786   8.414   1.00 16.62 ? 116  HIS A CD2 1 
ATOM   909  C  CE1 . HIS A 1 113 ? 3.455   10.387  10.468  1.00 18.07 ? 116  HIS A CE1 1 
ATOM   910  N  NE2 . HIS A 1 113 ? 2.815   10.759  9.371   1.00 16.90 ? 116  HIS A NE2 1 
ATOM   911  N  N   . ILE A 1 114 ? 6.832   6.182   6.565   1.00 17.85 ? 117  ILE A N   1 
ATOM   912  C  CA  . ILE A 1 114 ? 7.143   5.049   5.701   1.00 17.63 ? 117  ILE A CA  1 
ATOM   913  C  C   . ILE A 1 114 ? 8.599   4.692   5.943   1.00 18.76 ? 117  ILE A C   1 
ATOM   914  O  O   . ILE A 1 114 ? 9.503   5.503   5.683   1.00 19.17 ? 117  ILE A O   1 
ATOM   915  C  CB  . ILE A 1 114 ? 6.877   5.371   4.204   1.00 16.74 ? 117  ILE A CB  1 
ATOM   916  C  CG1 . ILE A 1 114 ? 5.369   5.440   3.960   1.00 21.98 ? 117  ILE A CG1 1 
ATOM   917  C  CG2 . ILE A 1 114 ? 7.513   4.300   3.314   1.00 19.29 ? 117  ILE A CG2 1 
ATOM   918  C  CD1 . ILE A 1 114 ? 4.991   6.081   2.602   1.00 25.78 ? 117  ILE A CD1 1 
ATOM   919  N  N   . LYS A 1 115 ? 8.813   3.499   6.483   1.00 17.68 ? 118  LYS A N   1 
ATOM   920  C  CA  . LYS A 1 115 ? 10.156  3.014   6.778   1.00 19.92 ? 118  LYS A CA  1 
ATOM   921  C  C   . LYS A 1 115 ? 10.806  2.493   5.494   1.00 18.52 ? 118  LYS A C   1 
ATOM   922  O  O   . LYS A 1 115 ? 12.010  2.654   5.282   1.00 18.05 ? 118  LYS A O   1 
ATOM   923  C  CB  . LYS A 1 115 ? 10.121  1.910   7.858   1.00 19.39 ? 118  LYS A CB  1 
ATOM   924  C  CG  . LYS A 1 115 ? 11.495  1.255   8.135   1.00 22.14 ? 118  LYS A CG  1 
ATOM   925  C  CD  . LYS A 1 115 ? 11.506  0.427   9.424   1.00 34.26 ? 118  LYS A CD  1 
ATOM   926  C  CE  . LYS A 1 115 ? 12.824  -0.346  9.610   1.00 38.54 ? 118  LYS A CE  1 
ATOM   927  N  NZ  . LYS A 1 115 ? 12.756  -1.345  10.726  1.00 36.15 ? 118  LYS A NZ  1 
ATOM   928  N  N   . ASP A 1 116 ? 10.006  1.871   4.640   1.00 18.16 ? 119  ASP A N   1 
ATOM   929  C  CA  . ASP A 1 116 ? 10.584  1.264   3.425   1.00 14.63 ? 119  ASP A CA  1 
ATOM   930  C  C   . ASP A 1 116 ? 9.551   1.111   2.316   1.00 16.35 ? 119  ASP A C   1 
ATOM   931  O  O   . ASP A 1 116 ? 8.324   1.152   2.553   1.00 16.99 ? 119  ASP A O   1 
ATOM   932  C  CB  . ASP A 1 116 ? 11.239  -0.088  3.778   1.00 17.40 ? 119  ASP A CB  1 
ATOM   933  C  CG  . ASP A 1 116 ? 12.487  -0.395  2.935   1.00 14.76 ? 119  ASP A CG  1 
ATOM   934  O  OD1 . ASP A 1 116 ? 12.724  0.324   1.948   1.00 16.74 ? 119  ASP A OD1 1 
ATOM   935  O  OD2 . ASP A 1 116 ? 13.235  -1.361  3.239   1.00 17.35 ? 119  ASP A OD2 1 
ATOM   936  N  N   . GLU A 1 117 ? 10.085  0.972   1.101   1.00 18.67 ? 120  GLU A N   1 
ATOM   937  C  CA  . GLU A 1 117 ? 9.320   0.952   -0.142  1.00 19.18 ? 120  GLU A CA  1 
ATOM   938  C  C   . GLU A 1 117 ? 9.804   -0.246  -0.937  1.00 18.78 ? 120  GLU A C   1 
ATOM   939  O  O   . GLU A 1 117 ? 11.016  -0.433  -1.099  1.00 18.77 ? 120  GLU A O   1 
ATOM   940  C  CB  . GLU A 1 117 ? 9.563   2.231   -0.949  1.00 23.45 ? 120  GLU A CB  1 
ATOM   941  C  CG  . GLU A 1 117 ? 9.057   3.504   -0.253  1.00 18.16 ? 120  GLU A CG  1 
ATOM   942  C  CD  . GLU A 1 117 ? 9.764   4.765   -0.745  1.00 22.84 ? 120  GLU A CD  1 
ATOM   943  O  OE1 . GLU A 1 117 ? 10.855  5.096   -0.229  1.00 22.32 ? 120  GLU A OE1 1 
ATOM   944  O  OE2 . GLU A 1 117 ? 9.220   5.435   -1.635  1.00 23.59 ? 120  GLU A OE2 1 
ATOM   945  N  N   . LEU A 1 118 ? 8.851   -1.043  -1.420  1.00 16.97 ? 121  LEU A N   1 
ATOM   946  C  CA  . LEU A 1 118 ? 9.163   -2.225  -2.206  1.00 20.06 ? 121  LEU A CA  1 
ATOM   947  C  C   . LEU A 1 118 ? 8.277   -2.249  -3.437  1.00 21.87 ? 121  LEU A C   1 
ATOM   948  O  O   . LEU A 1 118 ? 7.197   -1.656  -3.465  1.00 19.81 ? 121  LEU A O   1 
ATOM   949  C  CB  . LEU A 1 118 ? 8.979   -3.497  -1.388  1.00 20.28 ? 121  LEU A CB  1 
ATOM   950  C  CG  . LEU A 1 118 ? 10.078  -3.803  -0.353  1.00 31.89 ? 121  LEU A CG  1 
ATOM   951  C  CD1 . LEU A 1 118 ? 9.747   -3.108  0.937   1.00 28.75 ? 121  LEU A CD1 1 
ATOM   952  C  CD2 . LEU A 1 118 ? 10.228  -5.310  -0.140  1.00 29.22 ? 121  LEU A CD2 1 
ATOM   953  N  N   . PHE A 1 119 ? 8.758   -2.955  -4.449  1.00 18.72 ? 122  PHE A N   1 
ATOM   954  C  CA  . PHE A 1 119 ? 8.039   -3.088  -5.715  1.00 18.82 ? 122  PHE A CA  1 
ATOM   955  C  C   . PHE A 1 119 ? 7.995   -4.566  -6.100  1.00 21.41 ? 122  PHE A C   1 
ATOM   956  O  O   . PHE A 1 119 ? 8.966   -5.310  -5.902  1.00 18.00 ? 122  PHE A O   1 
ATOM   957  C  CB  . PHE A 1 119 ? 8.753   -2.260  -6.799  1.00 20.38 ? 122  PHE A CB  1 
ATOM   958  C  CG  . PHE A 1 119 ? 8.243   -2.483  -8.187  1.00 19.54 ? 122  PHE A CG  1 
ATOM   959  C  CD1 . PHE A 1 119 ? 6.930   -2.187  -8.505  1.00 23.20 ? 122  PHE A CD1 1 
ATOM   960  C  CD2 . PHE A 1 119 ? 9.075   -2.974  -9.180  1.00 28.35 ? 122  PHE A CD2 1 
ATOM   961  C  CE1 . PHE A 1 119 ? 6.447   -2.378  -9.788  1.00 24.50 ? 122  PHE A CE1 1 
ATOM   962  C  CE2 . PHE A 1 119 ? 8.595   -3.165  -10.465 1.00 30.81 ? 122  PHE A CE2 1 
ATOM   963  C  CZ  . PHE A 1 119 ? 7.281   -2.863  -10.762 1.00 21.33 ? 122  PHE A CZ  1 
ATOM   964  N  N   . GLY A 1 120 ? 6.870   -4.985  -6.665  1.00 18.72 ? 123  GLY A N   1 
ATOM   965  C  CA  . GLY A 1 120 ? 6.786   -6.316  -7.231  1.00 18.31 ? 123  GLY A CA  1 
ATOM   966  C  C   . GLY A 1 120 ? 6.005   -6.379  -8.515  1.00 16.49 ? 123  GLY A C   1 
ATOM   967  O  O   . GLY A 1 120 ? 5.047   -5.645  -8.712  1.00 17.18 ? 123  GLY A O   1 
ATOM   968  N  N   . THR A 1 121 ? 6.417   -7.305  -9.375  1.00 16.61 ? 124  THR A N   1 
ATOM   969  C  CA  . THR A 1 121 ? 5.614   -7.677  -10.544 1.00 18.98 ? 124  THR A CA  1 
ATOM   970  C  C   . THR A 1 121 ? 5.095   -9.128  -10.482 1.00 20.26 ? 124  THR A C   1 
ATOM   971  O  O   . THR A 1 121 ? 4.215   -9.486  -11.257 1.00 16.30 ? 124  THR A O   1 
ATOM   972  C  CB  . THR A 1 121 ? 6.414   -7.508  -11.848 1.00 19.87 ? 124  THR A CB  1 
ATOM   973  O  OG1 . THR A 1 121 ? 7.414   -8.530  -11.915 1.00 18.80 ? 124  THR A OG1 1 
ATOM   974  C  CG2 . THR A 1 121 ? 7.058   -6.083  -11.939 1.00 18.97 ? 124  THR A CG2 1 
ATOM   975  N  N   . VAL A 1 122 ? 5.675   -9.950  -9.599  1.00 17.74 ? 125  VAL A N   1 
ATOM   976  C  CA  . VAL A 1 122 ? 5.208   -11.302 -9.282  1.00 19.26 ? 125  VAL A CA  1 
ATOM   977  C  C   . VAL A 1 122 ? 5.011   -11.375 -7.753  1.00 17.72 ? 125  VAL A C   1 
ATOM   978  O  O   . VAL A 1 122 ? 5.722   -10.697 -7.000  1.00 18.35 ? 125  VAL A O   1 
ATOM   979  C  CB  . VAL A 1 122 ? 6.199   -12.377 -9.815  1.00 15.77 ? 125  VAL A CB  1 
ATOM   980  C  CG1 . VAL A 1 122 ? 6.326   -12.263 -11.332 1.00 22.01 ? 125  VAL A CG1 1 
ATOM   981  C  CG2 . VAL A 1 122 ? 7.575   -12.222 -9.167  1.00 17.66 ? 125  VAL A CG2 1 
ATOM   982  N  N   . LYS A 1 123 ? 4.030   -12.154 -7.311  1.00 17.81 ? 126  LYS A N   1 
ATOM   983  C  CA  . LYS A 1 123 ? 3.620   -12.151 -5.896  1.00 22.09 ? 126  LYS A CA  1 
ATOM   984  C  C   . LYS A 1 123 ? 4.806   -12.402 -4.948  1.00 18.77 ? 126  LYS A C   1 
ATOM   985  O  O   . LYS A 1 123 ? 4.921   -11.753 -3.896  1.00 20.70 ? 126  LYS A O   1 
ATOM   986  C  CB  . LYS A 1 123 ? 2.489   -13.166 -5.648  1.00 24.15 ? 126  LYS A CB  1 
ATOM   987  C  CG  . LYS A 1 123 ? 1.131   -12.776 -6.263  1.00 30.11 ? 126  LYS A CG  1 
ATOM   988  C  CD  . LYS A 1 123 ? 0.010   -13.744 -5.816  1.00 28.59 ? 126  LYS A CD  1 
ATOM   989  N  N   . ASP A 1 124 ? 5.701   -13.303 -5.359  1.00 17.82 ? 127  ASP A N   1 
ATOM   990  C  CA  . ASP A 1 124 ? 6.905   -13.628 -4.590  1.00 20.63 ? 127  ASP A CA  1 
ATOM   991  C  C   . ASP A 1 124 ? 7.719   -12.364 -4.217  1.00 20.58 ? 127  ASP A C   1 
ATOM   992  O  O   . ASP A 1 124 ? 8.269   -12.266 -3.114  1.00 22.15 ? 127  ASP A O   1 
ATOM   993  C  CB  . ASP A 1 124 ? 7.747   -14.616 -5.387  1.00 22.28 ? 127  ASP A CB  1 
ATOM   994  C  CG  . ASP A 1 124 ? 8.776   -15.308 -4.549  1.00 28.60 ? 127  ASP A CG  1 
ATOM   995  O  OD1 . ASP A 1 124 ? 8.438   -15.752 -3.430  1.00 27.00 ? 127  ASP A OD1 1 
ATOM   996  O  OD2 . ASP A 1 124 ? 9.919   -15.407 -5.022  1.00 30.15 ? 127  ASP A OD2 1 
ATOM   997  N  N   . ASP A 1 125 ? 7.758   -11.380 -5.127  1.00 17.76 ? 128  ASP A N   1 
ATOM   998  C  CA  . ASP A 1 125 ? 8.496   -10.140 -4.927  1.00 16.51 ? 128  ASP A CA  1 
ATOM   999  C  C   . ASP A 1 125 ? 8.053   -9.417  -3.637  1.00 19.83 ? 128  ASP A C   1 
ATOM   1000 O  O   . ASP A 1 125 ? 8.871   -8.781  -2.948  1.00 21.33 ? 128  ASP A O   1 
ATOM   1001 C  CB  . ASP A 1 125 ? 8.272   -9.167  -6.096  1.00 20.67 ? 128  ASP A CB  1 
ATOM   1002 C  CG  . ASP A 1 125 ? 8.999   -9.550  -7.380  1.00 19.48 ? 128  ASP A CG  1 
ATOM   1003 O  OD1 . ASP A 1 125 ? 10.018  -10.287 -7.338  1.00 21.62 ? 128  ASP A OD1 1 
ATOM   1004 O  OD2 . ASP A 1 125 ? 8.546   -9.076  -8.460  1.00 20.82 ? 128  ASP A OD2 1 
ATOM   1005 N  N   . LEU A 1 126 ? 6.747   -9.471  -3.360  1.00 15.99 ? 129  LEU A N   1 
ATOM   1006 C  CA  . LEU A 1 126 ? 6.135   -8.714  -2.245  1.00 18.77 ? 129  LEU A CA  1 
ATOM   1007 C  C   . LEU A 1 126 ? 5.758   -9.566  -1.038  1.00 18.47 ? 129  LEU A C   1 
ATOM   1008 O  O   . LEU A 1 126 ? 5.219   -9.041  -0.072  1.00 20.58 ? 129  LEU A O   1 
ATOM   1009 C  CB  . LEU A 1 126 ? 4.894   -7.921  -2.710  1.00 19.91 ? 129  LEU A CB  1 
ATOM   1010 C  CG  . LEU A 1 126 ? 5.126   -6.776  -3.707  1.00 15.70 ? 129  LEU A CG  1 
ATOM   1011 C  CD1 . LEU A 1 126 ? 3.818   -6.010  -4.032  1.00 17.69 ? 129  LEU A CD1 1 
ATOM   1012 C  CD2 . LEU A 1 126 ? 6.233   -5.788  -3.271  1.00 23.21 ? 129  LEU A CD2 1 
ATOM   1013 N  N   . SER A 1 127 ? 6.008   -10.869 -1.120  1.00 18.50 ? 130  SER A N   1 
ATOM   1014 C  CA  . SER A 1 127 ? 5.806   -11.807 -0.011  1.00 21.67 ? 130  SER A CA  1 
ATOM   1015 C  C   . SER A 1 127 ? 6.761   -11.485 1.154   1.00 15.71 ? 130  SER A C   1 
ATOM   1016 O  O   . SER A 1 127 ? 7.728   -10.727 0.991   1.00 16.32 ? 130  SER A O   1 
ATOM   1017 C  CB  . SER A 1 127 ? 6.073   -13.238 -0.483  1.00 20.84 ? 130  SER A CB  1 
ATOM   1018 O  OG  . SER A 1 127 ? 7.463   -13.462 -0.762  1.00 15.93 ? 130  SER A OG  1 
ATOM   1019 N  N   . PHE A 1 128 ? 6.500   -12.086 2.313   1.00 19.52 ? 131  PHE A N   1 
ATOM   1020 C  CA  . PHE A 1 128 ? 7.409   -11.973 3.452   1.00 20.84 ? 131  PHE A CA  1 
ATOM   1021 C  C   . PHE A 1 128 ? 8.843   -12.373 3.062   1.00 16.53 ? 131  PHE A C   1 
ATOM   1022 O  O   . PHE A 1 128 ? 9.795   -11.687 3.420   1.00 19.65 ? 131  PHE A O   1 
ATOM   1023 C  CB  . PHE A 1 128 ? 6.905   -12.836 4.608   1.00 22.45 ? 131  PHE A CB  1 
ATOM   1024 C  CG  . PHE A 1 128 ? 7.719   -12.703 5.855   1.00 24.99 ? 131  PHE A CG  1 
ATOM   1025 C  CD1 . PHE A 1 128 ? 7.722   -11.520 6.562   1.00 27.95 ? 131  PHE A CD1 1 
ATOM   1026 C  CD2 . PHE A 1 128 ? 8.484   -13.776 6.322   1.00 22.01 ? 131  PHE A CD2 1 
ATOM   1027 C  CE1 . PHE A 1 128 ? 8.472   -11.387 7.724   1.00 24.49 ? 131  PHE A CE1 1 
ATOM   1028 C  CE2 . PHE A 1 128 ? 9.244   -13.655 7.480   1.00 19.79 ? 131  PHE A CE2 1 
ATOM   1029 C  CZ  . PHE A 1 128 ? 9.232   -12.453 8.182   1.00 20.07 ? 131  PHE A CZ  1 
ATOM   1030 N  N   . ALA A 1 129 ? 8.979   -13.467 2.304   1.00 17.40 ? 132  ALA A N   1 
ATOM   1031 C  CA  . ALA A 1 129 ? 10.271  -13.901 1.755   1.00 19.63 ? 132  ALA A CA  1 
ATOM   1032 C  C   . ALA A 1 129 ? 10.950  -12.781 0.933   1.00 18.66 ? 132  ALA A C   1 
ATOM   1033 O  O   . ALA A 1 129 ? 12.152  -12.533 1.081   1.00 18.63 ? 132  ALA A O   1 
ATOM   1034 C  CB  . ALA A 1 129 ? 10.093  -15.141 0.906   1.00 21.37 ? 132  ALA A CB  1 
ATOM   1035 N  N   . GLY A 1 130 ? 10.166  -12.115 0.086   1.00 16.43 ? 133  GLY A N   1 
ATOM   1036 C  CA  . GLY A 1 130 ? 10.631  -10.937 -0.661  1.00 17.65 ? 133  GLY A CA  1 
ATOM   1037 C  C   . GLY A 1 130 ? 11.105  -9.805  0.230   1.00 18.06 ? 133  GLY A C   1 
ATOM   1038 O  O   . GLY A 1 130 ? 12.220  -9.255  0.021   1.00 18.21 ? 133  GLY A O   1 
ATOM   1039 N  N   . TYR A 1 131 ? 10.303  -9.472  1.239   1.00 20.31 ? 134  TYR A N   1 
ATOM   1040 C  CA  . TYR A 1 131 ? 10.661  -8.416  2.172   1.00 19.92 ? 134  TYR A CA  1 
ATOM   1041 C  C   . TYR A 1 131 ? 11.963  -8.744  2.908   1.00 17.63 ? 134  TYR A C   1 
ATOM   1042 O  O   . TYR A 1 131 ? 12.840  -7.907  3.027   1.00 18.03 ? 134  TYR A O   1 
ATOM   1043 C  CB  . TYR A 1 131 ? 9.524   -8.088  3.153   1.00 21.78 ? 134  TYR A CB  1 
ATOM   1044 C  CG  . TYR A 1 131 ? 9.905   -6.945  4.102   1.00 21.63 ? 134  TYR A CG  1 
ATOM   1045 C  CD1 . TYR A 1 131 ? 10.438  -5.745  3.617   1.00 27.46 ? 134  TYR A CD1 1 
ATOM   1046 C  CD2 . TYR A 1 131 ? 9.750   -7.078  5.475   1.00 26.80 ? 134  TYR A CD2 1 
ATOM   1047 C  CE1 . TYR A 1 131 ? 10.808  -4.715  4.491   1.00 31.63 ? 134  TYR A CE1 1 
ATOM   1048 C  CE2 . TYR A 1 131 ? 10.098  -6.064  6.344   1.00 25.07 ? 134  TYR A CE2 1 
ATOM   1049 C  CZ  . TYR A 1 131 ? 10.637  -4.884  5.861   1.00 27.31 ? 134  TYR A CZ  1 
ATOM   1050 O  OH  . TYR A 1 131 ? 10.987  -3.881  6.762   1.00 27.17 ? 134  TYR A OH  1 
ATOM   1051 N  N   . GLN A 1 132 ? 12.117  -9.996  3.336   1.00 18.42 ? 135  GLN A N   1 
ATOM   1052 C  CA  . GLN A 1 132 ? 13.338  -10.412 4.040   1.00 18.87 ? 135  GLN A CA  1 
ATOM   1053 C  C   . GLN A 1 132 ? 14.610  -10.369 3.167   1.00 16.90 ? 135  GLN A C   1 
ATOM   1054 O  O   . GLN A 1 132 ? 15.716  -10.214 3.684   1.00 18.38 ? 135  GLN A O   1 
ATOM   1055 C  CB  . GLN A 1 132 ? 13.124  -11.803 4.628   1.00 23.26 ? 135  GLN A CB  1 
ATOM   1056 C  CG  . GLN A 1 132 ? 11.951  -11.846 5.630   1.00 21.25 ? 135  GLN A CG  1 
ATOM   1057 C  CD  . GLN A 1 132 ? 12.193  -10.969 6.824   1.00 35.18 ? 135  GLN A CD  1 
ATOM   1058 O  OE1 . GLN A 1 132 ? 11.597  -9.892  6.959   1.00 37.51 ? 135  GLN A OE1 1 
ATOM   1059 N  NE2 . GLN A 1 132 ? 13.090  -11.408 7.695   1.00 26.81 ? 135  GLN A NE2 1 
ATOM   1060 N  N   . LYS A 1 133 ? 14.450  -10.500 1.850   1.00 17.05 ? 136  LYS A N   1 
ATOM   1061 C  CA  . LYS A 1 133 ? 15.565  -10.435 0.910   1.00 21.04 ? 136  LYS A CA  1 
ATOM   1062 C  C   . LYS A 1 133 ? 15.875  -8.981  0.497   1.00 16.68 ? 136  LYS A C   1 
ATOM   1063 O  O   . LYS A 1 133 ? 16.916  -8.715  -0.097  1.00 18.22 ? 136  LYS A O   1 
ATOM   1064 C  CB  . LYS A 1 133 ? 15.274  -11.244 -0.363  1.00 21.54 ? 136  LYS A CB  1 
ATOM   1065 C  CG  . LYS A 1 133 ? 15.354  -12.788 -0.205  1.00 23.83 ? 136  LYS A CG  1 
ATOM   1066 C  CD  . LYS A 1 133 ? 16.783  -13.317 -0.020  1.00 35.23 ? 136  LYS A CD  1 
ATOM   1067 C  CE  . LYS A 1 133 ? 16.823  -14.864 0.039   1.00 38.01 ? 136  LYS A CE  1 
ATOM   1068 N  NZ  . LYS A 1 133 ? 16.446  -15.495 -1.283  1.00 21.31 ? 136  LYS A NZ  1 
ATOM   1069 N  N   . HIS A 1 134 ? 14.962  -8.068  0.779   1.00 18.68 ? 137  HIS A N   1 
ATOM   1070 C  CA  . HIS A 1 134 ? 15.084  -6.689  0.296   1.00 18.95 ? 137  HIS A CA  1 
ATOM   1071 C  C   . HIS A 1 134 ? 16.294  -5.994  0.909   1.00 21.61 ? 137  HIS A C   1 
ATOM   1072 O  O   . HIS A 1 134 ? 16.483  -6.059  2.119   1.00 23.94 ? 137  HIS A O   1 
ATOM   1073 C  CB  . HIS A 1 134 ? 13.822  -5.921  0.644   1.00 22.28 ? 137  HIS A CB  1 
ATOM   1074 C  CG  . HIS A 1 134 ? 13.870  -4.477  0.267   1.00 19.03 ? 137  HIS A CG  1 
ATOM   1075 N  ND1 . HIS A 1 134 ? 13.672  -4.029  -1.025  1.00 24.42 ? 137  HIS A ND1 1 
ATOM   1076 C  CD2 . HIS A 1 134 ? 14.084  -3.374  1.025   1.00 19.93 ? 137  HIS A CD2 1 
ATOM   1077 C  CE1 . HIS A 1 134 ? 13.770  -2.711  -1.047  1.00 22.25 ? 137  HIS A CE1 1 
ATOM   1078 N  NE2 . HIS A 1 134 ? 14.004  -2.291  0.184   1.00 17.05 ? 137  HIS A NE2 1 
ATOM   1079 O  OXT . HIS A 1 134 ? 17.092  -5.376  0.213   1.00 21.73 ? 137  HIS A OXT 1 
HETATM 1080 ZN ZN  . ZN  B 2 .   ? -7.148  18.423  -9.459  0.60 16.55 ? 1138 ZN  A ZN  1 
HETATM 1081 ZN ZN  . ZN  C 2 .   ? 14.257  -0.438  0.878   1.00 15.37 ? 1139 ZN  A ZN  1 
HETATM 1082 ZN ZN  . ZN  D 2 .   ? 12.444  3.200   12.614  0.50 22.76 ? 1140 ZN  A ZN  1 
HETATM 1083 C  C1  . EDO E 3 .   ? -3.495  12.181  5.331   1.00 29.42 ? 1141 EDO A C1  1 
HETATM 1084 O  O1  . EDO E 3 .   ? -2.427  11.255  5.570   1.00 20.17 ? 1141 EDO A O1  1 
HETATM 1085 C  C2  . EDO E 3 .   ? -4.353  12.405  6.577   1.00 26.61 ? 1141 EDO A C2  1 
HETATM 1086 O  O2  . EDO E 3 .   ? -3.678  13.345  7.418   1.00 29.70 ? 1141 EDO A O2  1 
HETATM 1087 O  O   . HOH F 4 .   ? -1.400  17.470  -11.686 1.00 22.33 ? 2001 HOH A O   1 
HETATM 1088 O  O   . HOH F 4 .   ? -4.892  12.928  -15.151 1.00 22.99 ? 2002 HOH A O   1 
HETATM 1089 O  O   . HOH F 4 .   ? -1.424  12.091  -8.805  1.00 22.45 ? 2003 HOH A O   1 
HETATM 1090 O  O   . HOH F 4 .   ? -2.777  15.328  -5.807  1.00 38.73 ? 2004 HOH A O   1 
HETATM 1091 O  O   . HOH F 4 .   ? -12.071 6.631   8.251   1.00 23.42 ? 2005 HOH A O   1 
HETATM 1092 O  O   . HOH F 4 .   ? -13.345 7.729   -1.390  1.00 24.61 ? 2006 HOH A O   1 
HETATM 1093 O  O   . HOH F 4 .   ? -12.760 14.135  -1.798  1.00 17.00 ? 2007 HOH A O   1 
HETATM 1094 O  O   . HOH F 4 .   ? -9.279  15.433  -2.413  1.00 20.35 ? 2008 HOH A O   1 
HETATM 1095 O  O   . HOH F 4 .   ? -7.493  17.762  2.990   1.00 31.00 ? 2009 HOH A O   1 
HETATM 1096 O  O   . HOH F 4 .   ? -12.838 7.820   5.701   1.00 24.66 ? 2010 HOH A O   1 
HETATM 1097 O  O   . HOH F 4 .   ? -17.900 10.954  3.480   1.00 33.11 ? 2011 HOH A O   1 
HETATM 1098 O  O   . HOH F 4 .   ? -6.018  16.461  -2.859  1.00 27.21 ? 2012 HOH A O   1 
HETATM 1099 O  O   . HOH F 4 .   ? -3.673  9.860   13.215  1.00 14.24 ? 2013 HOH A O   1 
HETATM 1100 O  O   . HOH F 4 .   ? -13.151 3.929   8.787   1.00 29.38 ? 2014 HOH A O   1 
HETATM 1101 O  O   . HOH F 4 .   ? -14.622 5.365   11.956  1.00 27.77 ? 2015 HOH A O   1 
HETATM 1102 O  O   . HOH F 4 .   ? -10.770 -7.903  7.463   1.00 19.01 ? 2016 HOH A O   1 
HETATM 1103 O  O   . HOH F 4 .   ? 3.528   14.057  -5.659  1.00 40.14 ? 2017 HOH A O   1 
HETATM 1104 O  O   . HOH F 4 .   ? -2.720  0.921   12.699  1.00 14.66 ? 2018 HOH A O   1 
HETATM 1105 O  O   . HOH F 4 .   ? -5.487  -3.723  16.737  1.00 37.66 ? 2019 HOH A O   1 
HETATM 1106 O  O   . HOH F 4 .   ? 1.060   6.351   14.837  1.00 20.38 ? 2020 HOH A O   1 
HETATM 1107 O  O   . HOH F 4 .   ? -4.033  5.909   18.978  1.00 33.10 ? 2021 HOH A O   1 
HETATM 1108 O  O   . HOH F 4 .   ? -7.836  3.869   14.718  1.00 31.24 ? 2022 HOH A O   1 
HETATM 1109 O  O   . HOH F 4 .   ? 6.640   -17.118 -0.147  1.00 34.98 ? 2023 HOH A O   1 
HETATM 1110 O  O   . HOH F 4 .   ? -7.234  -15.266 2.522   1.00 27.03 ? 2024 HOH A O   1 
HETATM 1111 O  O   . HOH F 4 .   ? -6.547  -13.721 6.744   1.00 36.93 ? 2025 HOH A O   1 
HETATM 1112 O  O   . HOH F 4 .   ? -6.695  2.696   17.296  1.00 35.56 ? 2026 HOH A O   1 
HETATM 1113 O  O   . HOH F 4 .   ? -6.650  -12.292 -7.458  1.00 31.18 ? 2027 HOH A O   1 
HETATM 1114 O  O   . HOH F 4 .   ? -6.645  -5.115  -7.263  1.00 13.77 ? 2028 HOH A O   1 
HETATM 1115 O  O   . HOH F 4 .   ? -8.070  -8.067  -5.701  1.00 25.58 ? 2029 HOH A O   1 
HETATM 1116 O  O   . HOH F 4 .   ? 8.708   -5.345  15.837  1.00 32.24 ? 2030 HOH A O   1 
HETATM 1117 O  O   . HOH F 4 .   ? -10.409 0.247   -8.907  1.00 22.52 ? 2031 HOH A O   1 
HETATM 1118 O  O   . HOH F 4 .   ? -9.259  3.120   -12.722 1.00 36.66 ? 2032 HOH A O   1 
HETATM 1119 O  O   . HOH F 4 .   ? -12.511 3.473   -12.600 1.00 30.03 ? 2033 HOH A O   1 
HETATM 1120 O  O   . HOH F 4 .   ? -14.229 11.150  -10.101 1.00 35.48 ? 2034 HOH A O   1 
HETATM 1121 O  O   . HOH F 4 .   ? -17.139 3.437   -9.463  1.00 34.08 ? 2035 HOH A O   1 
HETATM 1122 O  O   . HOH F 4 .   ? -16.533 6.613   -7.999  1.00 35.84 ? 2036 HOH A O   1 
HETATM 1123 O  O   . HOH F 4 .   ? -8.718  12.827  -8.556  1.00 15.93 ? 2037 HOH A O   1 
HETATM 1124 O  O   . HOH F 4 .   ? -10.220 11.300  -18.323 1.00 30.15 ? 2038 HOH A O   1 
HETATM 1125 O  O   . HOH F 4 .   ? -9.803  5.519   -13.250 1.00 25.66 ? 2039 HOH A O   1 
HETATM 1126 O  O   . HOH F 4 .   ? -14.029 7.357   -7.083  1.00 20.58 ? 2040 HOH A O   1 
HETATM 1127 O  O   . HOH F 4 .   ? -10.697 14.097  -6.976  1.00 22.84 ? 2041 HOH A O   1 
HETATM 1128 O  O   . HOH F 4 .   ? -15.556 12.376  -4.557  1.00 31.50 ? 2042 HOH A O   1 
HETATM 1129 O  O   . HOH F 4 .   ? -13.902 1.681   0.512   1.00 29.66 ? 2043 HOH A O   1 
HETATM 1130 O  O   . HOH F 4 .   ? -12.148 5.874   -0.051  1.00 19.91 ? 2044 HOH A O   1 
HETATM 1131 O  O   . HOH F 4 .   ? 5.568   2.188   -10.166 1.00 33.01 ? 2045 HOH A O   1 
HETATM 1132 O  O   . HOH F 4 .   ? -1.557  11.121  -14.307 1.00 30.58 ? 2046 HOH A O   1 
HETATM 1133 O  O   . HOH F 4 .   ? 1.405   11.754  -15.014 1.00 21.48 ? 2047 HOH A O   1 
HETATM 1134 O  O   . HOH F 4 .   ? -12.345 0.105   6.666   1.00 26.15 ? 2048 HOH A O   1 
HETATM 1135 O  O   . HOH F 4 .   ? -9.887  -2.631  8.527   1.00 24.23 ? 2049 HOH A O   1 
HETATM 1136 O  O   . HOH F 4 .   ? -11.396 -4.547  8.764   1.00 33.72 ? 2050 HOH A O   1 
HETATM 1137 O  O   . HOH F 4 .   ? 4.070   13.150  -8.597  1.00 32.81 ? 2051 HOH A O   1 
HETATM 1138 O  O   . HOH F 4 .   ? -5.345  -11.529 6.891   1.00 32.77 ? 2052 HOH A O   1 
HETATM 1139 O  O   . HOH F 4 .   ? -8.204  -10.688 2.062   1.00 20.91 ? 2053 HOH A O   1 
HETATM 1140 O  O   . HOH F 4 .   ? -3.810  15.985  4.009   1.00 32.67 ? 2054 HOH A O   1 
HETATM 1141 O  O   . HOH F 4 .   ? -7.554  -8.968  10.321  1.00 26.23 ? 2055 HOH A O   1 
HETATM 1142 O  O   . HOH F 4 .   ? -3.903  -8.546  9.179   1.00 20.60 ? 2056 HOH A O   1 
HETATM 1143 O  O   . HOH F 4 .   ? -9.648  -7.063  9.736   1.00 21.65 ? 2057 HOH A O   1 
HETATM 1144 O  O   . HOH F 4 .   ? -7.556  -9.594  15.361  1.00 29.65 ? 2058 HOH A O   1 
HETATM 1145 O  O   . HOH F 4 .   ? -6.371  -6.419  16.449  1.00 30.20 ? 2059 HOH A O   1 
HETATM 1146 O  O   . HOH F 4 .   ? -5.661  -11.000 17.534  1.00 29.80 ? 2060 HOH A O   1 
HETATM 1147 O  O   . HOH F 4 .   ? -1.477  -7.204  17.080  1.00 29.52 ? 2061 HOH A O   1 
HETATM 1148 O  O   . HOH F 4 .   ? 7.229   -16.978 17.173  1.00 40.43 ? 2062 HOH A O   1 
HETATM 1149 O  O   . HOH F 4 .   ? 4.187   -13.366 19.421  1.00 30.76 ? 2063 HOH A O   1 
HETATM 1150 O  O   . HOH F 4 .   ? 7.777   -16.068 -8.641  1.00 31.25 ? 2064 HOH A O   1 
HETATM 1151 O  O   . HOH F 4 .   ? 10.119  -4.734  11.788  1.00 37.05 ? 2065 HOH A O   1 
HETATM 1152 O  O   . HOH F 4 .   ? 10.524  -12.253 11.611  1.00 21.91 ? 2066 HOH A O   1 
HETATM 1153 O  O   . HOH F 4 .   ? 4.007   -13.965 6.966   1.00 16.02 ? 2067 HOH A O   1 
HETATM 1154 O  O   . HOH F 4 .   ? 0.511   -13.444 17.930  1.00 23.07 ? 2068 HOH A O   1 
HETATM 1155 O  O   . HOH F 4 .   ? 2.125   -16.589 10.230  1.00 33.85 ? 2069 HOH A O   1 
HETATM 1156 O  O   . HOH F 4 .   ? 4.134   -17.435 14.130  1.00 28.15 ? 2070 HOH A O   1 
HETATM 1157 O  O   . HOH F 4 .   ? 0.965   -14.727 7.253   1.00 17.21 ? 2071 HOH A O   1 
HETATM 1158 O  O   . HOH F 4 .   ? 3.375   -17.553 4.514   1.00 32.34 ? 2072 HOH A O   1 
HETATM 1159 O  O   . HOH F 4 .   ? 6.877   -15.426 2.054   1.00 15.63 ? 2073 HOH A O   1 
HETATM 1160 O  O   . HOH F 4 .   ? -5.252  -14.895 4.399   1.00 25.48 ? 2074 HOH A O   1 
HETATM 1161 O  O   . HOH F 4 .   ? -3.078  -11.076 9.004   1.00 22.86 ? 2075 HOH A O   1 
HETATM 1162 O  O   . HOH F 4 .   ? -0.323  -16.857 13.839  1.00 33.94 ? 2076 HOH A O   1 
HETATM 1163 O  O   . HOH F 4 .   ? -0.867  -14.626 14.548  1.00 26.41 ? 2077 HOH A O   1 
HETATM 1164 O  O   . HOH F 4 .   ? -5.590  -10.609 2.665   1.00 14.74 ? 2078 HOH A O   1 
HETATM 1165 O  O   . HOH F 4 .   ? -3.363  -13.221 -5.066  1.00 24.23 ? 2079 HOH A O   1 
HETATM 1166 O  O   . HOH F 4 .   ? -9.113  -8.517  -12.370 1.00 28.05 ? 2080 HOH A O   1 
HETATM 1167 O  O   . HOH F 4 .   ? -8.201  -6.221  -8.971  1.00 26.67 ? 2081 HOH A O   1 
HETATM 1168 O  O   . HOH F 4 .   ? -7.553  -11.388 -12.559 1.00 20.38 ? 2082 HOH A O   1 
HETATM 1169 O  O   . HOH F 4 .   ? 0.291   -11.634 -13.231 1.00 14.75 ? 2083 HOH A O   1 
HETATM 1170 O  O   . HOH F 4 .   ? -5.530  -12.682 -9.760  1.00 19.30 ? 2084 HOH A O   1 
HETATM 1171 O  O   . HOH F 4 .   ? -7.042  -5.592  -15.802 1.00 20.77 ? 2085 HOH A O   1 
HETATM 1172 O  O   . HOH F 4 .   ? -9.212  -6.930  -14.433 1.00 23.81 ? 2086 HOH A O   1 
HETATM 1173 O  O   . HOH F 4 .   ? -3.899  -5.985  -7.396  1.00 11.05 ? 2087 HOH A O   1 
HETATM 1174 O  O   . HOH F 4 .   ? -8.851  -1.904  -8.496  1.00 30.16 ? 2088 HOH A O   1 
HETATM 1175 O  O   . HOH F 4 .   ? -6.260  -2.525  -7.938  1.00 22.66 ? 2089 HOH A O   1 
HETATM 1176 O  O   . HOH F 4 .   ? 1.257   0.109   -8.152  1.00 15.61 ? 2090 HOH A O   1 
HETATM 1177 O  O   . HOH F 4 .   ? -3.252  -1.715  16.836  1.00 27.27 ? 2091 HOH A O   1 
HETATM 1178 O  O   . HOH F 4 .   ? -1.374  -4.221  16.864  1.00 31.32 ? 2092 HOH A O   1 
HETATM 1179 O  O   . HOH F 4 .   ? 8.109   -4.080  13.643  1.00 15.42 ? 2093 HOH A O   1 
HETATM 1180 O  O   . HOH F 4 .   ? 6.423   -7.399  16.803  1.00 23.08 ? 2094 HOH A O   1 
HETATM 1181 O  O   . HOH F 4 .   ? 5.704   0.003   18.890  1.00 29.04 ? 2095 HOH A O   1 
HETATM 1182 O  O   . HOH F 4 .   ? 10.743  -2.297  12.339  1.00 29.89 ? 2096 HOH A O   1 
HETATM 1183 O  O   . HOH F 4 .   ? 9.195   0.758   18.249  1.00 25.77 ? 2097 HOH A O   1 
HETATM 1184 O  O   . HOH F 4 .   ? 5.029   6.148   20.172  1.00 26.50 ? 2098 HOH A O   1 
HETATM 1185 O  O   . HOH F 4 .   ? 1.785   6.445   17.598  1.00 22.38 ? 2099 HOH A O   1 
HETATM 1186 O  O   . HOH F 4 .   ? 0.640   4.431   19.667  1.00 31.35 ? 2100 HOH A O   1 
HETATM 1187 O  O   . HOH F 4 .   ? 12.304  8.944   14.900  1.00 28.44 ? 2101 HOH A O   1 
HETATM 1188 O  O   . HOH F 4 .   ? 1.939   8.440   12.531  1.00 24.12 ? 2102 HOH A O   1 
HETATM 1189 O  O   . HOH F 4 .   ? 1.937   5.949   11.352  1.00 13.28 ? 2103 HOH A O   1 
HETATM 1190 O  O   . HOH F 4 .   ? 5.645   7.159   11.572  1.00 13.35 ? 2104 HOH A O   1 
HETATM 1191 O  O   . HOH F 4 .   ? 11.199  5.368   9.579   1.00 33.69 ? 2105 HOH A O   1 
HETATM 1192 O  O   . HOH F 4 .   ? 4.954   -1.097  -14.183 1.00 31.83 ? 2106 HOH A O   1 
HETATM 1193 O  O   . HOH F 4 .   ? 5.097   -4.638  -14.836 1.00 25.38 ? 2107 HOH A O   1 
HETATM 1194 O  O   . HOH F 4 .   ? 2.255   0.414   -12.391 1.00 16.77 ? 2108 HOH A O   1 
HETATM 1195 O  O   . HOH F 4 .   ? 2.098   -8.349  -20.421 1.00 28.19 ? 2109 HOH A O   1 
HETATM 1196 O  O   . HOH F 4 .   ? 3.548   -12.561 -17.038 1.00 24.31 ? 2110 HOH A O   1 
HETATM 1197 O  O   . HOH F 4 .   ? -0.238  -14.309 -13.662 1.00 21.62 ? 2111 HOH A O   1 
HETATM 1198 O  O   . HOH F 4 .   ? 1.642   -14.496 -16.543 1.00 16.19 ? 2112 HOH A O   1 
HETATM 1199 O  O   . HOH F 4 .   ? 2.118   -10.682 -15.048 1.00 13.36 ? 2113 HOH A O   1 
HETATM 1200 O  O   . HOH F 4 .   ? 0.100   -6.046  -20.737 1.00 23.91 ? 2114 HOH A O   1 
HETATM 1201 O  O   . HOH F 4 .   ? -1.907  -3.423  -22.655 1.00 22.75 ? 2115 HOH A O   1 
HETATM 1202 O  O   . HOH F 4 .   ? -3.861  -0.497  -22.089 1.00 31.78 ? 2116 HOH A O   1 
HETATM 1203 O  O   . HOH F 4 .   ? -1.711  5.450   -18.429 1.00 27.17 ? 2117 HOH A O   1 
HETATM 1204 O  O   . HOH F 4 .   ? -7.841  0.502   -11.137 1.00 34.20 ? 2118 HOH A O   1 
HETATM 1205 O  O   . HOH F 4 .   ? 6.193   4.967   -9.988  1.00 29.37 ? 2119 HOH A O   1 
HETATM 1206 O  O   . HOH F 4 .   ? 3.101   1.323   -9.870  1.00 22.25 ? 2120 HOH A O   1 
HETATM 1207 O  O   . HOH F 4 .   ? 4.860   8.481   -9.256  1.00 14.46 ? 2121 HOH A O   1 
HETATM 1208 O  O   . HOH F 4 .   ? 0.334   12.568  -12.037 1.00 39.40 ? 2122 HOH A O   1 
HETATM 1209 O  O   . HOH F 4 .   ? -1.742  10.939  -11.350 1.00 20.46 ? 2123 HOH A O   1 
HETATM 1210 O  O   . HOH F 4 .   ? 7.042   1.289   -3.303  1.00 16.03 ? 2124 HOH A O   1 
HETATM 1211 O  O   . HOH F 4 .   ? 5.965   11.313  -2.906  1.00 22.70 ? 2125 HOH A O   1 
HETATM 1212 O  O   . HOH F 4 .   ? 2.424   10.921  -8.324  1.00 17.78 ? 2126 HOH A O   1 
HETATM 1213 O  O   . HOH F 4 .   ? 9.534   7.452   2.687   1.00 21.63 ? 2127 HOH A O   1 
HETATM 1214 O  O   . HOH F 4 .   ? 9.705   10.352  -1.415  1.00 33.84 ? 2128 HOH A O   1 
HETATM 1215 O  O   . HOH F 4 .   ? 1.458   14.702  3.688   1.00 28.06 ? 2129 HOH A O   1 
HETATM 1216 O  O   . HOH F 4 .   ? 6.489   11.901  -0.428  1.00 30.38 ? 2130 HOH A O   1 
HETATM 1217 O  O   . HOH F 4 .   ? -0.551  15.238  -3.354  1.00 36.32 ? 2131 HOH A O   1 
HETATM 1218 O  O   . HOH F 4 .   ? -3.164  13.675  2.698   1.00 23.22 ? 2132 HOH A O   1 
HETATM 1219 O  O   . HOH F 4 .   ? -4.422  14.035  -3.376  1.00 24.42 ? 2133 HOH A O   1 
HETATM 1220 O  O   . HOH F 4 .   ? 8.440   13.092  3.725   1.00 34.11 ? 2134 HOH A O   1 
HETATM 1221 O  O   . HOH F 4 .   ? 10.910  8.620   9.156   1.00 29.45 ? 2135 HOH A O   1 
HETATM 1222 O  O   . HOH F 4 .   ? 13.161  -2.186  5.846   1.00 24.71 ? 2136 HOH A O   1 
HETATM 1223 O  O   . HOH F 4 .   ? 16.367  -2.164  4.065   1.00 19.86 ? 2137 HOH A O   1 
HETATM 1224 O  O   . HOH F 4 .   ? 11.850  3.820   2.035   1.00 16.13 ? 2138 HOH A O   1 
HETATM 1225 O  O   . HOH F 4 .   ? 10.495  -6.530  -3.934  1.00 31.57 ? 2139 HOH A O   1 
HETATM 1226 O  O   . HOH F 4 .   ? 2.609   -11.802 -11.659 1.00 22.19 ? 2140 HOH A O   1 
HETATM 1227 O  O   . HOH F 4 .   ? 4.636   -9.872  -13.957 1.00 18.57 ? 2141 HOH A O   1 
HETATM 1228 O  O   . HOH F 4 .   ? 2.554   -13.480 -9.315  1.00 19.40 ? 2142 HOH A O   1 
HETATM 1229 O  O   . HOH F 4 .   ? 10.553  -13.459 -7.018  1.00 33.18 ? 2143 HOH A O   1 
HETATM 1230 O  O   . HOH F 4 .   ? 5.946   -16.361 -2.568  1.00 31.18 ? 2144 HOH A O   1 
HETATM 1231 O  O   . HOH F 4 .   ? 5.343   -15.215 -7.497  1.00 18.18 ? 2145 HOH A O   1 
HETATM 1232 O  O   . HOH F 4 .   ? 12.018  -10.293 -9.054  1.00 28.18 ? 2146 HOH A O   1 
HETATM 1233 O  O   . HOH F 4 .   ? 9.713   -8.887  -10.754 1.00 21.30 ? 2147 HOH A O   1 
HETATM 1234 O  O   . HOH F 4 .   ? 13.546  -8.487  -2.330  1.00 16.84 ? 2148 HOH A O   1 
HETATM 1235 O  O   . HOH F 4 .   ? 11.344  -4.708  9.372   1.00 29.75 ? 2149 HOH A O   1 
HETATM 1236 O  O   . HOH F 4 .   ? 12.569  -7.746  8.965   1.00 32.61 ? 2150 HOH A O   1 
HETATM 1237 O  O   . HOH F 4 .   ? 16.798  -17.928 -1.963  1.00 20.63 ? 2151 HOH A O   1 
HETATM 1238 O  O   . HOH F 4 .   ? 14.674  -6.115  4.264   1.00 37.34 ? 2152 HOH A O   1 
HETATM 1239 O  O   . HOH F 4 .   ? 14.899  -5.127  -3.857  1.00 37.53 ? 2153 HOH A O   1 
HETATM 1240 O  O   . HOH F 4 .   ? 12.711  -5.946  -2.936  1.00 28.82 ? 2154 HOH A O   1 
HETATM 1241 O  O   . HOH F 4 .   ? 19.673  -4.871  0.101   1.00 21.77 ? 2155 HOH A O   1 
HETATM 1242 O  O   . HOH F 4 .   ? 16.722  -4.368  -2.306  1.00 15.68 ? 2156 HOH A O   1 
HETATM 1243 O  O   . HOH F 4 .   ? -8.462  17.490  -10.159 1.00 21.41 ? 2157 HOH A O   1 
HETATM 1244 O  O   . HOH F 4 .   ? 15.861  -0.370  2.073   1.00 12.96 ? 2158 HOH A O   1 
HETATM 1245 O  O   . HOH F 4 .   ? 14.477  2.414   14.986  1.00 34.58 ? 2159 HOH A O   1 
HETATM 1246 O  O   . HOH F 4 .   ? 12.151  3.957   14.791  1.00 29.56 ? 2160 HOH A O   1 
HETATM 1247 O  O   . HOH F 4 .   ? 13.433  2.742   10.508  1.00 34.23 ? 2161 HOH A O   1 
# 
loop_
_pdbx_poly_seq_scheme.asym_id 
_pdbx_poly_seq_scheme.entity_id 
_pdbx_poly_seq_scheme.seq_id 
_pdbx_poly_seq_scheme.mon_id 
_pdbx_poly_seq_scheme.ndb_seq_num 
_pdbx_poly_seq_scheme.pdb_seq_num 
_pdbx_poly_seq_scheme.auth_seq_num 
_pdbx_poly_seq_scheme.pdb_mon_id 
_pdbx_poly_seq_scheme.auth_mon_id 
_pdbx_poly_seq_scheme.pdb_strand_id 
_pdbx_poly_seq_scheme.pdb_ins_code 
_pdbx_poly_seq_scheme.hetero 
A 1 1   SER 1   -1  -1  SER SER A . n 
A 1 2   MET 2   0   0   MET MET A . n 
A 1 3   GLY 3   6   6   GLY GLY A . n 
A 1 4   ILE 4   7   7   ILE ILE A . n 
A 1 5   HIS 5   8   8   HIS HIS A . n 
A 1 6   ALA 6   9   9   ALA ALA A . n 
A 1 7   THR 7   10  10  THR THR A . n 
A 1 8   GLU 8   11  11  GLU GLU A . n 
A 1 9   GLU 9   12  12  GLU GLU A . n 
A 1 10  LEU 10  13  13  LEU LEU A . n 
A 1 11  LYS 11  14  14  LYS LYS A . n 
A 1 12  GLU 12  15  15  GLU GLU A . n 
A 1 13  PHE 13  16  16  PHE PHE A . n 
A 1 14  PHE 14  17  17  PHE PHE A . n 
A 1 15  ALA 15  18  18  ALA ALA A . n 
A 1 16  LYS 16  19  19  LYS LYS A . n 
A 1 17  ALA 17  20  20  ALA ALA A . n 
A 1 18  ARG 18  21  21  ARG ARG A . n 
A 1 19  ALA 19  22  22  ALA ALA A . n 
A 1 20  GLY 20  23  23  GLY GLY A . n 
A 1 21  SER 21  24  24  SER SER A . n 
A 1 22  VAL 22  25  25  VAL VAL A . n 
A 1 23  ARG 23  26  26  ARG ARG A . n 
A 1 24  LEU 24  27  27  LEU LEU A . n 
A 1 25  ILE 25  28  28  ILE ILE A . n 
A 1 26  LYS 26  29  29  LYS LYS A . n 
A 1 27  VAL 27  30  30  VAL VAL A . n 
A 1 28  VAL 28  31  31  VAL VAL A . n 
A 1 29  ILE 29  32  32  ILE ILE A . n 
A 1 30  GLU 30  33  33  GLU GLU A . n 
A 1 31  ASP 31  34  34  ASP ASP A . n 
A 1 32  GLU 32  35  35  GLU GLU A . n 
A 1 33  GLN 33  36  36  GLN GLN A . n 
A 1 34  LEU 34  37  37  LEU LEU A . n 
A 1 35  VAL 35  38  38  VAL VAL A . n 
A 1 36  LEU 36  39  39  LEU LEU A . n 
A 1 37  GLY 37  40  40  GLY GLY A . n 
A 1 38  ALA 38  41  41  ALA ALA A . n 
A 1 39  SER 39  42  42  SER SER A . n 
A 1 40  GLN 40  43  43  GLN GLN A . n 
A 1 41  GLU 41  44  44  GLU GLU A . n 
A 1 42  PRO 42  45  45  PRO PRO A . n 
A 1 43  VAL 43  46  46  VAL VAL A . n 
A 1 44  GLY 44  47  47  GLY GLY A . n 
A 1 45  ARG 45  48  48  ARG ARG A . n 
A 1 46  TRP 46  49  49  TRP TRP A . n 
A 1 47  ASP 47  50  50  ASP ASP A . n 
A 1 48  GLN 48  51  51  GLN GLN A . n 
A 1 49  ASP 49  52  52  ASP ASP A . n 
A 1 50  TYR 50  53  53  TYR TYR A . n 
A 1 51  ASP 51  54  54  ASP ASP A . n 
A 1 52  ARG 52  55  55  ARG ARG A . n 
A 1 53  ALA 53  56  56  ALA ALA A . n 
A 1 54  VAL 54  57  57  VAL VAL A . n 
A 1 55  LEU 55  58  58  LEU LEU A . n 
A 1 56  PRO 56  59  59  PRO PRO A . n 
A 1 57  LEU 57  60  60  LEU LEU A . n 
A 1 58  LEU 58  61  61  LEU LEU A . n 
A 1 59  ASP 59  62  62  ASP ASP A . n 
A 1 60  ALA 60  63  63  ALA ALA A . n 
A 1 61  GLN 61  64  64  GLN GLN A . n 
A 1 62  GLN 62  65  65  GLN GLN A . n 
A 1 63  PRO 63  66  66  PRO PRO A . n 
A 1 64  CYS 64  67  67  CYS CYS A . n 
A 1 65  TYR 65  68  68  TYR TYR A . n 
A 1 66  LEU 66  69  69  LEU LEU A . n 
A 1 67  LEU 67  70  70  LEU LEU A . n 
A 1 68  TYR 68  71  71  TYR TYR A . n 
A 1 69  ARG 69  72  72  ARG ARG A . n 
A 1 70  LEU 70  73  73  LEU LEU A . n 
A 1 71  ASP 71  74  74  ASP ASP A . n 
A 1 72  SER 72  75  75  SER SER A . n 
A 1 73  GLN 73  76  76  GLN GLN A . n 
A 1 74  ASN 74  77  77  ASN ASN A . n 
A 1 75  ALA 75  78  78  ALA ALA A . n 
A 1 76  GLN 76  79  79  GLN GLN A . n 
A 1 77  GLY 77  80  80  GLY GLY A . n 
A 1 78  PHE 78  81  81  PHE PHE A . n 
A 1 79  GLU 79  82  82  GLU GLU A . n 
A 1 80  TRP 80  83  83  TRP TRP A . n 
A 1 81  LEU 81  84  84  LEU LEU A . n 
A 1 82  PHE 82  85  85  PHE PHE A . n 
A 1 83  LEU 83  86  86  LEU LEU A . n 
A 1 84  ALA 84  87  87  ALA ALA A . n 
A 1 85  TRP 85  88  88  TRP TRP A . n 
A 1 86  SER 86  89  89  SER SER A . n 
A 1 87  PRO 87  90  90  PRO PRO A . n 
A 1 88  ASP 88  91  91  ASP ASP A . n 
A 1 89  ASN 89  92  92  ASN ASN A . n 
A 1 90  SER 90  93  93  SER SER A . n 
A 1 91  PRO 91  94  94  PRO PRO A . n 
A 1 92  VAL 92  95  95  VAL VAL A . n 
A 1 93  ARG 93  96  96  ARG ARG A . n 
A 1 94  LEU 94  97  97  LEU LEU A . n 
A 1 95  LYS 95  98  98  LYS LYS A . n 
A 1 96  MET 96  99  99  MET MET A . n 
A 1 97  LEU 97  100 100 LEU LEU A . n 
A 1 98  TYR 98  101 101 TYR TYR A . n 
A 1 99  ALA 99  102 102 ALA ALA A . n 
A 1 100 ALA 100 103 103 ALA ALA A . n 
A 1 101 THR 101 104 104 THR THR A . n 
A 1 102 ARG 102 105 105 ARG ARG A . n 
A 1 103 ALA 103 106 106 ALA ALA A . n 
A 1 104 THR 104 107 107 THR THR A . n 
A 1 105 VAL 105 108 108 VAL VAL A . n 
A 1 106 LYS 106 109 109 LYS LYS A . n 
A 1 107 LYS 107 110 110 LYS LYS A . n 
A 1 108 GLU 108 111 111 GLU GLU A . n 
A 1 109 PHE 109 112 112 PHE PHE A . n 
A 1 110 GLY 110 113 113 GLY GLY A . n 
A 1 111 GLY 111 114 114 GLY GLY A . n 
A 1 112 GLY 112 115 115 GLY GLY A . n 
A 1 113 HIS 113 116 116 HIS HIS A . n 
A 1 114 ILE 114 117 117 ILE ILE A . n 
A 1 115 LYS 115 118 118 LYS LYS A . n 
A 1 116 ASP 116 119 119 ASP ASP A . n 
A 1 117 GLU 117 120 120 GLU GLU A . n 
A 1 118 LEU 118 121 121 LEU LEU A . n 
A 1 119 PHE 119 122 122 PHE PHE A . n 
A 1 120 GLY 120 123 123 GLY GLY A . n 
A 1 121 THR 121 124 124 THR THR A . n 
A 1 122 VAL 122 125 125 VAL VAL A . n 
A 1 123 LYS 123 126 126 LYS LYS A . n 
A 1 124 ASP 124 127 127 ASP ASP A . n 
A 1 125 ASP 125 128 128 ASP ASP A . n 
A 1 126 LEU 126 129 129 LEU LEU A . n 
A 1 127 SER 127 130 130 SER SER A . n 
A 1 128 PHE 128 131 131 PHE PHE A . n 
A 1 129 ALA 129 132 132 ALA ALA A . n 
A 1 130 GLY 130 133 133 GLY GLY A . n 
A 1 131 TYR 131 134 134 TYR TYR A . n 
A 1 132 GLN 132 135 135 GLN GLN A . n 
A 1 133 LYS 133 136 136 LYS LYS A . n 
A 1 134 HIS 134 137 137 HIS HIS A . n 
# 
loop_
_pdbx_nonpoly_scheme.asym_id 
_pdbx_nonpoly_scheme.entity_id 
_pdbx_nonpoly_scheme.mon_id 
_pdbx_nonpoly_scheme.ndb_seq_num 
_pdbx_nonpoly_scheme.pdb_seq_num 
_pdbx_nonpoly_scheme.auth_seq_num 
_pdbx_nonpoly_scheme.pdb_mon_id 
_pdbx_nonpoly_scheme.auth_mon_id 
_pdbx_nonpoly_scheme.pdb_strand_id 
_pdbx_nonpoly_scheme.pdb_ins_code 
B 2 ZN  1   1138 1138 ZN  ZN  A . 
C 2 ZN  1   1139 1139 ZN  ZN  A . 
D 2 ZN  1   1140 1140 ZN  ZN  A . 
E 3 EDO 1   1141 1141 EDO EDO A . 
F 4 HOH 1   2001 2001 HOH HOH A . 
F 4 HOH 2   2002 2002 HOH HOH A . 
F 4 HOH 3   2003 2003 HOH HOH A . 
F 4 HOH 4   2004 2004 HOH HOH A . 
F 4 HOH 5   2005 2005 HOH HOH A . 
F 4 HOH 6   2006 2006 HOH HOH A . 
F 4 HOH 7   2007 2007 HOH HOH A . 
F 4 HOH 8   2008 2008 HOH HOH A . 
F 4 HOH 9   2009 2009 HOH HOH A . 
F 4 HOH 10  2010 2010 HOH HOH A . 
F 4 HOH 11  2011 2011 HOH HOH A . 
F 4 HOH 12  2012 2012 HOH HOH A . 
F 4 HOH 13  2013 2013 HOH HOH A . 
F 4 HOH 14  2014 2014 HOH HOH A . 
F 4 HOH 15  2015 2015 HOH HOH A . 
F 4 HOH 16  2016 2016 HOH HOH A . 
F 4 HOH 17  2017 2017 HOH HOH A . 
F 4 HOH 18  2018 2018 HOH HOH A . 
F 4 HOH 19  2019 2019 HOH HOH A . 
F 4 HOH 20  2020 2020 HOH HOH A . 
F 4 HOH 21  2021 2021 HOH HOH A . 
F 4 HOH 22  2022 2022 HOH HOH A . 
F 4 HOH 23  2023 2023 HOH HOH A . 
F 4 HOH 24  2024 2024 HOH HOH A . 
F 4 HOH 25  2025 2025 HOH HOH A . 
F 4 HOH 26  2026 2026 HOH HOH A . 
F 4 HOH 27  2027 2027 HOH HOH A . 
F 4 HOH 28  2028 2028 HOH HOH A . 
F 4 HOH 29  2029 2029 HOH HOH A . 
F 4 HOH 30  2030 2030 HOH HOH A . 
F 4 HOH 31  2031 2031 HOH HOH A . 
F 4 HOH 32  2032 2032 HOH HOH A . 
F 4 HOH 33  2033 2033 HOH HOH A . 
F 4 HOH 34  2034 2034 HOH HOH A . 
F 4 HOH 35  2035 2035 HOH HOH A . 
F 4 HOH 36  2036 2036 HOH HOH A . 
F 4 HOH 37  2037 2037 HOH HOH A . 
F 4 HOH 38  2038 2038 HOH HOH A . 
F 4 HOH 39  2039 2039 HOH HOH A . 
F 4 HOH 40  2040 2040 HOH HOH A . 
F 4 HOH 41  2041 2041 HOH HOH A . 
F 4 HOH 42  2042 2042 HOH HOH A . 
F 4 HOH 43  2043 2043 HOH HOH A . 
F 4 HOH 44  2044 2044 HOH HOH A . 
F 4 HOH 45  2045 2045 HOH HOH A . 
F 4 HOH 46  2046 2046 HOH HOH A . 
F 4 HOH 47  2047 2047 HOH HOH A . 
F 4 HOH 48  2048 2048 HOH HOH A . 
F 4 HOH 49  2049 2049 HOH HOH A . 
F 4 HOH 50  2050 2050 HOH HOH A . 
F 4 HOH 51  2051 2051 HOH HOH A . 
F 4 HOH 52  2052 2052 HOH HOH A . 
F 4 HOH 53  2053 2053 HOH HOH A . 
F 4 HOH 54  2054 2054 HOH HOH A . 
F 4 HOH 55  2055 2055 HOH HOH A . 
F 4 HOH 56  2056 2056 HOH HOH A . 
F 4 HOH 57  2057 2057 HOH HOH A . 
F 4 HOH 58  2058 2058 HOH HOH A . 
F 4 HOH 59  2059 2059 HOH HOH A . 
F 4 HOH 60  2060 2060 HOH HOH A . 
F 4 HOH 61  2061 2061 HOH HOH A . 
F 4 HOH 62  2062 2062 HOH HOH A . 
F 4 HOH 63  2063 2063 HOH HOH A . 
F 4 HOH 64  2064 2064 HOH HOH A . 
F 4 HOH 65  2065 2065 HOH HOH A . 
F 4 HOH 66  2066 2066 HOH HOH A . 
F 4 HOH 67  2067 2067 HOH HOH A . 
F 4 HOH 68  2068 2068 HOH HOH A . 
F 4 HOH 69  2069 2069 HOH HOH A . 
F 4 HOH 70  2070 2070 HOH HOH A . 
F 4 HOH 71  2071 2071 HOH HOH A . 
F 4 HOH 72  2072 2072 HOH HOH A . 
F 4 HOH 73  2073 2073 HOH HOH A . 
F 4 HOH 74  2074 2074 HOH HOH A . 
F 4 HOH 75  2075 2075 HOH HOH A . 
F 4 HOH 76  2076 2076 HOH HOH A . 
F 4 HOH 77  2077 2077 HOH HOH A . 
F 4 HOH 78  2078 2078 HOH HOH A . 
F 4 HOH 79  2079 2079 HOH HOH A . 
F 4 HOH 80  2080 2080 HOH HOH A . 
F 4 HOH 81  2081 2081 HOH HOH A . 
F 4 HOH 82  2082 2082 HOH HOH A . 
F 4 HOH 83  2083 2083 HOH HOH A . 
F 4 HOH 84  2084 2084 HOH HOH A . 
F 4 HOH 85  2085 2085 HOH HOH A . 
F 4 HOH 86  2086 2086 HOH HOH A . 
F 4 HOH 87  2087 2087 HOH HOH A . 
F 4 HOH 88  2088 2088 HOH HOH A . 
F 4 HOH 89  2089 2089 HOH HOH A . 
F 4 HOH 90  2090 2090 HOH HOH A . 
F 4 HOH 91  2091 2091 HOH HOH A . 
F 4 HOH 92  2092 2092 HOH HOH A . 
F 4 HOH 93  2093 2093 HOH HOH A . 
F 4 HOH 94  2094 2094 HOH HOH A . 
F 4 HOH 95  2095 2095 HOH HOH A . 
F 4 HOH 96  2096 2096 HOH HOH A . 
F 4 HOH 97  2097 2097 HOH HOH A . 
F 4 HOH 98  2098 2098 HOH HOH A . 
F 4 HOH 99  2099 2099 HOH HOH A . 
F 4 HOH 100 2100 2100 HOH HOH A . 
F 4 HOH 101 2101 2101 HOH HOH A . 
F 4 HOH 102 2102 2102 HOH HOH A . 
F 4 HOH 103 2103 2103 HOH HOH A . 
F 4 HOH 104 2104 2104 HOH HOH A . 
F 4 HOH 105 2105 2105 HOH HOH A . 
F 4 HOH 106 2106 2106 HOH HOH A . 
F 4 HOH 107 2107 2107 HOH HOH A . 
F 4 HOH 108 2108 2108 HOH HOH A . 
F 4 HOH 109 2109 2109 HOH HOH A . 
F 4 HOH 110 2110 2110 HOH HOH A . 
F 4 HOH 111 2111 2111 HOH HOH A . 
F 4 HOH 112 2112 2112 HOH HOH A . 
F 4 HOH 113 2113 2113 HOH HOH A . 
F 4 HOH 114 2114 2114 HOH HOH A . 
F 4 HOH 115 2115 2115 HOH HOH A . 
F 4 HOH 116 2116 2116 HOH HOH A . 
F 4 HOH 117 2117 2117 HOH HOH A . 
F 4 HOH 118 2118 2118 HOH HOH A . 
F 4 HOH 119 2119 2119 HOH HOH A . 
F 4 HOH 120 2120 2120 HOH HOH A . 
F 4 HOH 121 2121 2121 HOH HOH A . 
F 4 HOH 122 2122 2122 HOH HOH A . 
F 4 HOH 123 2123 2123 HOH HOH A . 
F 4 HOH 124 2124 2124 HOH HOH A . 
F 4 HOH 125 2125 2125 HOH HOH A . 
F 4 HOH 126 2126 2126 HOH HOH A . 
F 4 HOH 127 2127 2127 HOH HOH A . 
F 4 HOH 128 2128 2128 HOH HOH A . 
F 4 HOH 129 2129 2129 HOH HOH A . 
F 4 HOH 130 2130 2130 HOH HOH A . 
F 4 HOH 131 2131 2131 HOH HOH A . 
F 4 HOH 132 2132 2132 HOH HOH A . 
F 4 HOH 133 2133 2133 HOH HOH A . 
F 4 HOH 134 2134 2134 HOH HOH A . 
F 4 HOH 135 2135 2135 HOH HOH A . 
F 4 HOH 136 2136 2136 HOH HOH A . 
F 4 HOH 137 2137 2137 HOH HOH A . 
F 4 HOH 138 2138 2138 HOH HOH A . 
F 4 HOH 139 2139 2139 HOH HOH A . 
F 4 HOH 140 2140 2140 HOH HOH A . 
F 4 HOH 141 2141 2141 HOH HOH A . 
F 4 HOH 142 2142 2142 HOH HOH A . 
F 4 HOH 143 2143 2143 HOH HOH A . 
F 4 HOH 144 2144 2144 HOH HOH A . 
F 4 HOH 145 2145 2145 HOH HOH A . 
F 4 HOH 146 2146 2146 HOH HOH A . 
F 4 HOH 147 2147 2147 HOH HOH A . 
F 4 HOH 148 2148 2148 HOH HOH A . 
F 4 HOH 149 2149 2149 HOH HOH A . 
F 4 HOH 150 2150 2150 HOH HOH A . 
F 4 HOH 151 2151 2151 HOH HOH A . 
F 4 HOH 152 2152 2152 HOH HOH A . 
F 4 HOH 153 2153 2153 HOH HOH A . 
F 4 HOH 154 2154 2154 HOH HOH A . 
F 4 HOH 155 2155 2155 HOH HOH A . 
F 4 HOH 156 2156 2156 HOH HOH A . 
F 4 HOH 157 2157 2157 HOH HOH A . 
F 4 HOH 158 2158 2158 HOH HOH A . 
F 4 HOH 159 2159 2159 HOH HOH A . 
F 4 HOH 160 2160 2160 HOH HOH A . 
F 4 HOH 161 2161 2161 HOH HOH A . 
# 
_pdbx_struct_assembly.id                   1 
_pdbx_struct_assembly.details              author_and_software_defined_assembly 
_pdbx_struct_assembly.method_details       PQS 
_pdbx_struct_assembly.oligomeric_details   monomeric 
_pdbx_struct_assembly.oligomeric_count     1 
# 
_pdbx_struct_assembly_gen.assembly_id       1 
_pdbx_struct_assembly_gen.oper_expression   1 
_pdbx_struct_assembly_gen.asym_id_list      A,B,C,D,E,F 
# 
_pdbx_struct_oper_list.id                   1 
_pdbx_struct_oper_list.type                 'identity operation' 
_pdbx_struct_oper_list.name                 1_555 
_pdbx_struct_oper_list.symmetry_operation   x,y,z 
_pdbx_struct_oper_list.matrix[1][1]         1.0000000000 
_pdbx_struct_oper_list.matrix[1][2]         0.0000000000 
_pdbx_struct_oper_list.matrix[1][3]         0.0000000000 
_pdbx_struct_oper_list.vector[1]            0.0000000000 
_pdbx_struct_oper_list.matrix[2][1]         0.0000000000 
_pdbx_struct_oper_list.matrix[2][2]         1.0000000000 
_pdbx_struct_oper_list.matrix[2][3]         0.0000000000 
_pdbx_struct_oper_list.vector[2]            0.0000000000 
_pdbx_struct_oper_list.matrix[3][1]         0.0000000000 
_pdbx_struct_oper_list.matrix[3][2]         0.0000000000 
_pdbx_struct_oper_list.matrix[3][3]         1.0000000000 
_pdbx_struct_oper_list.vector[3]            0.0000000000 
# 
loop_
_pdbx_struct_conn_angle.id 
_pdbx_struct_conn_angle.ptnr1_label_atom_id 
_pdbx_struct_conn_angle.ptnr1_label_alt_id 
_pdbx_struct_conn_angle.ptnr1_label_asym_id 
_pdbx_struct_conn_angle.ptnr1_label_comp_id 
_pdbx_struct_conn_angle.ptnr1_label_seq_id 
_pdbx_struct_conn_angle.ptnr1_auth_atom_id 
_pdbx_struct_conn_angle.ptnr1_auth_asym_id 
_pdbx_struct_conn_angle.ptnr1_auth_comp_id 
_pdbx_struct_conn_angle.ptnr1_auth_seq_id 
_pdbx_struct_conn_angle.ptnr1_PDB_ins_code 
_pdbx_struct_conn_angle.ptnr1_symmetry 
_pdbx_struct_conn_angle.ptnr2_label_atom_id 
_pdbx_struct_conn_angle.ptnr2_label_alt_id 
_pdbx_struct_conn_angle.ptnr2_label_asym_id 
_pdbx_struct_conn_angle.ptnr2_label_comp_id 
_pdbx_struct_conn_angle.ptnr2_label_seq_id 
_pdbx_struct_conn_angle.ptnr2_auth_atom_id 
_pdbx_struct_conn_angle.ptnr2_auth_asym_id 
_pdbx_struct_conn_angle.ptnr2_auth_comp_id 
_pdbx_struct_conn_angle.ptnr2_auth_seq_id 
_pdbx_struct_conn_angle.ptnr2_PDB_ins_code 
_pdbx_struct_conn_angle.ptnr2_symmetry 
_pdbx_struct_conn_angle.ptnr3_label_atom_id 
_pdbx_struct_conn_angle.ptnr3_label_alt_id 
_pdbx_struct_conn_angle.ptnr3_label_asym_id 
_pdbx_struct_conn_angle.ptnr3_label_comp_id 
_pdbx_struct_conn_angle.ptnr3_label_seq_id 
_pdbx_struct_conn_angle.ptnr3_auth_atom_id 
_pdbx_struct_conn_angle.ptnr3_auth_asym_id 
_pdbx_struct_conn_angle.ptnr3_auth_comp_id 
_pdbx_struct_conn_angle.ptnr3_auth_seq_id 
_pdbx_struct_conn_angle.ptnr3_PDB_ins_code 
_pdbx_struct_conn_angle.ptnr3_symmetry 
_pdbx_struct_conn_angle.value 
_pdbx_struct_conn_angle.value_esd 
1  N   ? A SER 1   ? A SER -1   ? 1_555 ZN ? B ZN . ? A ZN 1138 ? 1_555 O   ? A SER 1   ? A SER -1   ? 1_555 82.7  ? 
2  N   ? A SER 1   ? A SER -1   ? 1_555 ZN ? B ZN . ? A ZN 1138 ? 1_555 NE2 ? A HIS 5   ? A HIS 8    ? 1_555 100.4 ? 
3  O   ? A SER 1   ? A SER -1   ? 1_555 ZN ? B ZN . ? A ZN 1138 ? 1_555 NE2 ? A HIS 5   ? A HIS 8    ? 1_555 99.6  ? 
4  N   ? A SER 1   ? A SER -1   ? 1_555 ZN ? B ZN . ? A ZN 1138 ? 1_555 O   ? F HOH .   ? A HOH 2157 ? 1_555 157.1 ? 
5  O   ? A SER 1   ? A SER -1   ? 1_555 ZN ? B ZN . ? A ZN 1138 ? 1_555 O   ? F HOH .   ? A HOH 2157 ? 1_555 82.5  ? 
6  NE2 ? A HIS 5   ? A HIS 8    ? 1_555 ZN ? B ZN . ? A ZN 1138 ? 1_555 O   ? F HOH .   ? A HOH 2157 ? 1_555 99.3  ? 
7  OE1 ? A GLU 12  ? A GLU 15   ? 4_556 ZN ? D ZN . ? A ZN 1140 ? 1_555 OE2 ? A GLU 79  ? A GLU 82   ? 1_555 123.7 ? 
8  OE1 ? A GLU 12  ? A GLU 15   ? 4_556 ZN ? D ZN . ? A ZN 1140 ? 1_555 O   ? F HOH .   ? A HOH 2160 ? 1_555 97.0  ? 
9  OE2 ? A GLU 79  ? A GLU 82   ? 1_555 ZN ? D ZN . ? A ZN 1140 ? 1_555 O   ? F HOH .   ? A HOH 2160 ? 1_555 102.5 ? 
10 OE1 ? A GLU 12  ? A GLU 15   ? 4_556 ZN ? D ZN . ? A ZN 1140 ? 1_555 O   ? F HOH .   ? A HOH 2161 ? 1_555 65.0  ? 
11 OE2 ? A GLU 79  ? A GLU 82   ? 1_555 ZN ? D ZN . ? A ZN 1140 ? 1_555 O   ? F HOH .   ? A HOH 2161 ? 1_555 92.1  ? 
12 O   ? F HOH .   ? A HOH 2160 ? 1_555 ZN ? D ZN . ? A ZN 1140 ? 1_555 O   ? F HOH .   ? A HOH 2161 ? 1_555 161.4 ? 
13 NE2 ? A HIS 113 ? A HIS 116  ? 4_556 ZN ? C ZN . ? A ZN 1139 ? 1_555 OD1 ? A ASP 116 ? A ASP 119  ? 1_555 110.0 ? 
14 NE2 ? A HIS 113 ? A HIS 116  ? 4_556 ZN ? C ZN . ? A ZN 1139 ? 1_555 NE2 ? A HIS 134 ? A HIS 137  ? 1_555 108.8 ? 
15 OD1 ? A ASP 116 ? A ASP 119  ? 1_555 ZN ? C ZN . ? A ZN 1139 ? 1_555 NE2 ? A HIS 134 ? A HIS 137  ? 1_555 116.0 ? 
16 NE2 ? A HIS 113 ? A HIS 116  ? 4_556 ZN ? C ZN . ? A ZN 1139 ? 1_555 O   ? F HOH .   ? A HOH 2158 ? 1_555 105.3 ? 
17 OD1 ? A ASP 116 ? A ASP 119  ? 1_555 ZN ? C ZN . ? A ZN 1139 ? 1_555 O   ? F HOH .   ? A HOH 2158 ? 1_555 106.3 ? 
18 NE2 ? A HIS 134 ? A HIS 137  ? 1_555 ZN ? C ZN . ? A ZN 1139 ? 1_555 O   ? F HOH .   ? A HOH 2158 ? 1_555 109.9 ? 
# 
loop_
_pdbx_audit_revision_history.ordinal 
_pdbx_audit_revision_history.data_content_type 
_pdbx_audit_revision_history.major_revision 
_pdbx_audit_revision_history.minor_revision 
_pdbx_audit_revision_history.revision_date 
1 'Structure model' 1 0 2007-10-16 
2 'Structure model' 1 1 2011-07-13 
3 'Structure model' 1 2 2018-01-24 
4 'Structure model' 1 3 2018-04-04 
5 'Structure model' 1 4 2023-12-13 
# 
_pdbx_audit_revision_details.ordinal             1 
_pdbx_audit_revision_details.revision_ordinal    1 
_pdbx_audit_revision_details.data_content_type   'Structure model' 
_pdbx_audit_revision_details.provider            repository 
_pdbx_audit_revision_details.type                'Initial release' 
_pdbx_audit_revision_details.description         ? 
_pdbx_audit_revision_details.details             ? 
# 
loop_
_pdbx_audit_revision_group.ordinal 
_pdbx_audit_revision_group.revision_ordinal 
_pdbx_audit_revision_group.data_content_type 
_pdbx_audit_revision_group.group 
1  2 'Structure model' Advisory                    
2  2 'Structure model' 'Version format compliance' 
3  3 'Structure model' 'Database references'       
4  3 'Structure model' 'Structure summary'         
5  4 'Structure model' 'Data collection'           
6  5 'Structure model' 'Data collection'           
7  5 'Structure model' 'Database references'       
8  5 'Structure model' 'Derived calculations'      
9  5 'Structure model' Other                       
10 5 'Structure model' 'Refinement description'    
# 
loop_
_pdbx_audit_revision_category.ordinal 
_pdbx_audit_revision_category.revision_ordinal 
_pdbx_audit_revision_category.data_content_type 
_pdbx_audit_revision_category.category 
1  3 'Structure model' audit_author                  
2  3 'Structure model' citation_author               
3  4 'Structure model' diffrn_source                 
4  5 'Structure model' chem_comp_atom                
5  5 'Structure model' chem_comp_bond                
6  5 'Structure model' database_2                    
7  5 'Structure model' pdbx_database_status          
8  5 'Structure model' pdbx_initial_refinement_model 
9  5 'Structure model' pdbx_struct_conn_angle        
10 5 'Structure model' struct_conn                   
# 
loop_
_pdbx_audit_revision_item.ordinal 
_pdbx_audit_revision_item.revision_ordinal 
_pdbx_audit_revision_item.data_content_type 
_pdbx_audit_revision_item.item 
1  3 'Structure model' '_audit_author.name'                          
2  3 'Structure model' '_citation_author.name'                       
3  4 'Structure model' '_diffrn_source.type'                         
4  5 'Structure model' '_database_2.pdbx_DOI'                        
5  5 'Structure model' '_database_2.pdbx_database_accession'         
6  5 'Structure model' '_pdbx_database_status.status_code_sf'        
7  5 'Structure model' '_pdbx_struct_conn_angle.ptnr1_auth_comp_id'  
8  5 'Structure model' '_pdbx_struct_conn_angle.ptnr1_auth_seq_id'   
9  5 'Structure model' '_pdbx_struct_conn_angle.ptnr1_label_asym_id' 
10 5 'Structure model' '_pdbx_struct_conn_angle.ptnr1_label_atom_id' 
11 5 'Structure model' '_pdbx_struct_conn_angle.ptnr1_label_comp_id' 
12 5 'Structure model' '_pdbx_struct_conn_angle.ptnr1_label_seq_id'  
13 5 'Structure model' '_pdbx_struct_conn_angle.ptnr1_symmetry'      
14 5 'Structure model' '_pdbx_struct_conn_angle.ptnr2_auth_seq_id'   
15 5 'Structure model' '_pdbx_struct_conn_angle.ptnr2_label_asym_id' 
16 5 'Structure model' '_pdbx_struct_conn_angle.ptnr3_auth_comp_id'  
17 5 'Structure model' '_pdbx_struct_conn_angle.ptnr3_auth_seq_id'   
18 5 'Structure model' '_pdbx_struct_conn_angle.ptnr3_label_asym_id' 
19 5 'Structure model' '_pdbx_struct_conn_angle.ptnr3_label_atom_id' 
20 5 'Structure model' '_pdbx_struct_conn_angle.ptnr3_label_comp_id' 
21 5 'Structure model' '_pdbx_struct_conn_angle.ptnr3_label_seq_id'  
22 5 'Structure model' '_pdbx_struct_conn_angle.ptnr3_symmetry'      
23 5 'Structure model' '_pdbx_struct_conn_angle.value'               
24 5 'Structure model' '_struct_conn.pdbx_dist_value'                
25 5 'Structure model' '_struct_conn.ptnr1_auth_comp_id'             
26 5 'Structure model' '_struct_conn.ptnr1_auth_seq_id'              
27 5 'Structure model' '_struct_conn.ptnr1_label_asym_id'            
28 5 'Structure model' '_struct_conn.ptnr1_label_atom_id'            
29 5 'Structure model' '_struct_conn.ptnr1_label_comp_id'            
30 5 'Structure model' '_struct_conn.ptnr1_label_seq_id'             
31 5 'Structure model' '_struct_conn.ptnr1_symmetry'                 
32 5 'Structure model' '_struct_conn.ptnr2_auth_comp_id'             
33 5 'Structure model' '_struct_conn.ptnr2_auth_seq_id'              
34 5 'Structure model' '_struct_conn.ptnr2_label_asym_id'            
35 5 'Structure model' '_struct_conn.ptnr2_label_atom_id'            
36 5 'Structure model' '_struct_conn.ptnr2_label_comp_id'            
37 5 'Structure model' '_struct_conn.ptnr2_label_seq_id'             
38 5 'Structure model' '_struct_conn.ptnr2_symmetry'                 
# 
_pdbx_refine_tls.pdbx_refine_id   'X-RAY DIFFRACTION' 
_pdbx_refine_tls.id               1 
_pdbx_refine_tls.details          ? 
_pdbx_refine_tls.method           refined 
_pdbx_refine_tls.origin_x         0.1594 
_pdbx_refine_tls.origin_y         -0.2750 
_pdbx_refine_tls.origin_z         0.4629 
_pdbx_refine_tls.T[1][1]          -0.1360 
_pdbx_refine_tls.T[2][2]          -0.1035 
_pdbx_refine_tls.T[3][3]          -0.1174 
_pdbx_refine_tls.T[1][2]          -0.0133 
_pdbx_refine_tls.T[1][3]          -0.0022 
_pdbx_refine_tls.T[2][3]          -0.0086 
_pdbx_refine_tls.L[1][1]          1.1282 
_pdbx_refine_tls.L[2][2]          1.6664 
_pdbx_refine_tls.L[3][3]          1.2978 
_pdbx_refine_tls.L[1][2]          0.1746 
_pdbx_refine_tls.L[1][3]          -0.2663 
_pdbx_refine_tls.L[2][3]          0.2855 
_pdbx_refine_tls.S[1][1]          0.0246 
_pdbx_refine_tls.S[1][2]          -0.0349 
_pdbx_refine_tls.S[1][3]          0.0107 
_pdbx_refine_tls.S[2][1]          -0.0286 
_pdbx_refine_tls.S[2][2]          -0.0160 
_pdbx_refine_tls.S[2][3]          -0.0175 
_pdbx_refine_tls.S[3][1]          -0.0193 
_pdbx_refine_tls.S[3][2]          0.0379 
_pdbx_refine_tls.S[3][3]          -0.0085 
# 
_pdbx_refine_tls_group.pdbx_refine_id      'X-RAY DIFFRACTION' 
_pdbx_refine_tls_group.id                  1 
_pdbx_refine_tls_group.refine_tls_id       1 
_pdbx_refine_tls_group.beg_auth_asym_id    A 
_pdbx_refine_tls_group.beg_auth_seq_id     -1 
_pdbx_refine_tls_group.beg_label_asym_id   ? 
_pdbx_refine_tls_group.beg_label_seq_id    ? 
_pdbx_refine_tls_group.end_auth_asym_id    A 
_pdbx_refine_tls_group.end_auth_seq_id     137 
_pdbx_refine_tls_group.end_label_asym_id   ? 
_pdbx_refine_tls_group.end_label_seq_id    ? 
_pdbx_refine_tls_group.selection           ? 
_pdbx_refine_tls_group.selection_details   ? 
# 
loop_
_software.name 
_software.classification 
_software.version 
_software.citation_id 
_software.pdbx_ordinal 
REFMAC refinement       5.3.0040 ? 1 
MOSFLM 'data reduction' .        ? 2 
SCALA  'data scaling'   .        ? 3 
PHASER phasing          .        ? 4 
# 
_pdbx_validate_torsion.id              1 
_pdbx_validate_torsion.PDB_model_num   1 
_pdbx_validate_torsion.auth_comp_id    SER 
_pdbx_validate_torsion.auth_asym_id    A 
_pdbx_validate_torsion.auth_seq_id     89 
_pdbx_validate_torsion.PDB_ins_code    ? 
_pdbx_validate_torsion.label_alt_id    ? 
_pdbx_validate_torsion.phi             -150.46 
_pdbx_validate_torsion.psi             82.43 
# 
loop_
_pdbx_unobs_or_zero_occ_atoms.id 
_pdbx_unobs_or_zero_occ_atoms.PDB_model_num 
_pdbx_unobs_or_zero_occ_atoms.polymer_flag 
_pdbx_unobs_or_zero_occ_atoms.occupancy_flag 
_pdbx_unobs_or_zero_occ_atoms.auth_asym_id 
_pdbx_unobs_or_zero_occ_atoms.auth_comp_id 
_pdbx_unobs_or_zero_occ_atoms.auth_seq_id 
_pdbx_unobs_or_zero_occ_atoms.PDB_ins_code 
_pdbx_unobs_or_zero_occ_atoms.auth_atom_id 
_pdbx_unobs_or_zero_occ_atoms.label_alt_id 
_pdbx_unobs_or_zero_occ_atoms.label_asym_id 
_pdbx_unobs_or_zero_occ_atoms.label_comp_id 
_pdbx_unobs_or_zero_occ_atoms.label_seq_id 
_pdbx_unobs_or_zero_occ_atoms.label_atom_id 
1 1 Y 1 A ARG 96  ? CD  ? A ARG 93  CD  
2 1 Y 1 A ARG 96  ? NE  ? A ARG 93  NE  
3 1 Y 1 A ARG 96  ? CZ  ? A ARG 93  CZ  
4 1 Y 1 A ARG 96  ? NH1 ? A ARG 93  NH1 
5 1 Y 1 A ARG 96  ? NH2 ? A ARG 93  NH2 
6 1 Y 1 A LYS 126 ? CE  ? A LYS 123 CE  
7 1 Y 1 A LYS 126 ? NZ  ? A LYS 123 NZ  
# 
loop_
_chem_comp_atom.comp_id 
_chem_comp_atom.atom_id 
_chem_comp_atom.type_symbol 
_chem_comp_atom.pdbx_aromatic_flag 
_chem_comp_atom.pdbx_stereo_config 
_chem_comp_atom.pdbx_ordinal 
ALA N    N  N N 1   
ALA CA   C  N S 2   
ALA C    C  N N 3   
ALA O    O  N N 4   
ALA CB   C  N N 5   
ALA OXT  O  N N 6   
ALA H    H  N N 7   
ALA H2   H  N N 8   
ALA HA   H  N N 9   
ALA HB1  H  N N 10  
ALA HB2  H  N N 11  
ALA HB3  H  N N 12  
ALA HXT  H  N N 13  
ARG N    N  N N 14  
ARG CA   C  N S 15  
ARG C    C  N N 16  
ARG O    O  N N 17  
ARG CB   C  N N 18  
ARG CG   C  N N 19  
ARG CD   C  N N 20  
ARG NE   N  N N 21  
ARG CZ   C  N N 22  
ARG NH1  N  N N 23  
ARG NH2  N  N N 24  
ARG OXT  O  N N 25  
ARG H    H  N N 26  
ARG H2   H  N N 27  
ARG HA   H  N N 28  
ARG HB2  H  N N 29  
ARG HB3  H  N N 30  
ARG HG2  H  N N 31  
ARG HG3  H  N N 32  
ARG HD2  H  N N 33  
ARG HD3  H  N N 34  
ARG HE   H  N N 35  
ARG HH11 H  N N 36  
ARG HH12 H  N N 37  
ARG HH21 H  N N 38  
ARG HH22 H  N N 39  
ARG HXT  H  N N 40  
ASN N    N  N N 41  
ASN CA   C  N S 42  
ASN C    C  N N 43  
ASN O    O  N N 44  
ASN CB   C  N N 45  
ASN CG   C  N N 46  
ASN OD1  O  N N 47  
ASN ND2  N  N N 48  
ASN OXT  O  N N 49  
ASN H    H  N N 50  
ASN H2   H  N N 51  
ASN HA   H  N N 52  
ASN HB2  H  N N 53  
ASN HB3  H  N N 54  
ASN HD21 H  N N 55  
ASN HD22 H  N N 56  
ASN HXT  H  N N 57  
ASP N    N  N N 58  
ASP CA   C  N S 59  
ASP C    C  N N 60  
ASP O    O  N N 61  
ASP CB   C  N N 62  
ASP CG   C  N N 63  
ASP OD1  O  N N 64  
ASP OD2  O  N N 65  
ASP OXT  O  N N 66  
ASP H    H  N N 67  
ASP H2   H  N N 68  
ASP HA   H  N N 69  
ASP HB2  H  N N 70  
ASP HB3  H  N N 71  
ASP HD2  H  N N 72  
ASP HXT  H  N N 73  
CYS N    N  N N 74  
CYS CA   C  N R 75  
CYS C    C  N N 76  
CYS O    O  N N 77  
CYS CB   C  N N 78  
CYS SG   S  N N 79  
CYS OXT  O  N N 80  
CYS H    H  N N 81  
CYS H2   H  N N 82  
CYS HA   H  N N 83  
CYS HB2  H  N N 84  
CYS HB3  H  N N 85  
CYS HG   H  N N 86  
CYS HXT  H  N N 87  
EDO C1   C  N N 88  
EDO O1   O  N N 89  
EDO C2   C  N N 90  
EDO O2   O  N N 91  
EDO H11  H  N N 92  
EDO H12  H  N N 93  
EDO HO1  H  N N 94  
EDO H21  H  N N 95  
EDO H22  H  N N 96  
EDO HO2  H  N N 97  
GLN N    N  N N 98  
GLN CA   C  N S 99  
GLN C    C  N N 100 
GLN O    O  N N 101 
GLN CB   C  N N 102 
GLN CG   C  N N 103 
GLN CD   C  N N 104 
GLN OE1  O  N N 105 
GLN NE2  N  N N 106 
GLN OXT  O  N N 107 
GLN H    H  N N 108 
GLN H2   H  N N 109 
GLN HA   H  N N 110 
GLN HB2  H  N N 111 
GLN HB3  H  N N 112 
GLN HG2  H  N N 113 
GLN HG3  H  N N 114 
GLN HE21 H  N N 115 
GLN HE22 H  N N 116 
GLN HXT  H  N N 117 
GLU N    N  N N 118 
GLU CA   C  N S 119 
GLU C    C  N N 120 
GLU O    O  N N 121 
GLU CB   C  N N 122 
GLU CG   C  N N 123 
GLU CD   C  N N 124 
GLU OE1  O  N N 125 
GLU OE2  O  N N 126 
GLU OXT  O  N N 127 
GLU H    H  N N 128 
GLU H2   H  N N 129 
GLU HA   H  N N 130 
GLU HB2  H  N N 131 
GLU HB3  H  N N 132 
GLU HG2  H  N N 133 
GLU HG3  H  N N 134 
GLU HE2  H  N N 135 
GLU HXT  H  N N 136 
GLY N    N  N N 137 
GLY CA   C  N N 138 
GLY C    C  N N 139 
GLY O    O  N N 140 
GLY OXT  O  N N 141 
GLY H    H  N N 142 
GLY H2   H  N N 143 
GLY HA2  H  N N 144 
GLY HA3  H  N N 145 
GLY HXT  H  N N 146 
HIS N    N  N N 147 
HIS CA   C  N S 148 
HIS C    C  N N 149 
HIS O    O  N N 150 
HIS CB   C  N N 151 
HIS CG   C  Y N 152 
HIS ND1  N  Y N 153 
HIS CD2  C  Y N 154 
HIS CE1  C  Y N 155 
HIS NE2  N  Y N 156 
HIS OXT  O  N N 157 
HIS H    H  N N 158 
HIS H2   H  N N 159 
HIS HA   H  N N 160 
HIS HB2  H  N N 161 
HIS HB3  H  N N 162 
HIS HD1  H  N N 163 
HIS HD2  H  N N 164 
HIS HE1  H  N N 165 
HIS HE2  H  N N 166 
HIS HXT  H  N N 167 
HOH O    O  N N 168 
HOH H1   H  N N 169 
HOH H2   H  N N 170 
ILE N    N  N N 171 
ILE CA   C  N S 172 
ILE C    C  N N 173 
ILE O    O  N N 174 
ILE CB   C  N S 175 
ILE CG1  C  N N 176 
ILE CG2  C  N N 177 
ILE CD1  C  N N 178 
ILE OXT  O  N N 179 
ILE H    H  N N 180 
ILE H2   H  N N 181 
ILE HA   H  N N 182 
ILE HB   H  N N 183 
ILE HG12 H  N N 184 
ILE HG13 H  N N 185 
ILE HG21 H  N N 186 
ILE HG22 H  N N 187 
ILE HG23 H  N N 188 
ILE HD11 H  N N 189 
ILE HD12 H  N N 190 
ILE HD13 H  N N 191 
ILE HXT  H  N N 192 
LEU N    N  N N 193 
LEU CA   C  N S 194 
LEU C    C  N N 195 
LEU O    O  N N 196 
LEU CB   C  N N 197 
LEU CG   C  N N 198 
LEU CD1  C  N N 199 
LEU CD2  C  N N 200 
LEU OXT  O  N N 201 
LEU H    H  N N 202 
LEU H2   H  N N 203 
LEU HA   H  N N 204 
LEU HB2  H  N N 205 
LEU HB3  H  N N 206 
LEU HG   H  N N 207 
LEU HD11 H  N N 208 
LEU HD12 H  N N 209 
LEU HD13 H  N N 210 
LEU HD21 H  N N 211 
LEU HD22 H  N N 212 
LEU HD23 H  N N 213 
LEU HXT  H  N N 214 
LYS N    N  N N 215 
LYS CA   C  N S 216 
LYS C    C  N N 217 
LYS O    O  N N 218 
LYS CB   C  N N 219 
LYS CG   C  N N 220 
LYS CD   C  N N 221 
LYS CE   C  N N 222 
LYS NZ   N  N N 223 
LYS OXT  O  N N 224 
LYS H    H  N N 225 
LYS H2   H  N N 226 
LYS HA   H  N N 227 
LYS HB2  H  N N 228 
LYS HB3  H  N N 229 
LYS HG2  H  N N 230 
LYS HG3  H  N N 231 
LYS HD2  H  N N 232 
LYS HD3  H  N N 233 
LYS HE2  H  N N 234 
LYS HE3  H  N N 235 
LYS HZ1  H  N N 236 
LYS HZ2  H  N N 237 
LYS HZ3  H  N N 238 
LYS HXT  H  N N 239 
MET N    N  N N 240 
MET CA   C  N S 241 
MET C    C  N N 242 
MET O    O  N N 243 
MET CB   C  N N 244 
MET CG   C  N N 245 
MET SD   S  N N 246 
MET CE   C  N N 247 
MET OXT  O  N N 248 
MET H    H  N N 249 
MET H2   H  N N 250 
MET HA   H  N N 251 
MET HB2  H  N N 252 
MET HB3  H  N N 253 
MET HG2  H  N N 254 
MET HG3  H  N N 255 
MET HE1  H  N N 256 
MET HE2  H  N N 257 
MET HE3  H  N N 258 
MET HXT  H  N N 259 
PHE N    N  N N 260 
PHE CA   C  N S 261 
PHE C    C  N N 262 
PHE O    O  N N 263 
PHE CB   C  N N 264 
PHE CG   C  Y N 265 
PHE CD1  C  Y N 266 
PHE CD2  C  Y N 267 
PHE CE1  C  Y N 268 
PHE CE2  C  Y N 269 
PHE CZ   C  Y N 270 
PHE OXT  O  N N 271 
PHE H    H  N N 272 
PHE H2   H  N N 273 
PHE HA   H  N N 274 
PHE HB2  H  N N 275 
PHE HB3  H  N N 276 
PHE HD1  H  N N 277 
PHE HD2  H  N N 278 
PHE HE1  H  N N 279 
PHE HE2  H  N N 280 
PHE HZ   H  N N 281 
PHE HXT  H  N N 282 
PRO N    N  N N 283 
PRO CA   C  N S 284 
PRO C    C  N N 285 
PRO O    O  N N 286 
PRO CB   C  N N 287 
PRO CG   C  N N 288 
PRO CD   C  N N 289 
PRO OXT  O  N N 290 
PRO H    H  N N 291 
PRO HA   H  N N 292 
PRO HB2  H  N N 293 
PRO HB3  H  N N 294 
PRO HG2  H  N N 295 
PRO HG3  H  N N 296 
PRO HD2  H  N N 297 
PRO HD3  H  N N 298 
PRO HXT  H  N N 299 
SER N    N  N N 300 
SER CA   C  N S 301 
SER C    C  N N 302 
SER O    O  N N 303 
SER CB   C  N N 304 
SER OG   O  N N 305 
SER OXT  O  N N 306 
SER H    H  N N 307 
SER H2   H  N N 308 
SER HA   H  N N 309 
SER HB2  H  N N 310 
SER HB3  H  N N 311 
SER HG   H  N N 312 
SER HXT  H  N N 313 
THR N    N  N N 314 
THR CA   C  N S 315 
THR C    C  N N 316 
THR O    O  N N 317 
THR CB   C  N R 318 
THR OG1  O  N N 319 
THR CG2  C  N N 320 
THR OXT  O  N N 321 
THR H    H  N N 322 
THR H2   H  N N 323 
THR HA   H  N N 324 
THR HB   H  N N 325 
THR HG1  H  N N 326 
THR HG21 H  N N 327 
THR HG22 H  N N 328 
THR HG23 H  N N 329 
THR HXT  H  N N 330 
TRP N    N  N N 331 
TRP CA   C  N S 332 
TRP C    C  N N 333 
TRP O    O  N N 334 
TRP CB   C  N N 335 
TRP CG   C  Y N 336 
TRP CD1  C  Y N 337 
TRP CD2  C  Y N 338 
TRP NE1  N  Y N 339 
TRP CE2  C  Y N 340 
TRP CE3  C  Y N 341 
TRP CZ2  C  Y N 342 
TRP CZ3  C  Y N 343 
TRP CH2  C  Y N 344 
TRP OXT  O  N N 345 
TRP H    H  N N 346 
TRP H2   H  N N 347 
TRP HA   H  N N 348 
TRP HB2  H  N N 349 
TRP HB3  H  N N 350 
TRP HD1  H  N N 351 
TRP HE1  H  N N 352 
TRP HE3  H  N N 353 
TRP HZ2  H  N N 354 
TRP HZ3  H  N N 355 
TRP HH2  H  N N 356 
TRP HXT  H  N N 357 
TYR N    N  N N 358 
TYR CA   C  N S 359 
TYR C    C  N N 360 
TYR O    O  N N 361 
TYR CB   C  N N 362 
TYR CG   C  Y N 363 
TYR CD1  C  Y N 364 
TYR CD2  C  Y N 365 
TYR CE1  C  Y N 366 
TYR CE2  C  Y N 367 
TYR CZ   C  Y N 368 
TYR OH   O  N N 369 
TYR OXT  O  N N 370 
TYR H    H  N N 371 
TYR H2   H  N N 372 
TYR HA   H  N N 373 
TYR HB2  H  N N 374 
TYR HB3  H  N N 375 
TYR HD1  H  N N 376 
TYR HD2  H  N N 377 
TYR HE1  H  N N 378 
TYR HE2  H  N N 379 
TYR HH   H  N N 380 
TYR HXT  H  N N 381 
VAL N    N  N N 382 
VAL CA   C  N S 383 
VAL C    C  N N 384 
VAL O    O  N N 385 
VAL CB   C  N N 386 
VAL CG1  C  N N 387 
VAL CG2  C  N N 388 
VAL OXT  O  N N 389 
VAL H    H  N N 390 
VAL H2   H  N N 391 
VAL HA   H  N N 392 
VAL HB   H  N N 393 
VAL HG11 H  N N 394 
VAL HG12 H  N N 395 
VAL HG13 H  N N 396 
VAL HG21 H  N N 397 
VAL HG22 H  N N 398 
VAL HG23 H  N N 399 
VAL HXT  H  N N 400 
ZN  ZN   ZN N N 401 
# 
loop_
_chem_comp_bond.comp_id 
_chem_comp_bond.atom_id_1 
_chem_comp_bond.atom_id_2 
_chem_comp_bond.value_order 
_chem_comp_bond.pdbx_aromatic_flag 
_chem_comp_bond.pdbx_stereo_config 
_chem_comp_bond.pdbx_ordinal 
ALA N   CA   sing N N 1   
ALA N   H    sing N N 2   
ALA N   H2   sing N N 3   
ALA CA  C    sing N N 4   
ALA CA  CB   sing N N 5   
ALA CA  HA   sing N N 6   
ALA C   O    doub N N 7   
ALA C   OXT  sing N N 8   
ALA CB  HB1  sing N N 9   
ALA CB  HB2  sing N N 10  
ALA CB  HB3  sing N N 11  
ALA OXT HXT  sing N N 12  
ARG N   CA   sing N N 13  
ARG N   H    sing N N 14  
ARG N   H2   sing N N 15  
ARG CA  C    sing N N 16  
ARG CA  CB   sing N N 17  
ARG CA  HA   sing N N 18  
ARG C   O    doub N N 19  
ARG C   OXT  sing N N 20  
ARG CB  CG   sing N N 21  
ARG CB  HB2  sing N N 22  
ARG CB  HB3  sing N N 23  
ARG CG  CD   sing N N 24  
ARG CG  HG2  sing N N 25  
ARG CG  HG3  sing N N 26  
ARG CD  NE   sing N N 27  
ARG CD  HD2  sing N N 28  
ARG CD  HD3  sing N N 29  
ARG NE  CZ   sing N N 30  
ARG NE  HE   sing N N 31  
ARG CZ  NH1  sing N N 32  
ARG CZ  NH2  doub N N 33  
ARG NH1 HH11 sing N N 34  
ARG NH1 HH12 sing N N 35  
ARG NH2 HH21 sing N N 36  
ARG NH2 HH22 sing N N 37  
ARG OXT HXT  sing N N 38  
ASN N   CA   sing N N 39  
ASN N   H    sing N N 40  
ASN N   H2   sing N N 41  
ASN CA  C    sing N N 42  
ASN CA  CB   sing N N 43  
ASN CA  HA   sing N N 44  
ASN C   O    doub N N 45  
ASN C   OXT  sing N N 46  
ASN CB  CG   sing N N 47  
ASN CB  HB2  sing N N 48  
ASN CB  HB3  sing N N 49  
ASN CG  OD1  doub N N 50  
ASN CG  ND2  sing N N 51  
ASN ND2 HD21 sing N N 52  
ASN ND2 HD22 sing N N 53  
ASN OXT HXT  sing N N 54  
ASP N   CA   sing N N 55  
ASP N   H    sing N N 56  
ASP N   H2   sing N N 57  
ASP CA  C    sing N N 58  
ASP CA  CB   sing N N 59  
ASP CA  HA   sing N N 60  
ASP C   O    doub N N 61  
ASP C   OXT  sing N N 62  
ASP CB  CG   sing N N 63  
ASP CB  HB2  sing N N 64  
ASP CB  HB3  sing N N 65  
ASP CG  OD1  doub N N 66  
ASP CG  OD2  sing N N 67  
ASP OD2 HD2  sing N N 68  
ASP OXT HXT  sing N N 69  
CYS N   CA   sing N N 70  
CYS N   H    sing N N 71  
CYS N   H2   sing N N 72  
CYS CA  C    sing N N 73  
CYS CA  CB   sing N N 74  
CYS CA  HA   sing N N 75  
CYS C   O    doub N N 76  
CYS C   OXT  sing N N 77  
CYS CB  SG   sing N N 78  
CYS CB  HB2  sing N N 79  
CYS CB  HB3  sing N N 80  
CYS SG  HG   sing N N 81  
CYS OXT HXT  sing N N 82  
EDO C1  O1   sing N N 83  
EDO C1  C2   sing N N 84  
EDO C1  H11  sing N N 85  
EDO C1  H12  sing N N 86  
EDO O1  HO1  sing N N 87  
EDO C2  O2   sing N N 88  
EDO C2  H21  sing N N 89  
EDO C2  H22  sing N N 90  
EDO O2  HO2  sing N N 91  
GLN N   CA   sing N N 92  
GLN N   H    sing N N 93  
GLN N   H2   sing N N 94  
GLN CA  C    sing N N 95  
GLN CA  CB   sing N N 96  
GLN CA  HA   sing N N 97  
GLN C   O    doub N N 98  
GLN C   OXT  sing N N 99  
GLN CB  CG   sing N N 100 
GLN CB  HB2  sing N N 101 
GLN CB  HB3  sing N N 102 
GLN CG  CD   sing N N 103 
GLN CG  HG2  sing N N 104 
GLN CG  HG3  sing N N 105 
GLN CD  OE1  doub N N 106 
GLN CD  NE2  sing N N 107 
GLN NE2 HE21 sing N N 108 
GLN NE2 HE22 sing N N 109 
GLN OXT HXT  sing N N 110 
GLU N   CA   sing N N 111 
GLU N   H    sing N N 112 
GLU N   H2   sing N N 113 
GLU CA  C    sing N N 114 
GLU CA  CB   sing N N 115 
GLU CA  HA   sing N N 116 
GLU C   O    doub N N 117 
GLU C   OXT  sing N N 118 
GLU CB  CG   sing N N 119 
GLU CB  HB2  sing N N 120 
GLU CB  HB3  sing N N 121 
GLU CG  CD   sing N N 122 
GLU CG  HG2  sing N N 123 
GLU CG  HG3  sing N N 124 
GLU CD  OE1  doub N N 125 
GLU CD  OE2  sing N N 126 
GLU OE2 HE2  sing N N 127 
GLU OXT HXT  sing N N 128 
GLY N   CA   sing N N 129 
GLY N   H    sing N N 130 
GLY N   H2   sing N N 131 
GLY CA  C    sing N N 132 
GLY CA  HA2  sing N N 133 
GLY CA  HA3  sing N N 134 
GLY C   O    doub N N 135 
GLY C   OXT  sing N N 136 
GLY OXT HXT  sing N N 137 
HIS N   CA   sing N N 138 
HIS N   H    sing N N 139 
HIS N   H2   sing N N 140 
HIS CA  C    sing N N 141 
HIS CA  CB   sing N N 142 
HIS CA  HA   sing N N 143 
HIS C   O    doub N N 144 
HIS C   OXT  sing N N 145 
HIS CB  CG   sing N N 146 
HIS CB  HB2  sing N N 147 
HIS CB  HB3  sing N N 148 
HIS CG  ND1  sing Y N 149 
HIS CG  CD2  doub Y N 150 
HIS ND1 CE1  doub Y N 151 
HIS ND1 HD1  sing N N 152 
HIS CD2 NE2  sing Y N 153 
HIS CD2 HD2  sing N N 154 
HIS CE1 NE2  sing Y N 155 
HIS CE1 HE1  sing N N 156 
HIS NE2 HE2  sing N N 157 
HIS OXT HXT  sing N N 158 
HOH O   H1   sing N N 159 
HOH O   H2   sing N N 160 
ILE N   CA   sing N N 161 
ILE N   H    sing N N 162 
ILE N   H2   sing N N 163 
ILE CA  C    sing N N 164 
ILE CA  CB   sing N N 165 
ILE CA  HA   sing N N 166 
ILE C   O    doub N N 167 
ILE C   OXT  sing N N 168 
ILE CB  CG1  sing N N 169 
ILE CB  CG2  sing N N 170 
ILE CB  HB   sing N N 171 
ILE CG1 CD1  sing N N 172 
ILE CG1 HG12 sing N N 173 
ILE CG1 HG13 sing N N 174 
ILE CG2 HG21 sing N N 175 
ILE CG2 HG22 sing N N 176 
ILE CG2 HG23 sing N N 177 
ILE CD1 HD11 sing N N 178 
ILE CD1 HD12 sing N N 179 
ILE CD1 HD13 sing N N 180 
ILE OXT HXT  sing N N 181 
LEU N   CA   sing N N 182 
LEU N   H    sing N N 183 
LEU N   H2   sing N N 184 
LEU CA  C    sing N N 185 
LEU CA  CB   sing N N 186 
LEU CA  HA   sing N N 187 
LEU C   O    doub N N 188 
LEU C   OXT  sing N N 189 
LEU CB  CG   sing N N 190 
LEU CB  HB2  sing N N 191 
LEU CB  HB3  sing N N 192 
LEU CG  CD1  sing N N 193 
LEU CG  CD2  sing N N 194 
LEU CG  HG   sing N N 195 
LEU CD1 HD11 sing N N 196 
LEU CD1 HD12 sing N N 197 
LEU CD1 HD13 sing N N 198 
LEU CD2 HD21 sing N N 199 
LEU CD2 HD22 sing N N 200 
LEU CD2 HD23 sing N N 201 
LEU OXT HXT  sing N N 202 
LYS N   CA   sing N N 203 
LYS N   H    sing N N 204 
LYS N   H2   sing N N 205 
LYS CA  C    sing N N 206 
LYS CA  CB   sing N N 207 
LYS CA  HA   sing N N 208 
LYS C   O    doub N N 209 
LYS C   OXT  sing N N 210 
LYS CB  CG   sing N N 211 
LYS CB  HB2  sing N N 212 
LYS CB  HB3  sing N N 213 
LYS CG  CD   sing N N 214 
LYS CG  HG2  sing N N 215 
LYS CG  HG3  sing N N 216 
LYS CD  CE   sing N N 217 
LYS CD  HD2  sing N N 218 
LYS CD  HD3  sing N N 219 
LYS CE  NZ   sing N N 220 
LYS CE  HE2  sing N N 221 
LYS CE  HE3  sing N N 222 
LYS NZ  HZ1  sing N N 223 
LYS NZ  HZ2  sing N N 224 
LYS NZ  HZ3  sing N N 225 
LYS OXT HXT  sing N N 226 
MET N   CA   sing N N 227 
MET N   H    sing N N 228 
MET N   H2   sing N N 229 
MET CA  C    sing N N 230 
MET CA  CB   sing N N 231 
MET CA  HA   sing N N 232 
MET C   O    doub N N 233 
MET C   OXT  sing N N 234 
MET CB  CG   sing N N 235 
MET CB  HB2  sing N N 236 
MET CB  HB3  sing N N 237 
MET CG  SD   sing N N 238 
MET CG  HG2  sing N N 239 
MET CG  HG3  sing N N 240 
MET SD  CE   sing N N 241 
MET CE  HE1  sing N N 242 
MET CE  HE2  sing N N 243 
MET CE  HE3  sing N N 244 
MET OXT HXT  sing N N 245 
PHE N   CA   sing N N 246 
PHE N   H    sing N N 247 
PHE N   H2   sing N N 248 
PHE CA  C    sing N N 249 
PHE CA  CB   sing N N 250 
PHE CA  HA   sing N N 251 
PHE C   O    doub N N 252 
PHE C   OXT  sing N N 253 
PHE CB  CG   sing N N 254 
PHE CB  HB2  sing N N 255 
PHE CB  HB3  sing N N 256 
PHE CG  CD1  doub Y N 257 
PHE CG  CD2  sing Y N 258 
PHE CD1 CE1  sing Y N 259 
PHE CD1 HD1  sing N N 260 
PHE CD2 CE2  doub Y N 261 
PHE CD2 HD2  sing N N 262 
PHE CE1 CZ   doub Y N 263 
PHE CE1 HE1  sing N N 264 
PHE CE2 CZ   sing Y N 265 
PHE CE2 HE2  sing N N 266 
PHE CZ  HZ   sing N N 267 
PHE OXT HXT  sing N N 268 
PRO N   CA   sing N N 269 
PRO N   CD   sing N N 270 
PRO N   H    sing N N 271 
PRO CA  C    sing N N 272 
PRO CA  CB   sing N N 273 
PRO CA  HA   sing N N 274 
PRO C   O    doub N N 275 
PRO C   OXT  sing N N 276 
PRO CB  CG   sing N N 277 
PRO CB  HB2  sing N N 278 
PRO CB  HB3  sing N N 279 
PRO CG  CD   sing N N 280 
PRO CG  HG2  sing N N 281 
PRO CG  HG3  sing N N 282 
PRO CD  HD2  sing N N 283 
PRO CD  HD3  sing N N 284 
PRO OXT HXT  sing N N 285 
SER N   CA   sing N N 286 
SER N   H    sing N N 287 
SER N   H2   sing N N 288 
SER CA  C    sing N N 289 
SER CA  CB   sing N N 290 
SER CA  HA   sing N N 291 
SER C   O    doub N N 292 
SER C   OXT  sing N N 293 
SER CB  OG   sing N N 294 
SER CB  HB2  sing N N 295 
SER CB  HB3  sing N N 296 
SER OG  HG   sing N N 297 
SER OXT HXT  sing N N 298 
THR N   CA   sing N N 299 
THR N   H    sing N N 300 
THR N   H2   sing N N 301 
THR CA  C    sing N N 302 
THR CA  CB   sing N N 303 
THR CA  HA   sing N N 304 
THR C   O    doub N N 305 
THR C   OXT  sing N N 306 
THR CB  OG1  sing N N 307 
THR CB  CG2  sing N N 308 
THR CB  HB   sing N N 309 
THR OG1 HG1  sing N N 310 
THR CG2 HG21 sing N N 311 
THR CG2 HG22 sing N N 312 
THR CG2 HG23 sing N N 313 
THR OXT HXT  sing N N 314 
TRP N   CA   sing N N 315 
TRP N   H    sing N N 316 
TRP N   H2   sing N N 317 
TRP CA  C    sing N N 318 
TRP CA  CB   sing N N 319 
TRP CA  HA   sing N N 320 
TRP C   O    doub N N 321 
TRP C   OXT  sing N N 322 
TRP CB  CG   sing N N 323 
TRP CB  HB2  sing N N 324 
TRP CB  HB3  sing N N 325 
TRP CG  CD1  doub Y N 326 
TRP CG  CD2  sing Y N 327 
TRP CD1 NE1  sing Y N 328 
TRP CD1 HD1  sing N N 329 
TRP CD2 CE2  doub Y N 330 
TRP CD2 CE3  sing Y N 331 
TRP NE1 CE2  sing Y N 332 
TRP NE1 HE1  sing N N 333 
TRP CE2 CZ2  sing Y N 334 
TRP CE3 CZ3  doub Y N 335 
TRP CE3 HE3  sing N N 336 
TRP CZ2 CH2  doub Y N 337 
TRP CZ2 HZ2  sing N N 338 
TRP CZ3 CH2  sing Y N 339 
TRP CZ3 HZ3  sing N N 340 
TRP CH2 HH2  sing N N 341 
TRP OXT HXT  sing N N 342 
TYR N   CA   sing N N 343 
TYR N   H    sing N N 344 
TYR N   H2   sing N N 345 
TYR CA  C    sing N N 346 
TYR CA  CB   sing N N 347 
TYR CA  HA   sing N N 348 
TYR C   O    doub N N 349 
TYR C   OXT  sing N N 350 
TYR CB  CG   sing N N 351 
TYR CB  HB2  sing N N 352 
TYR CB  HB3  sing N N 353 
TYR CG  CD1  doub Y N 354 
TYR CG  CD2  sing Y N 355 
TYR CD1 CE1  sing Y N 356 
TYR CD1 HD1  sing N N 357 
TYR CD2 CE2  doub Y N 358 
TYR CD2 HD2  sing N N 359 
TYR CE1 CZ   doub Y N 360 
TYR CE1 HE1  sing N N 361 
TYR CE2 CZ   sing Y N 362 
TYR CE2 HE2  sing N N 363 
TYR CZ  OH   sing N N 364 
TYR OH  HH   sing N N 365 
TYR OXT HXT  sing N N 366 
VAL N   CA   sing N N 367 
VAL N   H    sing N N 368 
VAL N   H2   sing N N 369 
VAL CA  C    sing N N 370 
VAL CA  CB   sing N N 371 
VAL CA  HA   sing N N 372 
VAL C   O    doub N N 373 
VAL C   OXT  sing N N 374 
VAL CB  CG1  sing N N 375 
VAL CB  CG2  sing N N 376 
VAL CB  HB   sing N N 377 
VAL CG1 HG11 sing N N 378 
VAL CG1 HG12 sing N N 379 
VAL CG1 HG13 sing N N 380 
VAL CG2 HG21 sing N N 381 
VAL CG2 HG22 sing N N 382 
VAL CG2 HG23 sing N N 383 
VAL OXT HXT  sing N N 384 
# 
loop_
_pdbx_entity_nonpoly.entity_id 
_pdbx_entity_nonpoly.name 
_pdbx_entity_nonpoly.comp_id 
2 'ZINC ION'     ZN  
3 1,2-ETHANEDIOL EDO 
4 water          HOH 
# 
_pdbx_initial_refinement_model.id               1 
_pdbx_initial_refinement_model.entity_id_list   ? 
_pdbx_initial_refinement_model.type             'experimental model' 
_pdbx_initial_refinement_model.source_name      PDB 
_pdbx_initial_refinement_model.accession_code   1M4J 
_pdbx_initial_refinement_model.details          'PDB ENTRY 1M4J' 
# 
